data_1RSY
# 
_entry.id   1RSY 
# 
_audit_conform.dict_name       mmcif_pdbx.dic 
_audit_conform.dict_version    5.386 
_audit_conform.dict_location   http://mmcif.pdb.org/dictionaries/ascii/mmcif_pdbx.dic 
# 
loop_
_database_2.database_id 
_database_2.database_code 
_database_2.pdbx_database_accession 
_database_2.pdbx_DOI 
PDB   1RSY         pdb_00001rsy 10.2210/pdb1rsy/pdb 
WWPDB D_1000176205 ?            ?                   
# 
loop_
_pdbx_audit_revision_history.ordinal 
_pdbx_audit_revision_history.data_content_type 
_pdbx_audit_revision_history.major_revision 
_pdbx_audit_revision_history.minor_revision 
_pdbx_audit_revision_history.revision_date 
1 'Structure model' 1 0 1995-05-08 
2 'Structure model' 1 1 2008-03-03 
3 'Structure model' 1 2 2011-07-13 
4 'Structure model' 1 3 2024-02-14 
# 
_pdbx_audit_revision_details.ordinal             1 
_pdbx_audit_revision_details.revision_ordinal    1 
_pdbx_audit_revision_details.data_content_type   'Structure model' 
_pdbx_audit_revision_details.provider            repository 
_pdbx_audit_revision_details.type                'Initial release' 
_pdbx_audit_revision_details.description         ? 
_pdbx_audit_revision_details.details             ? 
# 
loop_
_pdbx_audit_revision_group.ordinal 
_pdbx_audit_revision_group.revision_ordinal 
_pdbx_audit_revision_group.data_content_type 
_pdbx_audit_revision_group.group 
1 2 'Structure model' 'Version format compliance' 
2 3 'Structure model' 'Version format compliance' 
3 4 'Structure model' 'Data collection'           
4 4 'Structure model' 'Database references'       
5 4 'Structure model' 'Derived calculations'      
6 4 'Structure model' Other                       
# 
loop_
_pdbx_audit_revision_category.ordinal 
_pdbx_audit_revision_category.revision_ordinal 
_pdbx_audit_revision_category.data_content_type 
_pdbx_audit_revision_category.category 
1 4 'Structure model' chem_comp_atom       
2 4 'Structure model' chem_comp_bond       
3 4 'Structure model' database_2           
4 4 'Structure model' pdbx_database_status 
5 4 'Structure model' struct_ref_seq_dif   
6 4 'Structure model' struct_site          
# 
loop_
_pdbx_audit_revision_item.ordinal 
_pdbx_audit_revision_item.revision_ordinal 
_pdbx_audit_revision_item.data_content_type 
_pdbx_audit_revision_item.item 
1 4 'Structure model' '_database_2.pdbx_DOI'                
2 4 'Structure model' '_database_2.pdbx_database_accession' 
3 4 'Structure model' '_pdbx_database_status.process_site'  
4 4 'Structure model' '_struct_ref_seq_dif.details'         
5 4 'Structure model' '_struct_site.pdbx_auth_asym_id'      
6 4 'Structure model' '_struct_site.pdbx_auth_comp_id'      
7 4 'Structure model' '_struct_site.pdbx_auth_seq_id'       
# 
_pdbx_database_status.status_code                     REL 
_pdbx_database_status.entry_id                        1RSY 
_pdbx_database_status.recvd_initial_deposition_date   1995-02-01 
_pdbx_database_status.deposit_site                    ? 
_pdbx_database_status.process_site                    BNL 
_pdbx_database_status.SG_entry                        . 
_pdbx_database_status.pdb_format_compatible           Y 
_pdbx_database_status.status_code_mr                  ? 
_pdbx_database_status.status_code_sf                  ? 
_pdbx_database_status.status_code_cs                  ? 
_pdbx_database_status.status_code_nmr_data            ? 
_pdbx_database_status.methods_development_category    ? 
# 
loop_
_audit_author.name 
_audit_author.pdbx_ordinal 
'Sutton, R.B.' 1 
'Sprang, S.R.' 2 
# 
loop_
_citation.id 
_citation.title 
_citation.journal_abbrev 
_citation.journal_volume 
_citation.page_first 
_citation.page_last 
_citation.year 
_citation.journal_id_ASTM 
_citation.country 
_citation.journal_id_ISSN 
_citation.journal_id_CSD 
_citation.book_publisher 
_citation.pdbx_database_id_PubMed 
_citation.pdbx_database_id_DOI 
primary 'Structure of the first C2 domain of synaptotagmin I: a novel Ca2+/phospholipid-binding fold.'            
'Cell(Cambridge,Mass.)' 80  929   938 1995 CELLB5 US 0092-8674 0998 ? 7697723 '10.1016/0092-8674(95)90296-1' 
1       'A Single C2 Domain from Synaptotagmin I is Sufficient for High Affinity Ca2+(Slash)Phospholipid Binding' J.Biol.Chem. 268 
26386 ?   1993 JBCHA3 US 0021-9258 0071 ? ?       ?                              
# 
loop_
_citation_author.citation_id 
_citation_author.name 
_citation_author.ordinal 
_citation_author.identifier_ORCID 
primary 'Sutton, R.B.'   1 ? 
primary 'Davletov, B.A.' 2 ? 
primary 'Berghuis, A.M.' 3 ? 
primary 'Sudhof, T.C.'   4 ? 
primary 'Sprang, S.R.'   5 ? 
1       'Davletov, B.A.' 6 ? 
1       'Sudhof, T.C.'   7 ? 
# 
loop_
_entity.id 
_entity.type 
_entity.src_method 
_entity.pdbx_description 
_entity.formula_weight 
_entity.pdbx_number_of_molecules 
_entity.pdbx_ec 
_entity.pdbx_mutation 
_entity.pdbx_fragment 
_entity.details 
1 polymer     man 'SYNAPTOTAGMIN I' 17098.350 1  ? ? ? ? 
2 non-polymer syn 'SULFATE ION'     96.063    1  ? ? ? ? 
3 water       nat water             18.015    80 ? ? ? ? 
# 
_entity_poly.entity_id                      1 
_entity_poly.type                           'polypeptide(L)' 
_entity_poly.nstd_linkage                   no 
_entity_poly.nstd_monomer                   no 
_entity_poly.pdbx_seq_one_letter_code       
;GSPGISGGGGGILDSMVEKEEPKEEEKLGKLQYSLDYDFQNNQLLVGIIQAAELPALDMGGTSDPYVKVFLLPDKKKKFE
TKVHRKTLNPVFNEQFTFKVPYSELGGKTLVMAVYDFDRFSKHDIIGEFKVPMNTVDFGHVTEEWRDLQSAE
;
_entity_poly.pdbx_seq_one_letter_code_can   
;GSPGISGGGGGILDSMVEKEEPKEEEKLGKLQYSLDYDFQNNQLLVGIIQAAELPALDMGGTSDPYVKVFLLPDKKKKFE
TKVHRKTLNPVFNEQFTFKVPYSELGGKTLVMAVYDFDRFSKHDIIGEFKVPMNTVDFGHVTEEWRDLQSAE
;
_entity_poly.pdbx_strand_id                 A 
_entity_poly.pdbx_target_identifier         ? 
# 
loop_
_pdbx_entity_nonpoly.entity_id 
_pdbx_entity_nonpoly.name 
_pdbx_entity_nonpoly.comp_id 
2 'SULFATE ION' SO4 
3 water         HOH 
# 
loop_
_entity_poly_seq.entity_id 
_entity_poly_seq.num 
_entity_poly_seq.mon_id 
_entity_poly_seq.hetero 
1 1   GLY n 
1 2   SER n 
1 3   PRO n 
1 4   GLY n 
1 5   ILE n 
1 6   SER n 
1 7   GLY n 
1 8   GLY n 
1 9   GLY n 
1 10  GLY n 
1 11  GLY n 
1 12  ILE n 
1 13  LEU n 
1 14  ASP n 
1 15  SER n 
1 16  MET n 
1 17  VAL n 
1 18  GLU n 
1 19  LYS n 
1 20  GLU n 
1 21  GLU n 
1 22  PRO n 
1 23  LYS n 
1 24  GLU n 
1 25  GLU n 
1 26  GLU n 
1 27  LYS n 
1 28  LEU n 
1 29  GLY n 
1 30  LYS n 
1 31  LEU n 
1 32  GLN n 
1 33  TYR n 
1 34  SER n 
1 35  LEU n 
1 36  ASP n 
1 37  TYR n 
1 38  ASP n 
1 39  PHE n 
1 40  GLN n 
1 41  ASN n 
1 42  ASN n 
1 43  GLN n 
1 44  LEU n 
1 45  LEU n 
1 46  VAL n 
1 47  GLY n 
1 48  ILE n 
1 49  ILE n 
1 50  GLN n 
1 51  ALA n 
1 52  ALA n 
1 53  GLU n 
1 54  LEU n 
1 55  PRO n 
1 56  ALA n 
1 57  LEU n 
1 58  ASP n 
1 59  MET n 
1 60  GLY n 
1 61  GLY n 
1 62  THR n 
1 63  SER n 
1 64  ASP n 
1 65  PRO n 
1 66  TYR n 
1 67  VAL n 
1 68  LYS n 
1 69  VAL n 
1 70  PHE n 
1 71  LEU n 
1 72  LEU n 
1 73  PRO n 
1 74  ASP n 
1 75  LYS n 
1 76  LYS n 
1 77  LYS n 
1 78  LYS n 
1 79  PHE n 
1 80  GLU n 
1 81  THR n 
1 82  LYS n 
1 83  VAL n 
1 84  HIS n 
1 85  ARG n 
1 86  LYS n 
1 87  THR n 
1 88  LEU n 
1 89  ASN n 
1 90  PRO n 
1 91  VAL n 
1 92  PHE n 
1 93  ASN n 
1 94  GLU n 
1 95  GLN n 
1 96  PHE n 
1 97  THR n 
1 98  PHE n 
1 99  LYS n 
1 100 VAL n 
1 101 PRO n 
1 102 TYR n 
1 103 SER n 
1 104 GLU n 
1 105 LEU n 
1 106 GLY n 
1 107 GLY n 
1 108 LYS n 
1 109 THR n 
1 110 LEU n 
1 111 VAL n 
1 112 MET n 
1 113 ALA n 
1 114 VAL n 
1 115 TYR n 
1 116 ASP n 
1 117 PHE n 
1 118 ASP n 
1 119 ARG n 
1 120 PHE n 
1 121 SER n 
1 122 LYS n 
1 123 HIS n 
1 124 ASP n 
1 125 ILE n 
1 126 ILE n 
1 127 GLY n 
1 128 GLU n 
1 129 PHE n 
1 130 LYS n 
1 131 VAL n 
1 132 PRO n 
1 133 MET n 
1 134 ASN n 
1 135 THR n 
1 136 VAL n 
1 137 ASP n 
1 138 PHE n 
1 139 GLY n 
1 140 HIS n 
1 141 VAL n 
1 142 THR n 
1 143 GLU n 
1 144 GLU n 
1 145 TRP n 
1 146 ARG n 
1 147 ASP n 
1 148 LEU n 
1 149 GLN n 
1 150 SER n 
1 151 ALA n 
1 152 GLU n 
# 
_entity_src_gen.entity_id                          1 
_entity_src_gen.pdbx_src_id                        1 
_entity_src_gen.pdbx_alt_source_flag               sample 
_entity_src_gen.pdbx_seq_type                      ? 
_entity_src_gen.pdbx_beg_seq_num                   ? 
_entity_src_gen.pdbx_end_seq_num                   ? 
_entity_src_gen.gene_src_common_name               'Norway rat' 
_entity_src_gen.gene_src_genus                     Rattus 
_entity_src_gen.pdbx_gene_src_gene                 ? 
_entity_src_gen.gene_src_species                   ? 
_entity_src_gen.gene_src_strain                    ? 
_entity_src_gen.gene_src_tissue                    ? 
_entity_src_gen.gene_src_tissue_fraction           ? 
_entity_src_gen.gene_src_details                   ? 
_entity_src_gen.pdbx_gene_src_fragment             ? 
_entity_src_gen.pdbx_gene_src_scientific_name      'Rattus norvegicus' 
_entity_src_gen.pdbx_gene_src_ncbi_taxonomy_id     10116 
_entity_src_gen.pdbx_gene_src_variant              ? 
_entity_src_gen.pdbx_gene_src_cell_line            ? 
_entity_src_gen.pdbx_gene_src_atcc                 ? 
_entity_src_gen.pdbx_gene_src_organ                ? 
_entity_src_gen.pdbx_gene_src_organelle            ? 
_entity_src_gen.pdbx_gene_src_cell                 ? 
_entity_src_gen.pdbx_gene_src_cellular_location    ? 
_entity_src_gen.host_org_common_name               ? 
_entity_src_gen.pdbx_host_org_scientific_name      'Escherichia coli' 
_entity_src_gen.pdbx_host_org_ncbi_taxonomy_id     562 
_entity_src_gen.host_org_genus                     Escherichia 
_entity_src_gen.pdbx_host_org_gene                 ? 
_entity_src_gen.pdbx_host_org_organ                ? 
_entity_src_gen.host_org_species                   ? 
_entity_src_gen.pdbx_host_org_tissue               ? 
_entity_src_gen.pdbx_host_org_tissue_fraction      ? 
_entity_src_gen.pdbx_host_org_strain               ? 
_entity_src_gen.pdbx_host_org_variant              ? 
_entity_src_gen.pdbx_host_org_cell_line            ? 
_entity_src_gen.pdbx_host_org_atcc                 ? 
_entity_src_gen.pdbx_host_org_culture_collection   ? 
_entity_src_gen.pdbx_host_org_cell                 ? 
_entity_src_gen.pdbx_host_org_organelle            ? 
_entity_src_gen.pdbx_host_org_cellular_location    ? 
_entity_src_gen.pdbx_host_org_vector_type          BACTERIAL 
_entity_src_gen.pdbx_host_org_vector               ? 
_entity_src_gen.host_org_details                   ? 
_entity_src_gen.expression_system_id               ? 
_entity_src_gen.plasmid_name                       PGEX-KG 
_entity_src_gen.plasmid_details                    ? 
_entity_src_gen.pdbx_description                   ? 
# 
loop_
_chem_comp.id 
_chem_comp.type 
_chem_comp.mon_nstd_flag 
_chem_comp.name 
_chem_comp.pdbx_synonyms 
_chem_comp.formula 
_chem_comp.formula_weight 
ALA 'L-peptide linking' y ALANINE         ? 'C3 H7 N O2'     89.093  
ARG 'L-peptide linking' y ARGININE        ? 'C6 H15 N4 O2 1' 175.209 
ASN 'L-peptide linking' y ASPARAGINE      ? 'C4 H8 N2 O3'    132.118 
ASP 'L-peptide linking' y 'ASPARTIC ACID' ? 'C4 H7 N O4'     133.103 
GLN 'L-peptide linking' y GLUTAMINE       ? 'C5 H10 N2 O3'   146.144 
GLU 'L-peptide linking' y 'GLUTAMIC ACID' ? 'C5 H9 N O4'     147.129 
GLY 'peptide linking'   y GLYCINE         ? 'C2 H5 N O2'     75.067  
HIS 'L-peptide linking' y HISTIDINE       ? 'C6 H10 N3 O2 1' 156.162 
HOH non-polymer         . WATER           ? 'H2 O'           18.015  
ILE 'L-peptide linking' y ISOLEUCINE      ? 'C6 H13 N O2'    131.173 
LEU 'L-peptide linking' y LEUCINE         ? 'C6 H13 N O2'    131.173 
LYS 'L-peptide linking' y LYSINE          ? 'C6 H15 N2 O2 1' 147.195 
MET 'L-peptide linking' y METHIONINE      ? 'C5 H11 N O2 S'  149.211 
PHE 'L-peptide linking' y PHENYLALANINE   ? 'C9 H11 N O2'    165.189 
PRO 'L-peptide linking' y PROLINE         ? 'C5 H9 N O2'     115.130 
SER 'L-peptide linking' y SERINE          ? 'C3 H7 N O3'     105.093 
SO4 non-polymer         . 'SULFATE ION'   ? 'O4 S -2'        96.063  
THR 'L-peptide linking' y THREONINE       ? 'C4 H9 N O3'     119.119 
TRP 'L-peptide linking' y TRYPTOPHAN      ? 'C11 H12 N2 O2'  204.225 
TYR 'L-peptide linking' y TYROSINE        ? 'C9 H11 N O3'    181.189 
VAL 'L-peptide linking' y VALINE          ? 'C5 H11 N O2'    117.146 
# 
loop_
_pdbx_poly_seq_scheme.asym_id 
_pdbx_poly_seq_scheme.entity_id 
_pdbx_poly_seq_scheme.seq_id 
_pdbx_poly_seq_scheme.mon_id 
_pdbx_poly_seq_scheme.ndb_seq_num 
_pdbx_poly_seq_scheme.pdb_seq_num 
_pdbx_poly_seq_scheme.auth_seq_num 
_pdbx_poly_seq_scheme.pdb_mon_id 
_pdbx_poly_seq_scheme.auth_mon_id 
_pdbx_poly_seq_scheme.pdb_strand_id 
_pdbx_poly_seq_scheme.pdb_ins_code 
_pdbx_poly_seq_scheme.hetero 
A 1 1   GLY 1   1   ?   ?   ?   A . n 
A 1 2   SER 2   2   ?   ?   ?   A . n 
A 1 3   PRO 3   3   ?   ?   ?   A . n 
A 1 4   GLY 4   4   ?   ?   ?   A . n 
A 1 5   ILE 5   5   ?   ?   ?   A . n 
A 1 6   SER 6   6   ?   ?   ?   A . n 
A 1 7   GLY 7   7   ?   ?   ?   A . n 
A 1 8   GLY 8   8   ?   ?   ?   A . n 
A 1 9   GLY 9   9   9   GLY GLY A F n 
A 1 10  GLY 10  10  10  GLY GLY A F n 
A 1 11  GLY 11  11  11  GLY GLY A F n 
A 1 12  ILE 12  12  12  ILE ILE A F n 
A 1 13  LEU 13  13  13  LEU LEU A F n 
A 1 14  ASP 14  14  14  ASP ASP A F n 
A 1 15  SER 15  15  15  SER SER A F n 
A 1 16  MET 16  16  16  MET MET A F n 
A 1 17  VAL 17  17  17  VAL VAL A F n 
A 1 18  GLU 18  132 ?   ?   ?   A . n 
A 1 19  LYS 19  133 ?   ?   ?   A . n 
A 1 20  GLU 20  134 ?   ?   ?   A . n 
A 1 21  GLU 21  135 ?   ?   ?   A . n 
A 1 22  PRO 22  136 ?   ?   ?   A . n 
A 1 23  LYS 23  137 ?   ?   ?   A . n 
A 1 24  GLU 24  138 ?   ?   ?   A . n 
A 1 25  GLU 25  139 ?   ?   ?   A . n 
A 1 26  GLU 26  140 140 GLU GLU A . n 
A 1 27  LYS 27  141 141 LYS LYS A . n 
A 1 28  LEU 28  142 142 LEU LEU A . n 
A 1 29  GLY 29  143 143 GLY GLY A . n 
A 1 30  LYS 30  144 144 LYS LYS A . n 
A 1 31  LEU 31  145 145 LEU LEU A . n 
A 1 32  GLN 32  146 146 GLN GLN A . n 
A 1 33  TYR 33  147 147 TYR TYR A . n 
A 1 34  SER 34  148 148 SER SER A . n 
A 1 35  LEU 35  149 149 LEU LEU A . n 
A 1 36  ASP 36  150 150 ASP ASP A . n 
A 1 37  TYR 37  151 151 TYR TYR A . n 
A 1 38  ASP 38  152 152 ASP ASP A . n 
A 1 39  PHE 39  153 153 PHE PHE A . n 
A 1 40  GLN 40  154 154 GLN GLN A . n 
A 1 41  ASN 41  155 155 ASN ASN A . n 
A 1 42  ASN 42  156 156 ASN ASN A . n 
A 1 43  GLN 43  157 157 GLN GLN A . n 
A 1 44  LEU 44  158 158 LEU LEU A . n 
A 1 45  LEU 45  159 159 LEU LEU A . n 
A 1 46  VAL 46  160 160 VAL VAL A . n 
A 1 47  GLY 47  161 161 GLY GLY A . n 
A 1 48  ILE 48  162 162 ILE ILE A . n 
A 1 49  ILE 49  163 163 ILE ILE A . n 
A 1 50  GLN 50  164 164 GLN GLN A . n 
A 1 51  ALA 51  165 165 ALA ALA A . n 
A 1 52  ALA 52  166 166 ALA ALA A . n 
A 1 53  GLU 53  167 167 GLU GLU A . n 
A 1 54  LEU 54  168 168 LEU LEU A . n 
A 1 55  PRO 55  169 169 PRO PRO A . n 
A 1 56  ALA 56  170 170 ALA ALA A . n 
A 1 57  LEU 57  171 171 LEU LEU A . n 
A 1 58  ASP 58  172 172 ASP ASP A . n 
A 1 59  MET 59  173 173 MET MET A . n 
A 1 60  GLY 60  174 174 GLY GLY A . n 
A 1 61  GLY 61  175 175 GLY GLY A . n 
A 1 62  THR 62  176 176 THR THR A . n 
A 1 63  SER 63  177 177 SER SER A . n 
A 1 64  ASP 64  178 178 ASP ASP A . n 
A 1 65  PRO 65  179 179 PRO PRO A . n 
A 1 66  TYR 66  180 180 TYR TYR A . n 
A 1 67  VAL 67  181 181 VAL VAL A . n 
A 1 68  LYS 68  182 182 LYS LYS A . n 
A 1 69  VAL 69  183 183 VAL VAL A . n 
A 1 70  PHE 70  184 184 PHE PHE A . n 
A 1 71  LEU 71  185 185 LEU LEU A . n 
A 1 72  LEU 72  186 186 LEU LEU A . n 
A 1 73  PRO 73  187 187 PRO PRO A . n 
A 1 74  ASP 74  188 188 ASP ASP A . n 
A 1 75  LYS 75  189 189 LYS LYS A . n 
A 1 76  LYS 76  190 190 LYS LYS A . n 
A 1 77  LYS 77  191 191 LYS LYS A . n 
A 1 78  LYS 78  192 192 LYS LYS A . n 
A 1 79  PHE 79  193 193 PHE PHE A . n 
A 1 80  GLU 80  194 194 GLU GLU A . n 
A 1 81  THR 81  195 195 THR THR A . n 
A 1 82  LYS 82  196 196 LYS LYS A . n 
A 1 83  VAL 83  197 197 VAL VAL A . n 
A 1 84  HIS 84  198 198 HIS HIS A . n 
A 1 85  ARG 85  199 199 ARG ARG A . n 
A 1 86  LYS 86  200 200 LYS LYS A . n 
A 1 87  THR 87  201 201 THR THR A . n 
A 1 88  LEU 88  202 202 LEU LEU A . n 
A 1 89  ASN 89  203 203 ASN ASN A . n 
A 1 90  PRO 90  204 204 PRO PRO A . n 
A 1 91  VAL 91  205 205 VAL VAL A . n 
A 1 92  PHE 92  206 206 PHE PHE A . n 
A 1 93  ASN 93  207 207 ASN ASN A . n 
A 1 94  GLU 94  208 208 GLU GLU A . n 
A 1 95  GLN 95  209 209 GLN GLN A . n 
A 1 96  PHE 96  210 210 PHE PHE A . n 
A 1 97  THR 97  211 211 THR THR A . n 
A 1 98  PHE 98  212 212 PHE PHE A . n 
A 1 99  LYS 99  213 213 LYS LYS A . n 
A 1 100 VAL 100 214 214 VAL VAL A . n 
A 1 101 PRO 101 215 215 PRO PRO A . n 
A 1 102 TYR 102 216 216 TYR TYR A . n 
A 1 103 SER 103 217 217 SER SER A . n 
A 1 104 GLU 104 218 218 GLU GLU A . n 
A 1 105 LEU 105 219 219 LEU LEU A . n 
A 1 106 GLY 106 220 220 GLY GLY A . n 
A 1 107 GLY 107 221 221 GLY GLY A . n 
A 1 108 LYS 108 222 222 LYS LYS A . n 
A 1 109 THR 109 223 223 THR THR A . n 
A 1 110 LEU 110 224 224 LEU LEU A . n 
A 1 111 VAL 111 225 225 VAL VAL A . n 
A 1 112 MET 112 226 226 MET MET A . n 
A 1 113 ALA 113 227 227 ALA ALA A . n 
A 1 114 VAL 114 228 228 VAL VAL A . n 
A 1 115 TYR 115 229 229 TYR TYR A . n 
A 1 116 ASP 116 230 230 ASP ASP A . n 
A 1 117 PHE 117 231 231 PHE PHE A . n 
A 1 118 ASP 118 232 232 ASP ASP A . n 
A 1 119 ARG 119 233 233 ARG ARG A . n 
A 1 120 PHE 120 234 234 PHE PHE A . n 
A 1 121 SER 121 235 235 SER SER A . n 
A 1 122 LYS 122 236 236 LYS LYS A . n 
A 1 123 HIS 123 237 237 HIS HIS A . n 
A 1 124 ASP 124 238 238 ASP ASP A . n 
A 1 125 ILE 125 239 239 ILE ILE A . n 
A 1 126 ILE 126 240 240 ILE ILE A . n 
A 1 127 GLY 127 241 241 GLY GLY A . n 
A 1 128 GLU 128 242 242 GLU GLU A . n 
A 1 129 PHE 129 243 243 PHE PHE A . n 
A 1 130 LYS 130 244 244 LYS LYS A . n 
A 1 131 VAL 131 245 245 VAL VAL A . n 
A 1 132 PRO 132 246 246 PRO PRO A . n 
A 1 133 MET 133 247 247 MET MET A . n 
A 1 134 ASN 134 248 248 ASN ASN A . n 
A 1 135 THR 135 249 249 THR THR A . n 
A 1 136 VAL 136 250 250 VAL VAL A . n 
A 1 137 ASP 137 251 251 ASP ASP A . n 
A 1 138 PHE 138 252 252 PHE PHE A . n 
A 1 139 GLY 139 253 253 GLY GLY A . n 
A 1 140 HIS 140 254 254 HIS HIS A . n 
A 1 141 VAL 141 255 255 VAL VAL A . n 
A 1 142 THR 142 256 256 THR THR A . n 
A 1 143 GLU 143 257 257 GLU GLU A . n 
A 1 144 GLU 144 258 258 GLU GLU A . n 
A 1 145 TRP 145 259 259 TRP TRP A . n 
A 1 146 ARG 146 260 260 ARG ARG A . n 
A 1 147 ASP 147 261 261 ASP ASP A . n 
A 1 148 LEU 148 262 262 LEU LEU A . n 
A 1 149 GLN 149 263 263 GLN GLN A . n 
A 1 150 SER 150 264 264 SER SER A . n 
A 1 151 ALA 151 265 265 ALA ALA A . n 
A 1 152 GLU 152 266 ?   ?   ?   A . n 
# 
loop_
_pdbx_nonpoly_scheme.asym_id 
_pdbx_nonpoly_scheme.entity_id 
_pdbx_nonpoly_scheme.mon_id 
_pdbx_nonpoly_scheme.ndb_seq_num 
_pdbx_nonpoly_scheme.pdb_seq_num 
_pdbx_nonpoly_scheme.auth_seq_num 
_pdbx_nonpoly_scheme.pdb_mon_id 
_pdbx_nonpoly_scheme.auth_mon_id 
_pdbx_nonpoly_scheme.pdb_strand_id 
_pdbx_nonpoly_scheme.pdb_ins_code 
B 2 SO4 1  271 271 SO4 SO4 A . 
C 3 HOH 1  272 123 HOH HOH A . 
C 3 HOH 2  273 124 HOH HOH A . 
C 3 HOH 3  274 125 HOH HOH A . 
C 3 HOH 4  275 126 HOH HOH A . 
C 3 HOH 5  276 127 HOH HOH A . 
C 3 HOH 6  277 128 HOH HOH A . 
C 3 HOH 7  278 129 HOH HOH A . 
C 3 HOH 8  279 132 HOH HOH A . 
C 3 HOH 9  280 133 HOH HOH A . 
C 3 HOH 10 281 134 HOH HOH A . 
C 3 HOH 11 282 138 HOH HOH A . 
C 3 HOH 12 283 140 HOH HOH A . 
C 3 HOH 13 284 141 HOH HOH A . 
C 3 HOH 14 285 142 HOH HOH A . 
C 3 HOH 15 286 143 HOH HOH A . 
C 3 HOH 16 287 144 HOH HOH A . 
C 3 HOH 17 288 146 HOH HOH A . 
C 3 HOH 18 289 148 HOH HOH A . 
C 3 HOH 19 290 149 HOH HOH A . 
C 3 HOH 20 291 151 HOH HOH A . 
C 3 HOH 21 292 153 HOH HOH A . 
C 3 HOH 22 293 154 HOH HOH A . 
C 3 HOH 23 294 155 HOH HOH A . 
C 3 HOH 24 295 156 HOH HOH A . 
C 3 HOH 25 296 157 HOH HOH A . 
C 3 HOH 26 297 159 HOH HOH A . 
C 3 HOH 27 298 161 HOH HOH A . 
C 3 HOH 28 299 163 HOH HOH A . 
C 3 HOH 29 300 165 HOH HOH A . 
C 3 HOH 30 301 166 HOH HOH A . 
C 3 HOH 31 302 168 HOH HOH A . 
C 3 HOH 32 303 170 HOH HOH A . 
C 3 HOH 33 304 171 HOH HOH A . 
C 3 HOH 34 305 172 HOH HOH A . 
C 3 HOH 35 306 173 HOH HOH A . 
C 3 HOH 36 307 175 HOH HOH A . 
C 3 HOH 37 308 176 HOH HOH A . 
C 3 HOH 38 309 178 HOH HOH A . 
C 3 HOH 39 310 179 HOH HOH A . 
C 3 HOH 40 311 181 HOH HOH A . 
C 3 HOH 41 312 182 HOH HOH A . 
C 3 HOH 42 313 183 HOH HOH A . 
C 3 HOH 43 314 184 HOH HOH A . 
C 3 HOH 44 315 185 HOH HOH A . 
C 3 HOH 45 316 191 HOH HOH A . 
C 3 HOH 46 317 190 HOH HOH A . 
C 3 HOH 47 318 193 HOH HOH A . 
C 3 HOH 48 319 194 HOH HOH A . 
C 3 HOH 49 320 195 HOH HOH A . 
C 3 HOH 50 321 196 HOH HOH A . 
C 3 HOH 51 322 198 HOH HOH A . 
C 3 HOH 52 323 199 HOH HOH A . 
C 3 HOH 53 324 201 HOH HOH A . 
C 3 HOH 54 325 202 HOH HOH A . 
C 3 HOH 55 326 203 HOH HOH A . 
C 3 HOH 56 327 204 HOH HOH A . 
C 3 HOH 57 328 205 HOH HOH A . 
C 3 HOH 58 329 206 HOH HOH A . 
C 3 HOH 59 330 207 HOH HOH A . 
C 3 HOH 60 331 210 HOH HOH A . 
C 3 HOH 61 332 213 HOH HOH A . 
C 3 HOH 62 333 215 HOH HOH A . 
C 3 HOH 63 334 218 HOH HOH A . 
C 3 HOH 64 335 220 HOH HOH A . 
C 3 HOH 65 336 222 HOH HOH A . 
C 3 HOH 66 337 251 HOH HOH A . 
C 3 HOH 67 338 261 HOH HOH A . 
C 3 HOH 68 339 267 HOH HOH A . 
C 3 HOH 69 340 271 HOH HOH A . 
C 3 HOH 70 341 272 HOH HOH A . 
C 3 HOH 71 342 273 HOH HOH A . 
C 3 HOH 72 343 274 HOH HOH A . 
C 3 HOH 73 344 275 HOH HOH A . 
C 3 HOH 74 345 276 HOH HOH A . 
C 3 HOH 75 346 278 HOH HOH A . 
C 3 HOH 76 347 279 HOH HOH A . 
C 3 HOH 77 348 280 HOH HOH A . 
C 3 HOH 78 349 281 HOH HOH A . 
C 3 HOH 79 350 282 HOH HOH A . 
C 3 HOH 80 351 283 HOH HOH A . 
# 
loop_
_pdbx_unobs_or_zero_occ_atoms.id 
_pdbx_unobs_or_zero_occ_atoms.PDB_model_num 
_pdbx_unobs_or_zero_occ_atoms.polymer_flag 
_pdbx_unobs_or_zero_occ_atoms.occupancy_flag 
_pdbx_unobs_or_zero_occ_atoms.auth_asym_id 
_pdbx_unobs_or_zero_occ_atoms.auth_comp_id 
_pdbx_unobs_or_zero_occ_atoms.auth_seq_id 
_pdbx_unobs_or_zero_occ_atoms.PDB_ins_code 
_pdbx_unobs_or_zero_occ_atoms.auth_atom_id 
_pdbx_unobs_or_zero_occ_atoms.label_alt_id 
_pdbx_unobs_or_zero_occ_atoms.label_asym_id 
_pdbx_unobs_or_zero_occ_atoms.label_comp_id 
_pdbx_unobs_or_zero_occ_atoms.label_seq_id 
_pdbx_unobs_or_zero_occ_atoms.label_atom_id 
1  1 Y 1 A LYS 189 ? CG ? A LYS 75 CG 
2  1 Y 1 A LYS 189 ? CD ? A LYS 75 CD 
3  1 Y 1 A LYS 189 ? CE ? A LYS 75 CE 
4  1 Y 1 A LYS 189 ? NZ ? A LYS 75 NZ 
5  1 Y 1 A LYS 190 ? CG ? A LYS 76 CG 
6  1 Y 1 A LYS 190 ? CD ? A LYS 76 CD 
7  1 Y 1 A LYS 190 ? CE ? A LYS 76 CE 
8  1 Y 1 A LYS 190 ? NZ ? A LYS 76 NZ 
9  1 Y 1 A LYS 191 ? CG ? A LYS 77 CG 
10 1 Y 1 A LYS 191 ? CD ? A LYS 77 CD 
11 1 Y 1 A LYS 191 ? CE ? A LYS 77 CE 
12 1 Y 1 A LYS 191 ? NZ ? A LYS 77 NZ 
13 1 Y 1 A LYS 192 ? CG ? A LYS 78 CG 
14 1 Y 1 A LYS 192 ? CD ? A LYS 78 CD 
15 1 Y 1 A LYS 192 ? CE ? A LYS 78 CE 
16 1 Y 1 A LYS 192 ? NZ ? A LYS 78 NZ 
# 
loop_
_software.name 
_software.classification 
_software.version 
_software.citation_id 
_software.pdbx_ordinal 
X-PLOR 'model building' 3.1 ? 1 
X-PLOR refinement       3.1 ? 2 
DENZO  'data reduction' .   ? 3 
X-PLOR phasing          3.1 ? 4 
# 
_cell.entry_id           1RSY 
_cell.length_a           42.300 
_cell.length_b           38.900 
_cell.length_c           44.600 
_cell.angle_alpha        90.00 
_cell.angle_beta         96.90 
_cell.angle_gamma        90.00 
_cell.Z_PDB              2 
_cell.pdbx_unique_axis   ? 
# 
_symmetry.entry_id                         1RSY 
_symmetry.space_group_name_H-M             'P 1 21 1' 
_symmetry.pdbx_full_space_group_name_H-M   ? 
_symmetry.cell_setting                     ? 
_symmetry.Int_Tables_number                4 
# 
_exptl.entry_id          1RSY 
_exptl.method            'X-RAY DIFFRACTION' 
_exptl.crystals_number   ? 
# 
_exptl_crystal.id                    1 
_exptl_crystal.density_meas          ? 
_exptl_crystal.density_Matthews      2.13 
_exptl_crystal.density_percent_sol   42.24 
_exptl_crystal.description           ? 
# 
_diffrn.id                     1 
_diffrn.ambient_temp           ? 
_diffrn.ambient_temp_details   ? 
_diffrn.crystal_id             1 
# 
_diffrn_detector.diffrn_id              1 
_diffrn_detector.detector               'IMAGE PLATE' 
_diffrn_detector.type                   'RIGAKU RAXIS IIC' 
_diffrn_detector.pdbx_collection_date   ? 
_diffrn_detector.details                ? 
# 
_diffrn_radiation.diffrn_id                        1 
_diffrn_radiation.wavelength_id                    1 
_diffrn_radiation.pdbx_monochromatic_or_laue_m_l   M 
_diffrn_radiation.monochromator                    ? 
_diffrn_radiation.pdbx_diffrn_protocol             ? 
_diffrn_radiation.pdbx_scattering_type             x-ray 
# 
_diffrn_radiation_wavelength.id           1 
_diffrn_radiation_wavelength.wavelength   1.5418 
_diffrn_radiation_wavelength.wt           1.0 
# 
_diffrn_source.diffrn_id                   1 
_diffrn_source.source                      ? 
_diffrn_source.type                        ? 
_diffrn_source.pdbx_synchrotron_site       ? 
_diffrn_source.pdbx_synchrotron_beamline   ? 
_diffrn_source.pdbx_wavelength             1.5418 
_diffrn_source.pdbx_wavelength_list        ? 
# 
_reflns.entry_id                     1RSY 
_reflns.observed_criterion_sigma_I   2.0 
_reflns.observed_criterion_sigma_F   ? 
_reflns.d_resolution_low             ? 
_reflns.d_resolution_high            ? 
_reflns.number_obs                   11214 
_reflns.number_all                   ? 
_reflns.percent_possible_obs         95. 
_reflns.pdbx_Rmerge_I_obs            ? 
_reflns.pdbx_Rsym_value              ? 
_reflns.pdbx_netI_over_sigmaI        ? 
_reflns.B_iso_Wilson_estimate        ? 
_reflns.pdbx_redundancy              2.8 
_reflns.pdbx_diffrn_id               1 
_reflns.pdbx_ordinal                 1 
# 
_refine.entry_id                                 1RSY 
_refine.ls_number_reflns_obs                     9851 
_refine.ls_number_reflns_all                     ? 
_refine.pdbx_ls_sigma_I                          ? 
_refine.pdbx_ls_sigma_F                          2.0 
_refine.pdbx_data_cutoff_high_absF               ? 
_refine.pdbx_data_cutoff_low_absF                ? 
_refine.pdbx_data_cutoff_high_rms_absF           ? 
_refine.ls_d_res_low                             6.0 
_refine.ls_d_res_high                            1.9 
_refine.ls_percent_reflns_obs                    90.0 
_refine.ls_R_factor_obs                          0.1860000 
_refine.ls_R_factor_all                          ? 
_refine.ls_R_factor_R_work                       0.1860000 
_refine.ls_R_factor_R_free                       0.2490000 
_refine.ls_R_factor_R_free_error                 ? 
_refine.ls_R_factor_R_free_error_details         ? 
_refine.ls_percent_reflns_R_free                 ? 
_refine.ls_number_reflns_R_free                  ? 
_refine.ls_number_parameters                     ? 
_refine.ls_number_restraints                     ? 
_refine.occupancy_min                            ? 
_refine.occupancy_max                            ? 
_refine.B_iso_mean                               24. 
_refine.aniso_B[1][1]                            ? 
_refine.aniso_B[2][2]                            ? 
_refine.aniso_B[3][3]                            ? 
_refine.aniso_B[1][2]                            ? 
_refine.aniso_B[1][3]                            ? 
_refine.aniso_B[2][3]                            ? 
_refine.solvent_model_details                    ? 
_refine.solvent_model_param_ksol                 ? 
_refine.solvent_model_param_bsol                 ? 
_refine.pdbx_ls_cross_valid_method               ? 
_refine.details                                  ? 
_refine.pdbx_starting_model                      ? 
_refine.pdbx_method_to_determine_struct          ? 
_refine.pdbx_isotropic_thermal_model             ? 
_refine.pdbx_stereochemistry_target_values       ? 
_refine.pdbx_stereochem_target_val_spec_case     ? 
_refine.pdbx_R_Free_selection_details            ? 
_refine.pdbx_overall_ESU_R                       ? 
_refine.pdbx_overall_ESU_R_Free                  ? 
_refine.overall_SU_ML                            ? 
_refine.overall_SU_B                             ? 
_refine.pdbx_refine_id                           'X-RAY DIFFRACTION' 
_refine.pdbx_diffrn_id                           1 
_refine.pdbx_TLS_residual_ADP_flag               ? 
_refine.correlation_coeff_Fo_to_Fc               ? 
_refine.correlation_coeff_Fo_to_Fc_free          ? 
_refine.pdbx_solvent_vdw_probe_radii             ? 
_refine.pdbx_solvent_ion_probe_radii             ? 
_refine.pdbx_solvent_shrinkage_radii             ? 
_refine.pdbx_overall_phase_error                 ? 
_refine.overall_SU_R_Cruickshank_DPI             ? 
_refine.pdbx_overall_SU_R_free_Cruickshank_DPI   ? 
_refine.pdbx_overall_SU_R_Blow_DPI               ? 
_refine.pdbx_overall_SU_R_free_Blow_DPI          ? 
# 
_refine_hist.pdbx_refine_id                   'X-RAY DIFFRACTION' 
_refine_hist.cycle_id                         LAST 
_refine_hist.pdbx_number_atoms_protein        1066 
_refine_hist.pdbx_number_atoms_nucleic_acid   0 
_refine_hist.pdbx_number_atoms_ligand         5 
_refine_hist.number_atoms_solvent             80 
_refine_hist.number_atoms_total               1151 
_refine_hist.d_res_high                       1.9 
_refine_hist.d_res_low                        6.0 
# 
loop_
_refine_ls_restr.type 
_refine_ls_restr.dev_ideal 
_refine_ls_restr.dev_ideal_target 
_refine_ls_restr.weight 
_refine_ls_restr.number 
_refine_ls_restr.pdbx_refine_id 
_refine_ls_restr.pdbx_restraint_function 
x_bond_d                0.010 ? ? ? 'X-RAY DIFFRACTION' ? 
x_bond_d_na             ?     ? ? ? 'X-RAY DIFFRACTION' ? 
x_bond_d_prot           ?     ? ? ? 'X-RAY DIFFRACTION' ? 
x_angle_d               ?     ? ? ? 'X-RAY DIFFRACTION' ? 
x_angle_d_na            ?     ? ? ? 'X-RAY DIFFRACTION' ? 
x_angle_d_prot          ?     ? ? ? 'X-RAY DIFFRACTION' ? 
x_angle_deg             1.58  ? ? ? 'X-RAY DIFFRACTION' ? 
x_angle_deg_na          ?     ? ? ? 'X-RAY DIFFRACTION' ? 
x_angle_deg_prot        ?     ? ? ? 'X-RAY DIFFRACTION' ? 
x_dihedral_angle_d      26.39 ? ? ? 'X-RAY DIFFRACTION' ? 
x_dihedral_angle_d_na   ?     ? ? ? 'X-RAY DIFFRACTION' ? 
x_dihedral_angle_d_prot ?     ? ? ? 'X-RAY DIFFRACTION' ? 
x_improper_angle_d      1.353 ? ? ? 'X-RAY DIFFRACTION' ? 
x_improper_angle_d_na   ?     ? ? ? 'X-RAY DIFFRACTION' ? 
x_improper_angle_d_prot ?     ? ? ? 'X-RAY DIFFRACTION' ? 
x_mcbond_it             ?     ? ? ? 'X-RAY DIFFRACTION' ? 
x_mcangle_it            ?     ? ? ? 'X-RAY DIFFRACTION' ? 
x_scbond_it             ?     ? ? ? 'X-RAY DIFFRACTION' ? 
x_scangle_it            ?     ? ? ? 'X-RAY DIFFRACTION' ? 
# 
_struct.entry_id                  1RSY 
_struct.title                     
'STRUCTURE OF THE FIRST C2-DOMAIN OF SYNAPTOTAGMIN I: A NOVEL CA2+(SLASH)PHOSPHOLIPID BINDING FOLD' 
_struct.pdbx_model_details        ? 
_struct.pdbx_CASP_flag            ? 
_struct.pdbx_model_type_details   ? 
# 
_struct_keywords.entry_id        1RSY 
_struct_keywords.pdbx_keywords   'CALCIUM/PHOSPHOLIPID BINDING PROTEIN' 
_struct_keywords.text            'CALCIUM/PHOSPHOLIPID BINDING PROTEIN, CALCIUM-PHOSPHOLIPID BINDING PROTEIN complex' 
# 
loop_
_struct_asym.id 
_struct_asym.pdbx_blank_PDB_chainid_flag 
_struct_asym.pdbx_modified 
_struct_asym.entity_id 
_struct_asym.details 
A N N 1 ? 
B N N 2 ? 
C N N 3 ? 
# 
_struct_ref.id                         1 
_struct_ref.db_name                    UNP 
_struct_ref.db_code                    SYT1_RAT 
_struct_ref.entity_id                  1 
_struct_ref.pdbx_db_accession          P21707 
_struct_ref.pdbx_align_begin           1 
_struct_ref.pdbx_seq_one_letter_code   
;MVSASHPEALAAPVTTVATLVPHNATEPASPGEGKEDAFSKLKQKFMNELHKIPLPPWALIAIAIVAVLLVVTCCFCVCK
KCLFKKKNKKKGKEKGGKNAINMKDVKDLGKTMKDQALKDDDAETGLTDGEEKEEPKEEEKLGKLQYSLDYDFQNNQLLV
GIIQAAELPALDMGGTSDPYVKVFLLPEKKKKFETKVHRKTLNPVFNEQFTFKVPYSELGGKTLVMAVYDFDRFSKHDII
GEFKVPMNTVDFGHVTEEWRDLQSAEKEEQEKLGDICFSLRYVPTAGKLTVVILEAKNLKKMDVGGLSDPYVKIHLMQNG
KRLKKKKTTIKKNTLNPYYNESFSFEVPFEQIQKVQVVVTVLDYDKIGKNDAIDKVFVGYNSTGAELRHWSDILANPRRP
IAQWHTLQVEEEVDAMLAVKK
;
_struct_ref.pdbx_db_isoform            ? 
# 
_struct_ref_seq.align_id                      1 
_struct_ref_seq.ref_id                        1 
_struct_ref_seq.pdbx_PDB_id_code              1RSY 
_struct_ref_seq.pdbx_strand_id                A 
_struct_ref_seq.seq_align_beg                 18 
_struct_ref_seq.pdbx_seq_align_beg_ins_code   ? 
_struct_ref_seq.seq_align_end                 152 
_struct_ref_seq.pdbx_seq_align_end_ins_code   ? 
_struct_ref_seq.pdbx_db_accession             P21707 
_struct_ref_seq.db_align_beg                  132 
_struct_ref_seq.pdbx_db_align_beg_ins_code    ? 
_struct_ref_seq.db_align_end                  266 
_struct_ref_seq.pdbx_db_align_end_ins_code    ? 
_struct_ref_seq.pdbx_auth_seq_align_beg       132 
_struct_ref_seq.pdbx_auth_seq_align_end       266 
# 
loop_
_struct_ref_seq_dif.align_id 
_struct_ref_seq_dif.pdbx_pdb_id_code 
_struct_ref_seq_dif.mon_id 
_struct_ref_seq_dif.pdbx_pdb_strand_id 
_struct_ref_seq_dif.seq_num 
_struct_ref_seq_dif.pdbx_pdb_ins_code 
_struct_ref_seq_dif.pdbx_seq_db_name 
_struct_ref_seq_dif.pdbx_seq_db_accession_code 
_struct_ref_seq_dif.db_mon_id 
_struct_ref_seq_dif.pdbx_seq_db_seq_num 
_struct_ref_seq_dif.details 
_struct_ref_seq_dif.pdbx_auth_seq_num 
_struct_ref_seq_dif.pdbx_ordinal 
1 1RSY ASP A 14 F UNP P21707 THR 128 conflict 14  1 
1 1RSY SER A 15 F UNP P21707 ASP 129 conflict 15  2 
1 1RSY MET A 16 F UNP P21707 GLY 130 conflict 16  3 
1 1RSY VAL A 17 F UNP P21707 GLU 131 conflict 17  4 
1 1RSY ASP A 74 ? UNP P21707 GLU 188 conflict 188 5 
# 
_pdbx_struct_assembly.id                   1 
_pdbx_struct_assembly.details              author_defined_assembly 
_pdbx_struct_assembly.method_details       ? 
_pdbx_struct_assembly.oligomeric_details   monomeric 
_pdbx_struct_assembly.oligomeric_count     1 
# 
_pdbx_struct_assembly_gen.assembly_id       1 
_pdbx_struct_assembly_gen.oper_expression   1 
_pdbx_struct_assembly_gen.asym_id_list      A,B,C 
# 
_pdbx_struct_oper_list.id                   1 
_pdbx_struct_oper_list.type                 'identity operation' 
_pdbx_struct_oper_list.name                 1_555 
_pdbx_struct_oper_list.symmetry_operation   x,y,z 
_pdbx_struct_oper_list.matrix[1][1]         1.0000000000 
_pdbx_struct_oper_list.matrix[1][2]         0.0000000000 
_pdbx_struct_oper_list.matrix[1][3]         0.0000000000 
_pdbx_struct_oper_list.vector[1]            0.0000000000 
_pdbx_struct_oper_list.matrix[2][1]         0.0000000000 
_pdbx_struct_oper_list.matrix[2][2]         1.0000000000 
_pdbx_struct_oper_list.matrix[2][3]         0.0000000000 
_pdbx_struct_oper_list.vector[2]            0.0000000000 
_pdbx_struct_oper_list.matrix[3][1]         0.0000000000 
_pdbx_struct_oper_list.matrix[3][2]         0.0000000000 
_pdbx_struct_oper_list.matrix[3][3]         1.0000000000 
_pdbx_struct_oper_list.vector[3]            0.0000000000 
# 
_struct_biol.id   1 
# 
loop_
_struct_conf.conf_type_id 
_struct_conf.id 
_struct_conf.pdbx_PDB_helix_id 
_struct_conf.beg_label_comp_id 
_struct_conf.beg_label_asym_id 
_struct_conf.beg_label_seq_id 
_struct_conf.pdbx_beg_PDB_ins_code 
_struct_conf.end_label_comp_id 
_struct_conf.end_label_asym_id 
_struct_conf.end_label_seq_id 
_struct_conf.pdbx_end_PDB_ins_code 
_struct_conf.beg_auth_comp_id 
_struct_conf.beg_auth_asym_id 
_struct_conf.beg_auth_seq_id 
_struct_conf.end_auth_comp_id 
_struct_conf.end_auth_asym_id 
_struct_conf.end_auth_seq_id 
_struct_conf.pdbx_PDB_helix_class 
_struct_conf.details 
_struct_conf.pdbx_PDB_helix_length 
HELX_P HELX_P1 1 GLY A 10  F SER A 15  F GLY A 10  SER A 15  1 ? 6 
HELX_P HELX_P2 2 TYR A 102 ? GLY A 107 ? TYR A 216 GLY A 221 1 ? 6 
HELX_P HELX_P3 3 MET A 133 ? THR A 135 ? MET A 247 THR A 249 5 ? 3 
# 
_struct_conf_type.id          HELX_P 
_struct_conf_type.criteria    ? 
_struct_conf_type.reference   ? 
# 
_struct_mon_prot_cis.pdbx_id                1 
_struct_mon_prot_cis.label_comp_id          LEU 
_struct_mon_prot_cis.label_seq_id           72 
_struct_mon_prot_cis.label_asym_id          A 
_struct_mon_prot_cis.label_alt_id           . 
_struct_mon_prot_cis.pdbx_PDB_ins_code      ? 
_struct_mon_prot_cis.auth_comp_id           LEU 
_struct_mon_prot_cis.auth_seq_id            186 
_struct_mon_prot_cis.auth_asym_id           A 
_struct_mon_prot_cis.pdbx_label_comp_id_2   PRO 
_struct_mon_prot_cis.pdbx_label_seq_id_2    73 
_struct_mon_prot_cis.pdbx_label_asym_id_2   A 
_struct_mon_prot_cis.pdbx_PDB_ins_code_2    ? 
_struct_mon_prot_cis.pdbx_auth_comp_id_2    PRO 
_struct_mon_prot_cis.pdbx_auth_seq_id_2     187 
_struct_mon_prot_cis.pdbx_auth_asym_id_2    A 
_struct_mon_prot_cis.pdbx_PDB_model_num     1 
_struct_mon_prot_cis.pdbx_omega_angle       0.33 
# 
loop_
_struct_sheet.id 
_struct_sheet.type 
_struct_sheet.number_strands 
_struct_sheet.details 
A ? 4 ? 
B ? 3 ? 
# 
loop_
_struct_sheet_order.sheet_id 
_struct_sheet_order.range_id_1 
_struct_sheet_order.range_id_2 
_struct_sheet_order.offset 
_struct_sheet_order.sense 
A 1 2 ? anti-parallel 
A 2 3 ? anti-parallel 
A 3 4 ? anti-parallel 
B 1 2 ? anti-parallel 
B 2 3 ? anti-parallel 
# 
loop_
_struct_sheet_range.sheet_id 
_struct_sheet_range.id 
_struct_sheet_range.beg_label_comp_id 
_struct_sheet_range.beg_label_asym_id 
_struct_sheet_range.beg_label_seq_id 
_struct_sheet_range.pdbx_beg_PDB_ins_code 
_struct_sheet_range.end_label_comp_id 
_struct_sheet_range.end_label_asym_id 
_struct_sheet_range.end_label_seq_id 
_struct_sheet_range.pdbx_end_PDB_ins_code 
_struct_sheet_range.beg_auth_comp_id 
_struct_sheet_range.beg_auth_asym_id 
_struct_sheet_range.beg_auth_seq_id 
_struct_sheet_range.end_auth_comp_id 
_struct_sheet_range.end_auth_asym_id 
_struct_sheet_range.end_auth_seq_id 
A 1 THR A 142 ? ASP A 147 ? THR A 256 ASP A 261 
A 2 LYS A 30  ? ASP A 38  ? LYS A 144 ASP A 152 
A 3 GLN A 43  ? ALA A 52  ? GLN A 157 ALA A 166 
A 4 GLU A 94  ? PHE A 98  ? GLU A 208 PHE A 212 
B 1 PRO A 65  ? LEU A 72  ? PRO A 179 LEU A 186 
B 2 THR A 109 ? ASP A 116 ? THR A 223 ASP A 230 
B 3 ASP A 124 ? PRO A 132 ? ASP A 238 PRO A 246 
# 
loop_
_pdbx_struct_sheet_hbond.sheet_id 
_pdbx_struct_sheet_hbond.range_id_1 
_pdbx_struct_sheet_hbond.range_id_2 
_pdbx_struct_sheet_hbond.range_1_label_atom_id 
_pdbx_struct_sheet_hbond.range_1_label_comp_id 
_pdbx_struct_sheet_hbond.range_1_label_asym_id 
_pdbx_struct_sheet_hbond.range_1_label_seq_id 
_pdbx_struct_sheet_hbond.range_1_PDB_ins_code 
_pdbx_struct_sheet_hbond.range_1_auth_atom_id 
_pdbx_struct_sheet_hbond.range_1_auth_comp_id 
_pdbx_struct_sheet_hbond.range_1_auth_asym_id 
_pdbx_struct_sheet_hbond.range_1_auth_seq_id 
_pdbx_struct_sheet_hbond.range_2_label_atom_id 
_pdbx_struct_sheet_hbond.range_2_label_comp_id 
_pdbx_struct_sheet_hbond.range_2_label_asym_id 
_pdbx_struct_sheet_hbond.range_2_label_seq_id 
_pdbx_struct_sheet_hbond.range_2_PDB_ins_code 
_pdbx_struct_sheet_hbond.range_2_auth_atom_id 
_pdbx_struct_sheet_hbond.range_2_auth_comp_id 
_pdbx_struct_sheet_hbond.range_2_auth_asym_id 
_pdbx_struct_sheet_hbond.range_2_auth_seq_id 
A 1 2 O THR A 142 ? O THR A 256 N LEU A 35  ? N LEU A 149 
A 2 3 O LYS A 30  ? O LYS A 144 N ALA A 52  ? N ALA A 166 
A 3 4 O LEU A 44  ? O LEU A 158 N PHE A 98  ? N PHE A 212 
B 1 2 O TYR A 66  ? O TYR A 180 N TYR A 115 ? N TYR A 229 
B 2 3 O LEU A 110 ? O LEU A 224 N VAL A 131 ? N VAL A 245 
# 
_struct_site.id                   AC1 
_struct_site.pdbx_evidence_code   Software 
_struct_site.pdbx_auth_asym_id    A 
_struct_site.pdbx_auth_comp_id    SO4 
_struct_site.pdbx_auth_seq_id     271 
_struct_site.pdbx_auth_ins_code   ? 
_struct_site.pdbx_num_residues    2 
_struct_site.details              'BINDING SITE FOR RESIDUE SO4 A 271' 
# 
loop_
_struct_site_gen.id 
_struct_site_gen.site_id 
_struct_site_gen.pdbx_num_res 
_struct_site_gen.label_comp_id 
_struct_site_gen.label_asym_id 
_struct_site_gen.label_seq_id 
_struct_site_gen.pdbx_auth_ins_code 
_struct_site_gen.auth_comp_id 
_struct_site_gen.auth_asym_id 
_struct_site_gen.auth_seq_id 
_struct_site_gen.label_atom_id 
_struct_site_gen.label_alt_id 
_struct_site_gen.symmetry 
_struct_site_gen.details 
1 AC1 2 ARG A 85  ? ARG A 199 . ? 1_555 ? 
2 AC1 2 ARG A 119 ? ARG A 233 . ? 1_555 ? 
# 
_pdbx_entry_details.entry_id                 1RSY 
_pdbx_entry_details.compound_details         ? 
_pdbx_entry_details.source_details           ? 
_pdbx_entry_details.nonpolymer_details       
;HET GROUP TRIVIAL NAME: SULFATE
EMPIRICAL FORMULA: SO4
NUMBER OF ATOMS IN GROUP: 5
ADDITIONAL COMMENTS: SULFATE THOUGHT TO MIMIC PHOSPHOLIPID
 BINDING SITE

WATER HOH 154 IS THE SITE OF CALCIUM BINDING.
;
_pdbx_entry_details.sequence_details         ? 
_pdbx_entry_details.has_ligand_of_interest   ? 
# 
loop_
_pdbx_unobs_or_zero_occ_residues.id 
_pdbx_unobs_or_zero_occ_residues.PDB_model_num 
_pdbx_unobs_or_zero_occ_residues.polymer_flag 
_pdbx_unobs_or_zero_occ_residues.occupancy_flag 
_pdbx_unobs_or_zero_occ_residues.auth_asym_id 
_pdbx_unobs_or_zero_occ_residues.auth_comp_id 
_pdbx_unobs_or_zero_occ_residues.auth_seq_id 
_pdbx_unobs_or_zero_occ_residues.PDB_ins_code 
_pdbx_unobs_or_zero_occ_residues.label_asym_id 
_pdbx_unobs_or_zero_occ_residues.label_comp_id 
_pdbx_unobs_or_zero_occ_residues.label_seq_id 
1  1 Y 1 A GLY 1   ? A GLY 1   
2  1 Y 1 A SER 2   ? A SER 2   
3  1 Y 1 A PRO 3   ? A PRO 3   
4  1 Y 1 A GLY 4   ? A GLY 4   
5  1 Y 1 A ILE 5   ? A ILE 5   
6  1 Y 1 A SER 6   ? A SER 6   
7  1 Y 1 A GLY 7   ? A GLY 7   
8  1 Y 1 A GLY 8   ? A GLY 8   
9  1 Y 1 A GLU 132 ? A GLU 18  
10 1 Y 1 A LYS 133 ? A LYS 19  
11 1 Y 1 A GLU 134 ? A GLU 20  
12 1 Y 1 A GLU 135 ? A GLU 21  
13 1 Y 1 A PRO 136 ? A PRO 22  
14 1 Y 1 A LYS 137 ? A LYS 23  
15 1 Y 1 A GLU 138 ? A GLU 24  
16 1 Y 1 A GLU 139 ? A GLU 25  
17 1 Y 0 A MET 173 ? A MET 59  
18 1 Y 0 A GLY 174 ? A GLY 60  
19 1 Y 0 A LYS 189 ? A LYS 75  
20 1 Y 0 A LYS 190 ? A LYS 76  
21 1 Y 0 A LYS 191 ? A LYS 77  
22 1 Y 0 A LYS 192 ? A LYS 78  
23 1 Y 1 A GLU 266 ? A GLU 152 
# 
loop_
_chem_comp_atom.comp_id 
_chem_comp_atom.atom_id 
_chem_comp_atom.type_symbol 
_chem_comp_atom.pdbx_aromatic_flag 
_chem_comp_atom.pdbx_stereo_config 
_chem_comp_atom.pdbx_ordinal 
ALA N    N N N 1   
ALA CA   C N S 2   
ALA C    C N N 3   
ALA O    O N N 4   
ALA CB   C N N 5   
ALA OXT  O N N 6   
ALA H    H N N 7   
ALA H2   H N N 8   
ALA HA   H N N 9   
ALA HB1  H N N 10  
ALA HB2  H N N 11  
ALA HB3  H N N 12  
ALA HXT  H N N 13  
ARG N    N N N 14  
ARG CA   C N S 15  
ARG C    C N N 16  
ARG O    O N N 17  
ARG CB   C N N 18  
ARG CG   C N N 19  
ARG CD   C N N 20  
ARG NE   N N N 21  
ARG CZ   C N N 22  
ARG NH1  N N N 23  
ARG NH2  N N N 24  
ARG OXT  O N N 25  
ARG H    H N N 26  
ARG H2   H N N 27  
ARG HA   H N N 28  
ARG HB2  H N N 29  
ARG HB3  H N N 30  
ARG HG2  H N N 31  
ARG HG3  H N N 32  
ARG HD2  H N N 33  
ARG HD3  H N N 34  
ARG HE   H N N 35  
ARG HH11 H N N 36  
ARG HH12 H N N 37  
ARG HH21 H N N 38  
ARG HH22 H N N 39  
ARG HXT  H N N 40  
ASN N    N N N 41  
ASN CA   C N S 42  
ASN C    C N N 43  
ASN O    O N N 44  
ASN CB   C N N 45  
ASN CG   C N N 46  
ASN OD1  O N N 47  
ASN ND2  N N N 48  
ASN OXT  O N N 49  
ASN H    H N N 50  
ASN H2   H N N 51  
ASN HA   H N N 52  
ASN HB2  H N N 53  
ASN HB3  H N N 54  
ASN HD21 H N N 55  
ASN HD22 H N N 56  
ASN HXT  H N N 57  
ASP N    N N N 58  
ASP CA   C N S 59  
ASP C    C N N 60  
ASP O    O N N 61  
ASP CB   C N N 62  
ASP CG   C N N 63  
ASP OD1  O N N 64  
ASP OD2  O N N 65  
ASP OXT  O N N 66  
ASP H    H N N 67  
ASP H2   H N N 68  
ASP HA   H N N 69  
ASP HB2  H N N 70  
ASP HB3  H N N 71  
ASP HD2  H N N 72  
ASP HXT  H N N 73  
GLN N    N N N 74  
GLN CA   C N S 75  
GLN C    C N N 76  
GLN O    O N N 77  
GLN CB   C N N 78  
GLN CG   C N N 79  
GLN CD   C N N 80  
GLN OE1  O N N 81  
GLN NE2  N N N 82  
GLN OXT  O N N 83  
GLN H    H N N 84  
GLN H2   H N N 85  
GLN HA   H N N 86  
GLN HB2  H N N 87  
GLN HB3  H N N 88  
GLN HG2  H N N 89  
GLN HG3  H N N 90  
GLN HE21 H N N 91  
GLN HE22 H N N 92  
GLN HXT  H N N 93  
GLU N    N N N 94  
GLU CA   C N S 95  
GLU C    C N N 96  
GLU O    O N N 97  
GLU CB   C N N 98  
GLU CG   C N N 99  
GLU CD   C N N 100 
GLU OE1  O N N 101 
GLU OE2  O N N 102 
GLU OXT  O N N 103 
GLU H    H N N 104 
GLU H2   H N N 105 
GLU HA   H N N 106 
GLU HB2  H N N 107 
GLU HB3  H N N 108 
GLU HG2  H N N 109 
GLU HG3  H N N 110 
GLU HE2  H N N 111 
GLU HXT  H N N 112 
GLY N    N N N 113 
GLY CA   C N N 114 
GLY C    C N N 115 
GLY O    O N N 116 
GLY OXT  O N N 117 
GLY H    H N N 118 
GLY H2   H N N 119 
GLY HA2  H N N 120 
GLY HA3  H N N 121 
GLY HXT  H N N 122 
HIS N    N N N 123 
HIS CA   C N S 124 
HIS C    C N N 125 
HIS O    O N N 126 
HIS CB   C N N 127 
HIS CG   C Y N 128 
HIS ND1  N Y N 129 
HIS CD2  C Y N 130 
HIS CE1  C Y N 131 
HIS NE2  N Y N 132 
HIS OXT  O N N 133 
HIS H    H N N 134 
HIS H2   H N N 135 
HIS HA   H N N 136 
HIS HB2  H N N 137 
HIS HB3  H N N 138 
HIS HD1  H N N 139 
HIS HD2  H N N 140 
HIS HE1  H N N 141 
HIS HE2  H N N 142 
HIS HXT  H N N 143 
HOH O    O N N 144 
HOH H1   H N N 145 
HOH H2   H N N 146 
ILE N    N N N 147 
ILE CA   C N S 148 
ILE C    C N N 149 
ILE O    O N N 150 
ILE CB   C N S 151 
ILE CG1  C N N 152 
ILE CG2  C N N 153 
ILE CD1  C N N 154 
ILE OXT  O N N 155 
ILE H    H N N 156 
ILE H2   H N N 157 
ILE HA   H N N 158 
ILE HB   H N N 159 
ILE HG12 H N N 160 
ILE HG13 H N N 161 
ILE HG21 H N N 162 
ILE HG22 H N N 163 
ILE HG23 H N N 164 
ILE HD11 H N N 165 
ILE HD12 H N N 166 
ILE HD13 H N N 167 
ILE HXT  H N N 168 
LEU N    N N N 169 
LEU CA   C N S 170 
LEU C    C N N 171 
LEU O    O N N 172 
LEU CB   C N N 173 
LEU CG   C N N 174 
LEU CD1  C N N 175 
LEU CD2  C N N 176 
LEU OXT  O N N 177 
LEU H    H N N 178 
LEU H2   H N N 179 
LEU HA   H N N 180 
LEU HB2  H N N 181 
LEU HB3  H N N 182 
LEU HG   H N N 183 
LEU HD11 H N N 184 
LEU HD12 H N N 185 
LEU HD13 H N N 186 
LEU HD21 H N N 187 
LEU HD22 H N N 188 
LEU HD23 H N N 189 
LEU HXT  H N N 190 
LYS N    N N N 191 
LYS CA   C N S 192 
LYS C    C N N 193 
LYS O    O N N 194 
LYS CB   C N N 195 
LYS CG   C N N 196 
LYS CD   C N N 197 
LYS CE   C N N 198 
LYS NZ   N N N 199 
LYS OXT  O N N 200 
LYS H    H N N 201 
LYS H2   H N N 202 
LYS HA   H N N 203 
LYS HB2  H N N 204 
LYS HB3  H N N 205 
LYS HG2  H N N 206 
LYS HG3  H N N 207 
LYS HD2  H N N 208 
LYS HD3  H N N 209 
LYS HE2  H N N 210 
LYS HE3  H N N 211 
LYS HZ1  H N N 212 
LYS HZ2  H N N 213 
LYS HZ3  H N N 214 
LYS HXT  H N N 215 
MET N    N N N 216 
MET CA   C N S 217 
MET C    C N N 218 
MET O    O N N 219 
MET CB   C N N 220 
MET CG   C N N 221 
MET SD   S N N 222 
MET CE   C N N 223 
MET OXT  O N N 224 
MET H    H N N 225 
MET H2   H N N 226 
MET HA   H N N 227 
MET HB2  H N N 228 
MET HB3  H N N 229 
MET HG2  H N N 230 
MET HG3  H N N 231 
MET HE1  H N N 232 
MET HE2  H N N 233 
MET HE3  H N N 234 
MET HXT  H N N 235 
PHE N    N N N 236 
PHE CA   C N S 237 
PHE C    C N N 238 
PHE O    O N N 239 
PHE CB   C N N 240 
PHE CG   C Y N 241 
PHE CD1  C Y N 242 
PHE CD2  C Y N 243 
PHE CE1  C Y N 244 
PHE CE2  C Y N 245 
PHE CZ   C Y N 246 
PHE OXT  O N N 247 
PHE H    H N N 248 
PHE H2   H N N 249 
PHE HA   H N N 250 
PHE HB2  H N N 251 
PHE HB3  H N N 252 
PHE HD1  H N N 253 
PHE HD2  H N N 254 
PHE HE1  H N N 255 
PHE HE2  H N N 256 
PHE HZ   H N N 257 
PHE HXT  H N N 258 
PRO N    N N N 259 
PRO CA   C N S 260 
PRO C    C N N 261 
PRO O    O N N 262 
PRO CB   C N N 263 
PRO CG   C N N 264 
PRO CD   C N N 265 
PRO OXT  O N N 266 
PRO H    H N N 267 
PRO HA   H N N 268 
PRO HB2  H N N 269 
PRO HB3  H N N 270 
PRO HG2  H N N 271 
PRO HG3  H N N 272 
PRO HD2  H N N 273 
PRO HD3  H N N 274 
PRO HXT  H N N 275 
SER N    N N N 276 
SER CA   C N S 277 
SER C    C N N 278 
SER O    O N N 279 
SER CB   C N N 280 
SER OG   O N N 281 
SER OXT  O N N 282 
SER H    H N N 283 
SER H2   H N N 284 
SER HA   H N N 285 
SER HB2  H N N 286 
SER HB3  H N N 287 
SER HG   H N N 288 
SER HXT  H N N 289 
SO4 S    S N N 290 
SO4 O1   O N N 291 
SO4 O2   O N N 292 
SO4 O3   O N N 293 
SO4 O4   O N N 294 
THR N    N N N 295 
THR CA   C N S 296 
THR C    C N N 297 
THR O    O N N 298 
THR CB   C N R 299 
THR OG1  O N N 300 
THR CG2  C N N 301 
THR OXT  O N N 302 
THR H    H N N 303 
THR H2   H N N 304 
THR HA   H N N 305 
THR HB   H N N 306 
THR HG1  H N N 307 
THR HG21 H N N 308 
THR HG22 H N N 309 
THR HG23 H N N 310 
THR HXT  H N N 311 
TRP N    N N N 312 
TRP CA   C N S 313 
TRP C    C N N 314 
TRP O    O N N 315 
TRP CB   C N N 316 
TRP CG   C Y N 317 
TRP CD1  C Y N 318 
TRP CD2  C Y N 319 
TRP NE1  N Y N 320 
TRP CE2  C Y N 321 
TRP CE3  C Y N 322 
TRP CZ2  C Y N 323 
TRP CZ3  C Y N 324 
TRP CH2  C Y N 325 
TRP OXT  O N N 326 
TRP H    H N N 327 
TRP H2   H N N 328 
TRP HA   H N N 329 
TRP HB2  H N N 330 
TRP HB3  H N N 331 
TRP HD1  H N N 332 
TRP HE1  H N N 333 
TRP HE3  H N N 334 
TRP HZ2  H N N 335 
TRP HZ3  H N N 336 
TRP HH2  H N N 337 
TRP HXT  H N N 338 
TYR N    N N N 339 
TYR CA   C N S 340 
TYR C    C N N 341 
TYR O    O N N 342 
TYR CB   C N N 343 
TYR CG   C Y N 344 
TYR CD1  C Y N 345 
TYR CD2  C Y N 346 
TYR CE1  C Y N 347 
TYR CE2  C Y N 348 
TYR CZ   C Y N 349 
TYR OH   O N N 350 
TYR OXT  O N N 351 
TYR H    H N N 352 
TYR H2   H N N 353 
TYR HA   H N N 354 
TYR HB2  H N N 355 
TYR HB3  H N N 356 
TYR HD1  H N N 357 
TYR HD2  H N N 358 
TYR HE1  H N N 359 
TYR HE2  H N N 360 
TYR HH   H N N 361 
TYR HXT  H N N 362 
VAL N    N N N 363 
VAL CA   C N S 364 
VAL C    C N N 365 
VAL O    O N N 366 
VAL CB   C N N 367 
VAL CG1  C N N 368 
VAL CG2  C N N 369 
VAL OXT  O N N 370 
VAL H    H N N 371 
VAL H2   H N N 372 
VAL HA   H N N 373 
VAL HB   H N N 374 
VAL HG11 H N N 375 
VAL HG12 H N N 376 
VAL HG13 H N N 377 
VAL HG21 H N N 378 
VAL HG22 H N N 379 
VAL HG23 H N N 380 
VAL HXT  H N N 381 
# 
loop_
_chem_comp_bond.comp_id 
_chem_comp_bond.atom_id_1 
_chem_comp_bond.atom_id_2 
_chem_comp_bond.value_order 
_chem_comp_bond.pdbx_aromatic_flag 
_chem_comp_bond.pdbx_stereo_config 
_chem_comp_bond.pdbx_ordinal 
ALA N   CA   sing N N 1   
ALA N   H    sing N N 2   
ALA N   H2   sing N N 3   
ALA CA  C    sing N N 4   
ALA CA  CB   sing N N 5   
ALA CA  HA   sing N N 6   
ALA C   O    doub N N 7   
ALA C   OXT  sing N N 8   
ALA CB  HB1  sing N N 9   
ALA CB  HB2  sing N N 10  
ALA CB  HB3  sing N N 11  
ALA OXT HXT  sing N N 12  
ARG N   CA   sing N N 13  
ARG N   H    sing N N 14  
ARG N   H2   sing N N 15  
ARG CA  C    sing N N 16  
ARG CA  CB   sing N N 17  
ARG CA  HA   sing N N 18  
ARG C   O    doub N N 19  
ARG C   OXT  sing N N 20  
ARG CB  CG   sing N N 21  
ARG CB  HB2  sing N N 22  
ARG CB  HB3  sing N N 23  
ARG CG  CD   sing N N 24  
ARG CG  HG2  sing N N 25  
ARG CG  HG3  sing N N 26  
ARG CD  NE   sing N N 27  
ARG CD  HD2  sing N N 28  
ARG CD  HD3  sing N N 29  
ARG NE  CZ   sing N N 30  
ARG NE  HE   sing N N 31  
ARG CZ  NH1  sing N N 32  
ARG CZ  NH2  doub N N 33  
ARG NH1 HH11 sing N N 34  
ARG NH1 HH12 sing N N 35  
ARG NH2 HH21 sing N N 36  
ARG NH2 HH22 sing N N 37  
ARG OXT HXT  sing N N 38  
ASN N   CA   sing N N 39  
ASN N   H    sing N N 40  
ASN N   H2   sing N N 41  
ASN CA  C    sing N N 42  
ASN CA  CB   sing N N 43  
ASN CA  HA   sing N N 44  
ASN C   O    doub N N 45  
ASN C   OXT  sing N N 46  
ASN CB  CG   sing N N 47  
ASN CB  HB2  sing N N 48  
ASN CB  HB3  sing N N 49  
ASN CG  OD1  doub N N 50  
ASN CG  ND2  sing N N 51  
ASN ND2 HD21 sing N N 52  
ASN ND2 HD22 sing N N 53  
ASN OXT HXT  sing N N 54  
ASP N   CA   sing N N 55  
ASP N   H    sing N N 56  
ASP N   H2   sing N N 57  
ASP CA  C    sing N N 58  
ASP CA  CB   sing N N 59  
ASP CA  HA   sing N N 60  
ASP C   O    doub N N 61  
ASP C   OXT  sing N N 62  
ASP CB  CG   sing N N 63  
ASP CB  HB2  sing N N 64  
ASP CB  HB3  sing N N 65  
ASP CG  OD1  doub N N 66  
ASP CG  OD2  sing N N 67  
ASP OD2 HD2  sing N N 68  
ASP OXT HXT  sing N N 69  
GLN N   CA   sing N N 70  
GLN N   H    sing N N 71  
GLN N   H2   sing N N 72  
GLN CA  C    sing N N 73  
GLN CA  CB   sing N N 74  
GLN CA  HA   sing N N 75  
GLN C   O    doub N N 76  
GLN C   OXT  sing N N 77  
GLN CB  CG   sing N N 78  
GLN CB  HB2  sing N N 79  
GLN CB  HB3  sing N N 80  
GLN CG  CD   sing N N 81  
GLN CG  HG2  sing N N 82  
GLN CG  HG3  sing N N 83  
GLN CD  OE1  doub N N 84  
GLN CD  NE2  sing N N 85  
GLN NE2 HE21 sing N N 86  
GLN NE2 HE22 sing N N 87  
GLN OXT HXT  sing N N 88  
GLU N   CA   sing N N 89  
GLU N   H    sing N N 90  
GLU N   H2   sing N N 91  
GLU CA  C    sing N N 92  
GLU CA  CB   sing N N 93  
GLU CA  HA   sing N N 94  
GLU C   O    doub N N 95  
GLU C   OXT  sing N N 96  
GLU CB  CG   sing N N 97  
GLU CB  HB2  sing N N 98  
GLU CB  HB3  sing N N 99  
GLU CG  CD   sing N N 100 
GLU CG  HG2  sing N N 101 
GLU CG  HG3  sing N N 102 
GLU CD  OE1  doub N N 103 
GLU CD  OE2  sing N N 104 
GLU OE2 HE2  sing N N 105 
GLU OXT HXT  sing N N 106 
GLY N   CA   sing N N 107 
GLY N   H    sing N N 108 
GLY N   H2   sing N N 109 
GLY CA  C    sing N N 110 
GLY CA  HA2  sing N N 111 
GLY CA  HA3  sing N N 112 
GLY C   O    doub N N 113 
GLY C   OXT  sing N N 114 
GLY OXT HXT  sing N N 115 
HIS N   CA   sing N N 116 
HIS N   H    sing N N 117 
HIS N   H2   sing N N 118 
HIS CA  C    sing N N 119 
HIS CA  CB   sing N N 120 
HIS CA  HA   sing N N 121 
HIS C   O    doub N N 122 
HIS C   OXT  sing N N 123 
HIS CB  CG   sing N N 124 
HIS CB  HB2  sing N N 125 
HIS CB  HB3  sing N N 126 
HIS CG  ND1  sing Y N 127 
HIS CG  CD2  doub Y N 128 
HIS ND1 CE1  doub Y N 129 
HIS ND1 HD1  sing N N 130 
HIS CD2 NE2  sing Y N 131 
HIS CD2 HD2  sing N N 132 
HIS CE1 NE2  sing Y N 133 
HIS CE1 HE1  sing N N 134 
HIS NE2 HE2  sing N N 135 
HIS OXT HXT  sing N N 136 
HOH O   H1   sing N N 137 
HOH O   H2   sing N N 138 
ILE N   CA   sing N N 139 
ILE N   H    sing N N 140 
ILE N   H2   sing N N 141 
ILE CA  C    sing N N 142 
ILE CA  CB   sing N N 143 
ILE CA  HA   sing N N 144 
ILE C   O    doub N N 145 
ILE C   OXT  sing N N 146 
ILE CB  CG1  sing N N 147 
ILE CB  CG2  sing N N 148 
ILE CB  HB   sing N N 149 
ILE CG1 CD1  sing N N 150 
ILE CG1 HG12 sing N N 151 
ILE CG1 HG13 sing N N 152 
ILE CG2 HG21 sing N N 153 
ILE CG2 HG22 sing N N 154 
ILE CG2 HG23 sing N N 155 
ILE CD1 HD11 sing N N 156 
ILE CD1 HD12 sing N N 157 
ILE CD1 HD13 sing N N 158 
ILE OXT HXT  sing N N 159 
LEU N   CA   sing N N 160 
LEU N   H    sing N N 161 
LEU N   H2   sing N N 162 
LEU CA  C    sing N N 163 
LEU CA  CB   sing N N 164 
LEU CA  HA   sing N N 165 
LEU C   O    doub N N 166 
LEU C   OXT  sing N N 167 
LEU CB  CG   sing N N 168 
LEU CB  HB2  sing N N 169 
LEU CB  HB3  sing N N 170 
LEU CG  CD1  sing N N 171 
LEU CG  CD2  sing N N 172 
LEU CG  HG   sing N N 173 
LEU CD1 HD11 sing N N 174 
LEU CD1 HD12 sing N N 175 
LEU CD1 HD13 sing N N 176 
LEU CD2 HD21 sing N N 177 
LEU CD2 HD22 sing N N 178 
LEU CD2 HD23 sing N N 179 
LEU OXT HXT  sing N N 180 
LYS N   CA   sing N N 181 
LYS N   H    sing N N 182 
LYS N   H2   sing N N 183 
LYS CA  C    sing N N 184 
LYS CA  CB   sing N N 185 
LYS CA  HA   sing N N 186 
LYS C   O    doub N N 187 
LYS C   OXT  sing N N 188 
LYS CB  CG   sing N N 189 
LYS CB  HB2  sing N N 190 
LYS CB  HB3  sing N N 191 
LYS CG  CD   sing N N 192 
LYS CG  HG2  sing N N 193 
LYS CG  HG3  sing N N 194 
LYS CD  CE   sing N N 195 
LYS CD  HD2  sing N N 196 
LYS CD  HD3  sing N N 197 
LYS CE  NZ   sing N N 198 
LYS CE  HE2  sing N N 199 
LYS CE  HE3  sing N N 200 
LYS NZ  HZ1  sing N N 201 
LYS NZ  HZ2  sing N N 202 
LYS NZ  HZ3  sing N N 203 
LYS OXT HXT  sing N N 204 
MET N   CA   sing N N 205 
MET N   H    sing N N 206 
MET N   H2   sing N N 207 
MET CA  C    sing N N 208 
MET CA  CB   sing N N 209 
MET CA  HA   sing N N 210 
MET C   O    doub N N 211 
MET C   OXT  sing N N 212 
MET CB  CG   sing N N 213 
MET CB  HB2  sing N N 214 
MET CB  HB3  sing N N 215 
MET CG  SD   sing N N 216 
MET CG  HG2  sing N N 217 
MET CG  HG3  sing N N 218 
MET SD  CE   sing N N 219 
MET CE  HE1  sing N N 220 
MET CE  HE2  sing N N 221 
MET CE  HE3  sing N N 222 
MET OXT HXT  sing N N 223 
PHE N   CA   sing N N 224 
PHE N   H    sing N N 225 
PHE N   H2   sing N N 226 
PHE CA  C    sing N N 227 
PHE CA  CB   sing N N 228 
PHE CA  HA   sing N N 229 
PHE C   O    doub N N 230 
PHE C   OXT  sing N N 231 
PHE CB  CG   sing N N 232 
PHE CB  HB2  sing N N 233 
PHE CB  HB3  sing N N 234 
PHE CG  CD1  doub Y N 235 
PHE CG  CD2  sing Y N 236 
PHE CD1 CE1  sing Y N 237 
PHE CD1 HD1  sing N N 238 
PHE CD2 CE2  doub Y N 239 
PHE CD2 HD2  sing N N 240 
PHE CE1 CZ   doub Y N 241 
PHE CE1 HE1  sing N N 242 
PHE CE2 CZ   sing Y N 243 
PHE CE2 HE2  sing N N 244 
PHE CZ  HZ   sing N N 245 
PHE OXT HXT  sing N N 246 
PRO N   CA   sing N N 247 
PRO N   CD   sing N N 248 
PRO N   H    sing N N 249 
PRO CA  C    sing N N 250 
PRO CA  CB   sing N N 251 
PRO CA  HA   sing N N 252 
PRO C   O    doub N N 253 
PRO C   OXT  sing N N 254 
PRO CB  CG   sing N N 255 
PRO CB  HB2  sing N N 256 
PRO CB  HB3  sing N N 257 
PRO CG  CD   sing N N 258 
PRO CG  HG2  sing N N 259 
PRO CG  HG3  sing N N 260 
PRO CD  HD2  sing N N 261 
PRO CD  HD3  sing N N 262 
PRO OXT HXT  sing N N 263 
SER N   CA   sing N N 264 
SER N   H    sing N N 265 
SER N   H2   sing N N 266 
SER CA  C    sing N N 267 
SER CA  CB   sing N N 268 
SER CA  HA   sing N N 269 
SER C   O    doub N N 270 
SER C   OXT  sing N N 271 
SER CB  OG   sing N N 272 
SER CB  HB2  sing N N 273 
SER CB  HB3  sing N N 274 
SER OG  HG   sing N N 275 
SER OXT HXT  sing N N 276 
SO4 S   O1   doub N N 277 
SO4 S   O2   doub N N 278 
SO4 S   O3   sing N N 279 
SO4 S   O4   sing N N 280 
THR N   CA   sing N N 281 
THR N   H    sing N N 282 
THR N   H2   sing N N 283 
THR CA  C    sing N N 284 
THR CA  CB   sing N N 285 
THR CA  HA   sing N N 286 
THR C   O    doub N N 287 
THR C   OXT  sing N N 288 
THR CB  OG1  sing N N 289 
THR CB  CG2  sing N N 290 
THR CB  HB   sing N N 291 
THR OG1 HG1  sing N N 292 
THR CG2 HG21 sing N N 293 
THR CG2 HG22 sing N N 294 
THR CG2 HG23 sing N N 295 
THR OXT HXT  sing N N 296 
TRP N   CA   sing N N 297 
TRP N   H    sing N N 298 
TRP N   H2   sing N N 299 
TRP CA  C    sing N N 300 
TRP CA  CB   sing N N 301 
TRP CA  HA   sing N N 302 
TRP C   O    doub N N 303 
TRP C   OXT  sing N N 304 
TRP CB  CG   sing N N 305 
TRP CB  HB2  sing N N 306 
TRP CB  HB3  sing N N 307 
TRP CG  CD1  doub Y N 308 
TRP CG  CD2  sing Y N 309 
TRP CD1 NE1  sing Y N 310 
TRP CD1 HD1  sing N N 311 
TRP CD2 CE2  doub Y N 312 
TRP CD2 CE3  sing Y N 313 
TRP NE1 CE2  sing Y N 314 
TRP NE1 HE1  sing N N 315 
TRP CE2 CZ2  sing Y N 316 
TRP CE3 CZ3  doub Y N 317 
TRP CE3 HE3  sing N N 318 
TRP CZ2 CH2  doub Y N 319 
TRP CZ2 HZ2  sing N N 320 
TRP CZ3 CH2  sing Y N 321 
TRP CZ3 HZ3  sing N N 322 
TRP CH2 HH2  sing N N 323 
TRP OXT HXT  sing N N 324 
TYR N   CA   sing N N 325 
TYR N   H    sing N N 326 
TYR N   H2   sing N N 327 
TYR CA  C    sing N N 328 
TYR CA  CB   sing N N 329 
TYR CA  HA   sing N N 330 
TYR C   O    doub N N 331 
TYR C   OXT  sing N N 332 
TYR CB  CG   sing N N 333 
TYR CB  HB2  sing N N 334 
TYR CB  HB3  sing N N 335 
TYR CG  CD1  doub Y N 336 
TYR CG  CD2  sing Y N 337 
TYR CD1 CE1  sing Y N 338 
TYR CD1 HD1  sing N N 339 
TYR CD2 CE2  doub Y N 340 
TYR CD2 HD2  sing N N 341 
TYR CE1 CZ   doub Y N 342 
TYR CE1 HE1  sing N N 343 
TYR CE2 CZ   sing Y N 344 
TYR CE2 HE2  sing N N 345 
TYR CZ  OH   sing N N 346 
TYR OH  HH   sing N N 347 
TYR OXT HXT  sing N N 348 
VAL N   CA   sing N N 349 
VAL N   H    sing N N 350 
VAL N   H2   sing N N 351 
VAL CA  C    sing N N 352 
VAL CA  CB   sing N N 353 
VAL CA  HA   sing N N 354 
VAL C   O    doub N N 355 
VAL C   OXT  sing N N 356 
VAL CB  CG1  sing N N 357 
VAL CB  CG2  sing N N 358 
VAL CB  HB   sing N N 359 
VAL CG1 HG11 sing N N 360 
VAL CG1 HG12 sing N N 361 
VAL CG1 HG13 sing N N 362 
VAL CG2 HG21 sing N N 363 
VAL CG2 HG22 sing N N 364 
VAL CG2 HG23 sing N N 365 
VAL OXT HXT  sing N N 366 
# 
_atom_sites.entry_id                    1RSY 
_atom_sites.fract_transf_matrix[1][1]   -0.01468952 
_atom_sites.fract_transf_matrix[1][2]   0.01852640 
_atom_sites.fract_transf_matrix[1][3]   0.00284128 
_atom_sites.fract_transf_matrix[2][1]   -0.00754649 
_atom_sites.fract_transf_matrix[2][2]   -0.00946185 
_atom_sites.fract_transf_matrix[2][3]   0.02267981 
_atom_sites.fract_transf_matrix[3][1]   0.01470016 
_atom_sites.fract_transf_matrix[3][2]   0.01352778 
_atom_sites.fract_transf_matrix[3][3]   0.01053503 
_atom_sites.fract_transf_vector[1]      0.303365 
_atom_sites.fract_transf_vector[2]      0.378341 
_atom_sites.fract_transf_vector[3]      -0.125946 
# 
_atom_sites_footnote.id     1 
_atom_sites_footnote.text   'CIS PROLINE - PRO     187' 
# 
loop_
_atom_type.symbol 
C 
N 
O 
S 
# 
loop_
_atom_site.group_PDB 
_atom_site.id 
_atom_site.type_symbol 
_atom_site.label_atom_id 
_atom_site.label_alt_id 
_atom_site.label_comp_id 
_atom_site.label_asym_id 
_atom_site.label_entity_id 
_atom_site.label_seq_id 
_atom_site.pdbx_PDB_ins_code 
_atom_site.Cartn_x 
_atom_site.Cartn_y 
_atom_site.Cartn_z 
_atom_site.occupancy 
_atom_site.B_iso_or_equiv 
_atom_site.pdbx_formal_charge 
_atom_site.auth_seq_id 
_atom_site.auth_comp_id 
_atom_site.auth_asym_id 
_atom_site.auth_atom_id 
_atom_site.pdbx_PDB_model_num 
ATOM   1    N N   . GLY A 1 9   F 8.958   16.826  27.185  1.00 34.38 ? 9   GLY A N   1 
ATOM   2    C CA  . GLY A 1 9   F 8.519   17.338  25.854  1.00 34.60 ? 9   GLY A CA  1 
ATOM   3    C C   . GLY A 1 9   F 8.938   16.458  24.686  1.00 34.72 ? 9   GLY A C   1 
ATOM   4    O O   . GLY A 1 9   F 8.081   15.981  23.940  1.00 34.16 ? 9   GLY A O   1 
ATOM   5    N N   . GLY A 1 10  F 10.245  16.190  24.575  1.00 32.43 ? 10  GLY A N   1 
ATOM   6    C CA  . GLY A 1 10  F 10.788  15.373  23.496  1.00 24.92 ? 10  GLY A CA  1 
ATOM   7    C C   . GLY A 1 10  F 10.227  13.969  23.397  1.00 23.21 ? 10  GLY A C   1 
ATOM   8    O O   . GLY A 1 10  F 10.179  13.403  22.305  1.00 21.87 ? 10  GLY A O   1 
ATOM   9    N N   . GLY A 1 11  F 9.831   13.399  24.533  1.00 20.43 ? 11  GLY A N   1 
ATOM   10   C CA  . GLY A 1 11  F 9.260   12.060  24.557  1.00 23.37 ? 11  GLY A CA  1 
ATOM   11   C C   . GLY A 1 11  F 7.936   11.969  23.809  1.00 22.26 ? 11  GLY A C   1 
ATOM   12   O O   . GLY A 1 11  F 7.656   10.981  23.143  1.00 21.88 ? 11  GLY A O   1 
ATOM   13   N N   . ILE A 1 12  F 7.151   13.037  23.887  1.00 20.50 ? 12  ILE A N   1 
ATOM   14   C CA  . ILE A 1 12  F 5.868   13.110  23.202  1.00 19.29 ? 12  ILE A CA  1 
ATOM   15   C C   . ILE A 1 12  F 6.139   13.322  21.711  1.00 18.42 ? 12  ILE A C   1 
ATOM   16   O O   . ILE A 1 12  F 5.520   12.681  20.878  1.00 20.81 ? 12  ILE A O   1 
ATOM   17   C CB  . ILE A 1 12  F 4.968   14.265  23.775  1.00 19.10 ? 12  ILE A CB  1 
ATOM   18   C CG1 . ILE A 1 12  F 4.608   13.971  25.240  1.00 19.24 ? 12  ILE A CG1 1 
ATOM   19   C CG2 . ILE A 1 12  F 3.704   14.444  22.910  1.00 21.18 ? 12  ILE A CG2 1 
ATOM   20   C CD1 . ILE A 1 12  F 4.153   12.535  25.509  1.00 18.08 ? 12  ILE A CD1 1 
ATOM   21   N N   . LEU A 1 13  F 7.072   14.206  21.363  1.00 18.20 ? 13  LEU A N   1 
ATOM   22   C CA  . LEU A 1 13  F 7.393   14.420  19.957  1.00 16.83 ? 13  LEU A CA  1 
ATOM   23   C C   . LEU A 1 13  F 7.875   13.135  19.318  1.00 16.24 ? 13  LEU A C   1 
ATOM   24   O O   . LEU A 1 13  F 7.577   12.854  18.155  1.00 18.14 ? 13  LEU A O   1 
ATOM   25   C CB  . LEU A 1 13  F 8.447   15.500  19.808  1.00 20.24 ? 13  LEU A CB  1 
ATOM   26   C CG  . LEU A 1 13  F 8.041   16.905  20.252  1.00 23.64 ? 13  LEU A CG  1 
ATOM   27   C CD1 . LEU A 1 13  F 9.192   17.867  19.957  1.00 26.18 ? 13  LEU A CD1 1 
ATOM   28   C CD2 . LEU A 1 13  F 6.798   17.344  19.509  1.00 24.97 ? 13  LEU A CD2 1 
ATOM   29   N N   . ASP A 1 14  F 8.579   12.323  20.096  1.00 17.82 ? 14  ASP A N   1 
ATOM   30   C CA  . ASP A 1 14  F 9.106   11.051  19.603  1.00 18.86 ? 14  ASP A CA  1 
ATOM   31   C C   . ASP A 1 14  F 8.018   10.014  19.321  1.00 19.39 ? 14  ASP A C   1 
ATOM   32   O O   . ASP A 1 14  F 8.221   9.109   18.510  1.00 18.72 ? 14  ASP A O   1 
ATOM   33   C CB  . ASP A 1 14  F 10.149  10.481  20.576  1.00 19.90 ? 14  ASP A CB  1 
ATOM   34   C CG  . ASP A 1 14  F 11.000  9.393   19.949  1.00 21.74 ? 14  ASP A CG  1 
ATOM   35   O OD1 . ASP A 1 14  F 11.439  9.537   18.787  1.00 20.56 ? 14  ASP A OD1 1 
ATOM   36   O OD2 . ASP A 1 14  F 11.254  8.382   20.625  1.00 26.16 ? 14  ASP A OD2 1 
ATOM   37   N N   . SER A 1 15  F 6.859   10.158  19.964  1.00 16.14 ? 15  SER A N   1 
ATOM   38   C CA  . SER A 1 15  F 5.762   9.215   19.755  1.00 17.69 ? 15  SER A CA  1 
ATOM   39   C C   . SER A 1 15  F 4.889   9.559   18.539  1.00 15.93 ? 15  SER A C   1 
ATOM   40   O O   . SER A 1 15  F 4.080   8.747   18.122  1.00 16.65 ? 15  SER A O   1 
ATOM   41   C CB  . SER A 1 15  F 4.884   9.142   20.997  1.00 18.80 ? 15  SER A CB  1 
ATOM   42   O OG  . SER A 1 15  F 4.186   10.364  21.180  1.00 22.97 ? 15  SER A OG  1 
ATOM   43   N N   . MET A 1 16  F 5.026   10.777  18.019  1.00 17.28 ? 16  MET A N   1 
ATOM   44   C CA  . MET A 1 16  F 4.256   11.232  16.864  1.00 20.30 ? 16  MET A CA  1 
ATOM   45   C C   . MET A 1 16  F 4.548   10.425  15.609  1.00 19.74 ? 16  MET A C   1 
ATOM   46   O O   . MET A 1 16  F 5.641   9.878   15.432  1.00 20.69 ? 16  MET A O   1 
ATOM   47   C CB  . MET A 1 16  F 4.560   12.696  16.558  1.00 20.47 ? 16  MET A CB  1 
ATOM   48   C CG  . MET A 1 16  F 4.457   13.613  17.733  1.00 29.62 ? 16  MET A CG  1 
ATOM   49   S SD  . MET A 1 16  F 2.794   13.956  18.216  1.00 38.12 ? 16  MET A SD  1 
ATOM   50   C CE  . MET A 1 16  F 2.900   15.717  18.303  1.00 36.34 ? 16  MET A CE  1 
ATOM   51   N N   . VAL A 1 17  F 3.580   10.413  14.701  1.00 20.15 ? 17  VAL A N   1 
ATOM   52   C CA  . VAL A 1 17  F 3.737   9.697   13.447  1.00 19.46 ? 17  VAL A CA  1 
ATOM   53   C C   . VAL A 1 17  F 4.755   10.472  12.598  1.00 18.51 ? 17  VAL A C   1 
ATOM   54   O O   . VAL A 1 17  F 4.635   11.691  12.441  1.00 17.90 ? 17  VAL A O   1 
ATOM   55   C CB  . VAL A 1 17  F 2.360   9.568   12.710  1.00 16.43 ? 17  VAL A CB  1 
ATOM   56   C CG1 . VAL A 1 17  F 2.530   8.969   11.314  1.00 17.21 ? 17  VAL A CG1 1 
ATOM   57   C CG2 . VAL A 1 17  F 1.431   8.677   13.527  1.00 14.49 ? 17  VAL A CG2 1 
ATOM   58   N N   . GLU A 1 26  ? 5.763   9.770   12.083  1.00 19.75 ? 140 GLU A N   1 
ATOM   59   C CA  . GLU A 1 26  ? 6.783   10.404  11.237  1.00 21.60 ? 140 GLU A CA  1 
ATOM   60   C C   . GLU A 1 26  ? 6.242   10.612  9.824   1.00 19.94 ? 140 GLU A C   1 
ATOM   61   O O   . GLU A 1 26  ? 5.470   9.801   9.311   1.00 17.93 ? 140 GLU A O   1 
ATOM   62   C CB  . GLU A 1 26  ? 8.048   9.545   11.193  1.00 20.06 ? 140 GLU A CB  1 
ATOM   63   C CG  . GLU A 1 26  ? 8.735   9.471   12.550  1.00 25.25 ? 140 GLU A CG  1 
ATOM   64   C CD  . GLU A 1 26  ? 9.623   8.253   12.706  1.00 30.82 ? 140 GLU A CD  1 
ATOM   65   O OE1 . GLU A 1 26  ? 9.403   7.253   11.987  1.00 32.21 ? 140 GLU A OE1 1 
ATOM   66   O OE2 . GLU A 1 26  ? 10.539  8.294   13.561  1.00 31.01 ? 140 GLU A OE2 1 
ATOM   67   N N   . LYS A 1 27  ? 6.682   11.687  9.190   1.00 19.08 ? 141 LYS A N   1 
ATOM   68   C CA  . LYS A 1 27  ? 6.255   12.001  7.841   1.00 19.95 ? 141 LYS A CA  1 
ATOM   69   C C   . LYS A 1 27  ? 6.914   11.100  6.806   1.00 17.36 ? 141 LYS A C   1 
ATOM   70   O O   . LYS A 1 27  ? 7.950   11.445  6.241   1.00 20.29 ? 141 LYS A O   1 
ATOM   71   C CB  . LYS A 1 27  ? 6.555   13.465  7.561   1.00 22.64 ? 141 LYS A CB  1 
ATOM   72   C CG  . LYS A 1 27  ? 5.833   14.387  8.510   1.00 30.89 ? 141 LYS A CG  1 
ATOM   73   C CD  . LYS A 1 27  ? 6.110   15.833  8.181   1.00 38.02 ? 141 LYS A CD  1 
ATOM   74   C CE  . LYS A 1 27  ? 5.042   16.724  8.778   1.00 41.59 ? 141 LYS A CE  1 
ATOM   75   N NZ  . LYS A 1 27  ? 3.699   16.293  8.292   1.00 46.40 ? 141 LYS A NZ  1 
ATOM   76   N N   . LEU A 1 28  ? 6.311   9.946   6.553   1.00 13.70 ? 142 LEU A N   1 
ATOM   77   C CA  . LEU A 1 28  ? 6.855   9.010   5.589   1.00 14.03 ? 142 LEU A CA  1 
ATOM   78   C C   . LEU A 1 28  ? 6.089   8.932   4.283   1.00 12.11 ? 142 LEU A C   1 
ATOM   79   O O   . LEU A 1 28  ? 6.253   7.965   3.534   1.00 13.74 ? 142 LEU A O   1 
ATOM   80   C CB  . LEU A 1 28  ? 6.954   7.612   6.201   1.00 15.56 ? 142 LEU A CB  1 
ATOM   81   C CG  . LEU A 1 28  ? 7.721   7.533   7.529   1.00 19.80 ? 142 LEU A CG  1 
ATOM   82   C CD1 . LEU A 1 28  ? 7.829   6.077   7.942   1.00 23.34 ? 142 LEU A CD1 1 
ATOM   83   C CD2 . LEU A 1 28  ? 9.097   8.170   7.419   1.00 21.10 ? 142 LEU A CD2 1 
ATOM   84   N N   . GLY A 1 29  ? 5.300   9.961   3.986   1.00 15.85 ? 143 GLY A N   1 
ATOM   85   C CA  . GLY A 1 29  ? 4.513   9.953   2.763   1.00 16.48 ? 143 GLY A CA  1 
ATOM   86   C C   . GLY A 1 29  ? 3.111   9.366   2.937   1.00 16.18 ? 143 GLY A C   1 
ATOM   87   O O   . GLY A 1 29  ? 2.741   8.837   4.004   1.00 13.25 ? 143 GLY A O   1 
ATOM   88   N N   . LYS A 1 30  ? 2.332   9.420   1.862   1.00 16.85 ? 144 LYS A N   1 
ATOM   89   C CA  . LYS A 1 30  ? 0.947   8.947   1.872   1.00 16.92 ? 144 LYS A CA  1 
ATOM   90   C C   . LYS A 1 30  ? 0.680   8.173   0.606   1.00 17.44 ? 144 LYS A C   1 
ATOM   91   O O   . LYS A 1 30  ? 1.326   8.421   -0.421  1.00 18.03 ? 144 LYS A O   1 
ATOM   92   C CB  . LYS A 1 30  ? 0.001   10.151  1.924   1.00 19.64 ? 144 LYS A CB  1 
ATOM   93   C CG  . LYS A 1 30  ? 0.294   11.085  3.066   1.00 31.54 ? 144 LYS A CG  1 
ATOM   94   C CD  . LYS A 1 30  ? -0.470  12.404  3.022   1.00 40.50 ? 144 LYS A CD  1 
ATOM   95   C CE  . LYS A 1 30  ? -0.065  13.257  4.254   1.00 44.83 ? 144 LYS A CE  1 
ATOM   96   N NZ  . LYS A 1 30  ? -0.663  14.624  4.327   1.00 47.06 ? 144 LYS A NZ  1 
ATOM   97   N N   . LEU A 1 31  ? -0.261  7.236   0.667   1.00 12.57 ? 145 LEU A N   1 
ATOM   98   C CA  . LEU A 1 31  ? -0.614  6.453   -0.490  1.00 13.31 ? 145 LEU A CA  1 
ATOM   99   C C   . LEU A 1 31  ? -2.143  6.549   -0.686  1.00 19.43 ? 145 LEU A C   1 
ATOM   100  O O   . LEU A 1 31  ? -2.913  6.552   0.290   1.00 14.34 ? 145 LEU A O   1 
ATOM   101  C CB  . LEU A 1 31  ? -0.179  4.998   -0.303  1.00 11.79 ? 145 LEU A CB  1 
ATOM   102  C CG  . LEU A 1 31  ? -0.423  4.023   -1.463  1.00 14.59 ? 145 LEU A CG  1 
ATOM   103  C CD1 . LEU A 1 31  ? 0.574   4.245   -2.554  1.00 15.06 ? 145 LEU A CD1 1 
ATOM   104  C CD2 . LEU A 1 31  ? -0.333  2.594   -0.996  1.00 17.47 ? 145 LEU A CD2 1 
ATOM   105  N N   . GLN A 1 32  ? -2.578  6.709   -1.934  1.00 16.57 ? 146 GLN A N   1 
ATOM   106  C CA  . GLN A 1 32  ? -4.013  6.758   -2.208  1.00 16.49 ? 146 GLN A CA  1 
ATOM   107  C C   . GLN A 1 32  ? -4.395  5.438   -2.842  1.00 14.89 ? 146 GLN A C   1 
ATOM   108  O O   . GLN A 1 32  ? -3.720  4.963   -3.760  1.00 16.25 ? 146 GLN A O   1 
ATOM   109  C CB  . GLN A 1 32  ? -4.375  7.909   -3.150  1.00 17.56 ? 146 GLN A CB  1 
ATOM   110  C CG  . GLN A 1 32  ? -5.895  8.096   -3.291  1.00 17.06 ? 146 GLN A CG  1 
ATOM   111  C CD  . GLN A 1 32  ? -6.254  9.223   -4.217  1.00 20.68 ? 146 GLN A CD  1 
ATOM   112  O OE1 . GLN A 1 32  ? -5.549  9.498   -5.192  1.00 19.39 ? 146 GLN A OE1 1 
ATOM   113  N NE2 . GLN A 1 32  ? -7.341  9.908   -3.908  1.00 21.98 ? 146 GLN A NE2 1 
ATOM   114  N N   . TYR A 1 33  ? -5.453  4.814   -2.334  1.00 12.45 ? 147 TYR A N   1 
ATOM   115  C CA  . TYR A 1 33  ? -5.899  3.553   -2.892  1.00 12.33 ? 147 TYR A CA  1 
ATOM   116  C C   . TYR A 1 33  ? -7.433  3.485   -2.965  1.00 11.66 ? 147 TYR A C   1 
ATOM   117  O O   . TYR A 1 33  ? -8.137  4.311   -2.381  1.00 12.67 ? 147 TYR A O   1 
ATOM   118  C CB  . TYR A 1 33  ? -5.353  2.380   -2.075  1.00 12.49 ? 147 TYR A CB  1 
ATOM   119  C CG  . TYR A 1 33  ? -6.032  2.234   -0.753  1.00 13.77 ? 147 TYR A CG  1 
ATOM   120  C CD1 . TYR A 1 33  ? -5.721  3.086   0.314   1.00 16.56 ? 147 TYR A CD1 1 
ATOM   121  C CD2 . TYR A 1 33  ? -7.049  1.293   -0.580  1.00 18.15 ? 147 TYR A CD2 1 
ATOM   122  C CE1 . TYR A 1 33  ? -6.414  3.012   1.518   1.00 19.55 ? 147 TYR A CE1 1 
ATOM   123  C CE2 . TYR A 1 33  ? -7.745  1.211   0.614   1.00 21.43 ? 147 TYR A CE2 1 
ATOM   124  C CZ  . TYR A 1 33  ? -7.437  2.075   1.655   1.00 22.84 ? 147 TYR A CZ  1 
ATOM   125  O OH  . TYR A 1 33  ? -8.207  2.046   2.797   1.00 26.52 ? 147 TYR A OH  1 
ATOM   126  N N   . SER A 1 34  ? -7.936  2.515   -3.708  1.00 13.43 ? 148 SER A N   1 
ATOM   127  C CA  . SER A 1 34  ? -9.382  2.335   -3.816  1.00 16.21 ? 148 SER A CA  1 
ATOM   128  C C   . SER A 1 34  ? -9.647  0.852   -3.606  1.00 16.90 ? 148 SER A C   1 
ATOM   129  O O   . SER A 1 34  ? -8.771  0.002   -3.846  1.00 17.10 ? 148 SER A O   1 
ATOM   130  C CB  . SER A 1 34  ? -9.920  2.843   -5.165  1.00 11.64 ? 148 SER A CB  1 
ATOM   131  O OG  . SER A 1 34  ? -9.367  2.140   -6.268  1.00 17.27 ? 148 SER A OG  1 
ATOM   132  N N   . LEU A 1 35  ? -10.842 0.532   -3.138  1.00 17.56 ? 149 LEU A N   1 
ATOM   133  C CA  . LEU A 1 35  ? -11.183 -0.844  -2.867  1.00 18.24 ? 149 LEU A CA  1 
ATOM   134  C C   . LEU A 1 35  ? -12.669 -1.079  -3.175  1.00 21.39 ? 149 LEU A C   1 
ATOM   135  O O   . LEU A 1 35  ? -13.520 -0.223  -2.911  1.00 21.25 ? 149 LEU A O   1 
ATOM   136  C CB  . LEU A 1 35  ? -10.914 -1.090  -1.387  1.00 20.22 ? 149 LEU A CB  1 
ATOM   137  C CG  . LEU A 1 35  ? -10.563 -2.464  -0.863  1.00 28.31 ? 149 LEU A CG  1 
ATOM   138  C CD1 . LEU A 1 35  ? -9.314  -2.962  -1.563  1.00 31.84 ? 149 LEU A CD1 1 
ATOM   139  C CD2 . LEU A 1 35  ? -10.296 -2.342  0.621   1.00 30.83 ? 149 LEU A CD2 1 
ATOM   140  N N   . ASP A 1 36  ? -12.982 -2.234  -3.737  1.00 21.79 ? 150 ASP A N   1 
ATOM   141  C CA  . ASP A 1 36  ? -14.367 -2.552  -4.036  1.00 24.15 ? 150 ASP A CA  1 
ATOM   142  C C   . ASP A 1 36  ? -14.463 -4.044  -4.147  1.00 23.28 ? 150 ASP A C   1 
ATOM   143  O O   . ASP A 1 36  ? -13.575 -4.678  -4.697  1.00 27.24 ? 150 ASP A O   1 
ATOM   144  C CB  . ASP A 1 36  ? -14.789 -1.922  -5.373  1.00 26.18 ? 150 ASP A CB  1 
ATOM   145  C CG  . ASP A 1 36  ? -16.311 -2.028  -5.640  1.00 30.99 ? 150 ASP A CG  1 
ATOM   146  O OD1 . ASP A 1 36  ? -17.115 -2.022  -4.683  1.00 28.24 ? 150 ASP A OD1 1 
ATOM   147  O OD2 . ASP A 1 36  ? -16.701 -2.108  -6.823  1.00 33.64 ? 150 ASP A OD2 1 
ATOM   148  N N   . TYR A 1 37  ? -15.500 -4.624  -3.565  1.00 21.88 ? 151 TYR A N   1 
ATOM   149  C CA  . TYR A 1 37  ? -15.668 -6.053  -3.697  1.00 19.71 ? 151 TYR A CA  1 
ATOM   150  C C   . TYR A 1 37  ? -16.686 -6.257  -4.813  1.00 22.30 ? 151 TYR A C   1 
ATOM   151  O O   . TYR A 1 37  ? -17.740 -5.624  -4.820  1.00 25.39 ? 151 TYR A O   1 
ATOM   152  C CB  . TYR A 1 37  ? -16.131 -6.722  -2.398  1.00 16.47 ? 151 TYR A CB  1 
ATOM   153  C CG  . TYR A 1 37  ? -16.118 -8.227  -2.540  1.00 19.48 ? 151 TYR A CG  1 
ATOM   154  C CD1 . TYR A 1 37  ? -14.930 -8.957  -2.419  1.00 15.91 ? 151 TYR A CD1 1 
ATOM   155  C CD2 . TYR A 1 37  ? -17.273 -8.918  -2.920  1.00 20.43 ? 151 TYR A CD2 1 
ATOM   156  C CE1 . TYR A 1 37  ? -14.887 -10.328 -2.677  1.00 15.55 ? 151 TYR A CE1 1 
ATOM   157  C CE2 . TYR A 1 37  ? -17.246 -10.281 -3.185  1.00 20.83 ? 151 TYR A CE2 1 
ATOM   158  C CZ  . TYR A 1 37  ? -16.050 -10.982 -3.063  1.00 19.90 ? 151 TYR A CZ  1 
ATOM   159  O OH  . TYR A 1 37  ? -16.057 -12.324 -3.336  1.00 18.33 ? 151 TYR A OH  1 
ATOM   160  N N   . ASP A 1 38  ? -16.319 -7.068  -5.795  1.00 19.41 ? 152 ASP A N   1 
ATOM   161  C CA  . ASP A 1 38  ? -17.168 -7.396  -6.925  1.00 21.14 ? 152 ASP A CA  1 
ATOM   162  C C   . ASP A 1 38  ? -18.001 -8.656  -6.592  1.00 23.00 ? 152 ASP A C   1 
ATOM   163  O O   . ASP A 1 38  ? -17.558 -9.795  -6.784  1.00 21.77 ? 152 ASP A O   1 
ATOM   164  C CB  . ASP A 1 38  ? -16.282 -7.638  -8.147  1.00 24.13 ? 152 ASP A CB  1 
ATOM   165  C CG  . ASP A 1 38  ? -17.059 -8.008  -9.404  1.00 30.11 ? 152 ASP A CG  1 
ATOM   166  O OD1 . ASP A 1 38  ? -18.298 -8.195  -9.377  1.00 27.55 ? 152 ASP A OD1 1 
ATOM   167  O OD2 . ASP A 1 38  ? -16.391 -8.122  -10.449 1.00 33.20 ? 152 ASP A OD2 1 
ATOM   168  N N   . PHE A 1 39  ? -19.228 -8.441  -6.133  1.00 21.76 ? 153 PHE A N   1 
ATOM   169  C CA  . PHE A 1 39  ? -20.120 -9.533  -5.790  1.00 21.43 ? 153 PHE A CA  1 
ATOM   170  C C   . PHE A 1 39  ? -20.575 -10.320 -7.002  1.00 22.67 ? 153 PHE A C   1 
ATOM   171  O O   . PHE A 1 39  ? -21.005 -11.453 -6.878  1.00 25.50 ? 153 PHE A O   1 
ATOM   172  C CB  . PHE A 1 39  ? -21.311 -8.992  -5.016  1.00 19.19 ? 153 PHE A CB  1 
ATOM   173  C CG  . PHE A 1 39  ? -20.955 -8.473  -3.656  1.00 17.26 ? 153 PHE A CG  1 
ATOM   174  C CD1 . PHE A 1 39  ? -20.810 -9.349  -2.586  1.00 15.43 ? 153 PHE A CD1 1 
ATOM   175  C CD2 . PHE A 1 39  ? -20.783 -7.108  -3.440  1.00 15.72 ? 153 PHE A CD2 1 
ATOM   176  C CE1 . PHE A 1 39  ? -20.505 -8.878  -1.310  1.00 16.39 ? 153 PHE A CE1 1 
ATOM   177  C CE2 . PHE A 1 39  ? -20.480 -6.618  -2.177  1.00 18.72 ? 153 PHE A CE2 1 
ATOM   178  C CZ  . PHE A 1 39  ? -20.339 -7.507  -1.103  1.00 21.59 ? 153 PHE A CZ  1 
ATOM   179  N N   . GLN A 1 40  ? -20.464 -9.737  -8.188  1.00 25.25 ? 154 GLN A N   1 
ATOM   180  C CA  . GLN A 1 40  ? -20.866 -10.457 -9.388  1.00 28.95 ? 154 GLN A CA  1 
ATOM   181  C C   . GLN A 1 40  ? -19.859 -11.535 -9.802  1.00 28.71 ? 154 GLN A C   1 
ATOM   182  O O   . GLN A 1 40  ? -20.256 -12.593 -10.278 1.00 27.79 ? 154 GLN A O   1 
ATOM   183  C CB  . GLN A 1 40  ? -21.098 -9.493  -10.563 1.00 34.58 ? 154 GLN A CB  1 
ATOM   184  C CG  . GLN A 1 40  ? -21.939 -8.267  -10.228 1.00 43.03 ? 154 GLN A CG  1 
ATOM   185  C CD  . GLN A 1 40  ? -23.312 -8.599  -9.629  1.00 49.02 ? 154 GLN A CD  1 
ATOM   186  O OE1 . GLN A 1 40  ? -23.833 -9.718  -9.763  1.00 47.71 ? 154 GLN A OE1 1 
ATOM   187  N NE2 . GLN A 1 40  ? -23.908 -7.612  -8.979  1.00 53.86 ? 154 GLN A NE2 1 
ATOM   188  N N   . ASN A 1 41  ? -18.560 -11.244 -9.653  1.00 28.88 ? 155 ASN A N   1 
ATOM   189  C CA  . ASN A 1 41  ? -17.497 -12.188 -10.030 1.00 27.30 ? 155 ASN A CA  1 
ATOM   190  C C   . ASN A 1 41  ? -16.805 -12.769 -8.814  1.00 25.80 ? 155 ASN A C   1 
ATOM   191  O O   . ASN A 1 41  ? -15.964 -13.642 -8.936  1.00 24.91 ? 155 ASN A O   1 
ATOM   192  C CB  . ASN A 1 41  ? -16.467 -11.512 -10.931 1.00 27.09 ? 155 ASN A CB  1 
ATOM   193  C CG  . ASN A 1 41  ? -17.055 -11.095 -12.256 1.00 31.28 ? 155 ASN A CG  1 
ATOM   194  O OD1 . ASN A 1 41  ? -17.521 -11.931 -13.023 1.00 34.29 ? 155 ASN A OD1 1 
ATOM   195  N ND2 . ASN A 1 41  ? -17.044 -9.799  -12.534 1.00 31.22 ? 155 ASN A ND2 1 
ATOM   196  N N   . ASN A 1 42  ? -17.163 -12.247 -7.645  1.00 24.73 ? 156 ASN A N   1 
ATOM   197  C CA  . ASN A 1 42  ? -16.635 -12.697 -6.363  1.00 25.09 ? 156 ASN A CA  1 
ATOM   198  C C   . ASN A 1 42  ? -15.122 -12.492 -6.235  1.00 24.06 ? 156 ASN A C   1 
ATOM   199  O O   . ASN A 1 42  ? -14.366 -13.422 -5.947  1.00 25.49 ? 156 ASN A O   1 
ATOM   200  C CB  . ASN A 1 42  ? -17.041 -14.155 -6.128  1.00 20.63 ? 156 ASN A CB  1 
ATOM   201  C CG  . ASN A 1 42  ? -18.554 -14.362 -6.251  1.00 22.99 ? 156 ASN A CG  1 
ATOM   202  O OD1 . ASN A 1 42  ? -19.029 -15.174 -7.054  1.00 24.49 ? 156 ASN A OD1 1 
ATOM   203  N ND2 . ASN A 1 42  ? -19.311 -13.603 -5.475  1.00 17.16 ? 156 ASN A ND2 1 
ATOM   204  N N   . GLN A 1 43  ? -14.698 -11.249 -6.412  1.00 23.80 ? 157 GLN A N   1 
ATOM   205  C CA  . GLN A 1 43  ? -13.287 -10.900 -6.320  1.00 23.61 ? 157 GLN A CA  1 
ATOM   206  C C   . GLN A 1 43  ? -13.144 -9.518  -5.704  1.00 21.18 ? 157 GLN A C   1 
ATOM   207  O O   . GLN A 1 43  ? -14.043 -8.670  -5.818  1.00 18.03 ? 157 GLN A O   1 
ATOM   208  C CB  . GLN A 1 43  ? -12.649 -10.942 -7.715  1.00 23.62 ? 157 GLN A CB  1 
ATOM   209  C CG  . GLN A 1 43  ? -13.333 -10.020 -8.709  1.00 28.89 ? 157 GLN A CG  1 
ATOM   210  C CD  . GLN A 1 43  ? -13.003 -10.338 -10.152 1.00 31.16 ? 157 GLN A CD  1 
ATOM   211  O OE1 . GLN A 1 43  ? -12.502 -11.412 -10.467 1.00 36.31 ? 157 GLN A OE1 1 
ATOM   212  N NE2 . GLN A 1 43  ? -13.304 -9.407  -11.042 1.00 32.83 ? 157 GLN A NE2 1 
ATOM   213  N N   . LEU A 1 44  ? -12.065 -9.346  -4.940  1.00 20.07 ? 158 LEU A N   1 
ATOM   214  C CA  . LEU A 1 44  ? -11.744 -8.080  -4.305  1.00 17.48 ? 158 LEU A CA  1 
ATOM   215  C C   . LEU A 1 44  ? -10.920 -7.318  -5.348  1.00 19.61 ? 158 LEU A C   1 
ATOM   216  O O   . LEU A 1 44  ? -9.995  -7.884  -5.964  1.00 19.46 ? 158 LEU A O   1 
ATOM   217  C CB  . LEU A 1 44  ? -10.925 -8.305  -3.017  1.00 20.66 ? 158 LEU A CB  1 
ATOM   218  C CG  . LEU A 1 44  ? -10.406 -7.040  -2.324  1.00 20.85 ? 158 LEU A CG  1 
ATOM   219  C CD1 . LEU A 1 44  ? -11.557 -6.246  -1.708  1.00 21.45 ? 158 LEU A CD1 1 
ATOM   220  C CD2 . LEU A 1 44  ? -9.344  -7.370  -1.281  1.00 19.88 ? 158 LEU A CD2 1 
ATOM   221  N N   . LEU A 1 45  ? -11.302 -6.066  -5.586  1.00 18.28 ? 159 LEU A N   1 
ATOM   222  C CA  . LEU A 1 45  ? -10.637 -5.211  -6.551  1.00 17.65 ? 159 LEU A CA  1 
ATOM   223  C C   . LEU A 1 45  ? -9.873  -4.168  -5.776  1.00 18.70 ? 159 LEU A C   1 
ATOM   224  O O   . LEU A 1 45  ? -10.448 -3.482  -4.917  1.00 16.74 ? 159 LEU A O   1 
ATOM   225  C CB  . LEU A 1 45  ? -11.661 -4.507  -7.430  1.00 21.76 ? 159 LEU A CB  1 
ATOM   226  C CG  . LEU A 1 45  ? -12.683 -5.336  -8.216  1.00 25.75 ? 159 LEU A CG  1 
ATOM   227  C CD1 . LEU A 1 45  ? -13.605 -4.364  -8.930  1.00 26.89 ? 159 LEU A CD1 1 
ATOM   228  C CD2 . LEU A 1 45  ? -11.993 -6.258  -9.223  1.00 26.64 ? 159 LEU A CD2 1 
ATOM   229  N N   . VAL A 1 46  ? -8.578  -4.043  -6.073  1.00 20.23 ? 160 VAL A N   1 
ATOM   230  C CA  . VAL A 1 46  ? -7.736  -3.066  -5.382  1.00 18.71 ? 160 VAL A CA  1 
ATOM   231  C C   . VAL A 1 46  ? -7.086  -2.123  -6.376  1.00 16.64 ? 160 VAL A C   1 
ATOM   232  O O   . VAL A 1 46  ? -6.440  -2.577  -7.314  1.00 18.40 ? 160 VAL A O   1 
ATOM   233  C CB  . VAL A 1 46  ? -6.607  -3.747  -4.557  1.00 20.64 ? 160 VAL A CB  1 
ATOM   234  C CG1 . VAL A 1 46  ? -5.902  -2.706  -3.683  1.00 20.43 ? 160 VAL A CG1 1 
ATOM   235  C CG2 . VAL A 1 46  ? -7.177  -4.868  -3.685  1.00 18.93 ? 160 VAL A CG2 1 
ATOM   236  N N   . GLY A 1 47  ? -7.315  -0.826  -6.184  1.00 14.86 ? 161 GLY A N   1 
ATOM   237  C CA  . GLY A 1 47  ? -6.723  0.193   -7.022  1.00 14.32 ? 161 GLY A CA  1 
ATOM   238  C C   . GLY A 1 47  ? -5.602  0.909   -6.272  1.00 17.11 ? 161 GLY A C   1 
ATOM   239  O O   . GLY A 1 47  ? -5.825  1.508   -5.214  1.00 17.55 ? 161 GLY A O   1 
ATOM   240  N N   . ILE A 1 48  ? -4.376  0.785   -6.778  1.00 17.49 ? 162 ILE A N   1 
ATOM   241  C CA  . ILE A 1 48  ? -3.205  1.463   -6.195  1.00 14.38 ? 162 ILE A CA  1 
ATOM   242  C C   . ILE A 1 48  ? -3.042  2.658   -7.116  1.00 13.95 ? 162 ILE A C   1 
ATOM   243  O O   . ILE A 1 48  ? -2.528  2.539   -8.231  1.00 15.58 ? 162 ILE A O   1 
ATOM   244  C CB  . ILE A 1 48  ? -1.928  0.601   -6.250  1.00 15.97 ? 162 ILE A CB  1 
ATOM   245  C CG1 . ILE A 1 48  ? -2.148  -0.756  -5.537  1.00 14.44 ? 162 ILE A CG1 1 
ATOM   246  C CG2 . ILE A 1 48  ? -0.776  1.396   -5.652  1.00 17.74 ? 162 ILE A CG2 1 
ATOM   247  C CD1 . ILE A 1 48  ? -2.550  -0.642  -4.093  1.00 16.28 ? 162 ILE A CD1 1 
ATOM   248  N N   . ILE A 1 49  ? -3.472  3.804   -6.628  1.00 14.58 ? 163 ILE A N   1 
ATOM   249  C CA  . ILE A 1 49  ? -3.500  5.027   -7.414  1.00 16.22 ? 163 ILE A CA  1 
ATOM   250  C C   . ILE A 1 49  ? -2.225  5.894   -7.483  1.00 14.89 ? 163 ILE A C   1 
ATOM   251  O O   . ILE A 1 49  ? -1.653  6.070   -8.553  1.00 14.17 ? 163 ILE A O   1 
ATOM   252  C CB  . ILE A 1 49  ? -4.721  5.895   -6.964  1.00 12.86 ? 163 ILE A CB  1 
ATOM   253  C CG1 . ILE A 1 49  ? -5.982  5.022   -6.824  1.00 13.00 ? 163 ILE A CG1 1 
ATOM   254  C CG2 . ILE A 1 49  ? -4.969  7.023   -7.957  1.00 13.51 ? 163 ILE A CG2 1 
ATOM   255  C CD1 . ILE A 1 49  ? -7.111  5.722   -6.089  1.00 12.36 ? 163 ILE A CD1 1 
ATOM   256  N N   . GLN A 1 50  ? -1.799  6.443   -6.356  1.00 14.19 ? 164 GLN A N   1 
ATOM   257  C CA  . GLN A 1 50  ? -0.638  7.310   -6.344  1.00 13.86 ? 164 GLN A CA  1 
ATOM   258  C C   . GLN A 1 50  ? -0.116  7.460   -4.921  1.00 16.43 ? 164 GLN A C   1 
ATOM   259  O O   . GLN A 1 50  ? -0.816  7.114   -3.968  1.00 16.40 ? 164 GLN A O   1 
ATOM   260  C CB  . GLN A 1 50  ? -1.030  8.692   -6.861  1.00 14.63 ? 164 GLN A CB  1 
ATOM   261  C CG  . GLN A 1 50  ? -2.087  9.432   -6.028  1.00 13.85 ? 164 GLN A CG  1 
ATOM   262  C CD  . GLN A 1 50  ? -2.426  10.805  -6.608  1.00 21.86 ? 164 GLN A CD  1 
ATOM   263  O OE1 . GLN A 1 50  ? -1.554  11.479  -7.155  1.00 23.78 ? 164 GLN A OE1 1 
ATOM   264  N NE2 . GLN A 1 50  ? -3.694  11.220  -6.506  1.00 16.61 ? 164 GLN A NE2 1 
ATOM   265  N N   . ALA A 1 51  ? 1.114   7.959   -4.786  1.00 13.03 ? 165 ALA A N   1 
ATOM   266  C CA  . ALA A 1 51  ? 1.716   8.184   -3.473  1.00 15.27 ? 165 ALA A CA  1 
ATOM   267  C C   . ALA A 1 51  ? 2.258   9.586   -3.529  1.00 18.25 ? 165 ALA A C   1 
ATOM   268  O O   . ALA A 1 51  ? 2.603   10.080  -4.606  1.00 20.36 ? 165 ALA A O   1 
ATOM   269  C CB  . ALA A 1 51  ? 2.823   7.175   -3.166  1.00 14.19 ? 165 ALA A CB  1 
ATOM   270  N N   . ALA A 1 52  ? 2.295   10.249  -2.383  1.00 18.31 ? 166 ALA A N   1 
ATOM   271  C CA  . ALA A 1 52  ? 2.776   11.614  -2.318  1.00 19.60 ? 166 ALA A CA  1 
ATOM   272  C C   . ALA A 1 52  ? 3.716   11.832  -1.142  1.00 19.31 ? 166 ALA A C   1 
ATOM   273  O O   . ALA A 1 52  ? 3.696   11.096  -0.152  1.00 17.73 ? 166 ALA A O   1 
ATOM   274  C CB  . ALA A 1 52  ? 1.599   12.584  -2.206  1.00 15.18 ? 166 ALA A CB  1 
ATOM   275  N N   . GLU A 1 53  ? 4.560   12.836  -1.284  1.00 19.78 ? 167 GLU A N   1 
ATOM   276  C CA  . GLU A 1 53  ? 5.470   13.227  -0.232  1.00 20.48 ? 167 GLU A CA  1 
ATOM   277  C C   . GLU A 1 53  ? 6.336   12.111  0.359   1.00 19.18 ? 167 GLU A C   1 
ATOM   278  O O   . GLU A 1 53  ? 6.631   12.107  1.552   1.00 20.17 ? 167 GLU A O   1 
ATOM   279  C CB  . GLU A 1 53  ? 4.655   13.938  0.860   1.00 22.52 ? 167 GLU A CB  1 
ATOM   280  C CG  . GLU A 1 53  ? 3.744   15.047  0.313   1.00 27.07 ? 167 GLU A CG  1 
ATOM   281  C CD  . GLU A 1 53  ? 2.668   15.539  1.276   1.00 31.97 ? 167 GLU A CD  1 
ATOM   282  O OE1 . GLU A 1 53  ? 2.739   15.250  2.494   1.00 34.10 ? 167 GLU A OE1 1 
ATOM   283  O OE2 . GLU A 1 53  ? 1.750   16.232  0.806   1.00 36.80 ? 167 GLU A OE2 1 
ATOM   284  N N   . LEU A 1 54  ? 6.775   11.184  -0.481  1.00 19.16 ? 168 LEU A N   1 
ATOM   285  C CA  . LEU A 1 54  ? 7.646   10.112  -0.015  1.00 19.40 ? 168 LEU A CA  1 
ATOM   286  C C   . LEU A 1 54  ? 9.025   10.664  0.364   1.00 21.50 ? 168 LEU A C   1 
ATOM   287  O O   . LEU A 1 54  ? 9.454   11.712  -0.132  1.00 18.97 ? 168 LEU A O   1 
ATOM   288  C CB  . LEU A 1 54  ? 7.827   9.049   -1.093  1.00 18.70 ? 168 LEU A CB  1 
ATOM   289  C CG  . LEU A 1 54  ? 6.575   8.286   -1.550  1.00 20.17 ? 168 LEU A CG  1 
ATOM   290  C CD1 . LEU A 1 54  ? 6.937   7.361   -2.701  1.00 16.30 ? 168 LEU A CD1 1 
ATOM   291  C CD2 . LEU A 1 54  ? 5.955   7.495   -0.390  1.00 16.77 ? 168 LEU A CD2 1 
ATOM   292  N N   . PRO A 1 55  ? 9.685   10.029  1.339   1.00 21.69 ? 169 PRO A N   1 
ATOM   293  C CA  . PRO A 1 55  ? 11.014  10.525  1.714   1.00 24.52 ? 169 PRO A CA  1 
ATOM   294  C C   . PRO A 1 55  ? 12.064  9.996   0.699   1.00 25.76 ? 169 PRO A C   1 
ATOM   295  O O   . PRO A 1 55  ? 11.877  8.931   0.084   1.00 25.77 ? 169 PRO A O   1 
ATOM   296  C CB  . PRO A 1 55  ? 11.197  9.931   3.120   1.00 21.09 ? 169 PRO A CB  1 
ATOM   297  C CG  . PRO A 1 55  ? 10.476  8.630   3.030   1.00 21.16 ? 169 PRO A CG  1 
ATOM   298  C CD  . PRO A 1 55  ? 9.211   8.989   2.270   1.00 18.46 ? 169 PRO A CD  1 
ATOM   299  N N   . ALA A 1 56  ? 13.105  10.783  0.450   1.00 30.92 ? 170 ALA A N   1 
ATOM   300  C CA  . ALA A 1 56  ? 14.186  10.374  -0.468  1.00 36.65 ? 170 ALA A CA  1 
ATOM   301  C C   . ALA A 1 56  ? 15.184  9.470   0.258   1.00 40.97 ? 170 ALA A C   1 
ATOM   302  O O   . ALA A 1 56  ? 15.730  9.846   1.300   1.00 41.51 ? 170 ALA A O   1 
ATOM   303  C CB  . ALA A 1 56  ? 14.907  11.584  -1.004  1.00 34.00 ? 170 ALA A CB  1 
ATOM   304  N N   . LEU A 1 57  ? 15.408  8.280   -0.284  1.00 47.84 ? 171 LEU A N   1 
ATOM   305  C CA  . LEU A 1 57  ? 16.340  7.339   0.320   1.00 55.17 ? 171 LEU A CA  1 
ATOM   306  C C   . LEU A 1 57  ? 17.615  7.167   -0.506  1.00 60.09 ? 171 LEU A C   1 
ATOM   307  O O   . LEU A 1 57  ? 18.542  6.464   -0.090  1.00 62.91 ? 171 LEU A O   1 
ATOM   308  C CB  . LEU A 1 57  ? 15.678  5.970   0.575   1.00 54.87 ? 171 LEU A CB  1 
ATOM   309  C CG  . LEU A 1 57  ? 14.472  5.866   1.528   1.00 54.87 ? 171 LEU A CG  1 
ATOM   310  C CD1 . LEU A 1 57  ? 14.251  4.413   1.894   1.00 52.41 ? 171 LEU A CD1 1 
ATOM   311  C CD2 . LEU A 1 57  ? 14.684  6.681   2.790   1.00 54.49 ? 171 LEU A CD2 1 
ATOM   312  N N   . ASP A 1 58  ? 17.674  7.813   -1.668  1.00 63.79 ? 172 ASP A N   1 
ATOM   313  C CA  . ASP A 1 58  ? 18.863  7.718   -2.516  1.00 67.37 ? 172 ASP A CA  1 
ATOM   314  C C   . ASP A 1 58  ? 19.658  9.026   -2.528  1.00 68.28 ? 172 ASP A C   1 
ATOM   315  O O   . ASP A 1 58  ? 19.152  10.082  -2.130  1.00 70.34 ? 172 ASP A O   1 
ATOM   316  C CB  . ASP A 1 58  ? 18.484  7.305   -3.943  1.00 69.49 ? 172 ASP A CB  1 
ATOM   317  C CG  . ASP A 1 58  ? 17.723  5.986   -3.991  1.00 73.19 ? 172 ASP A CG  1 
ATOM   318  O OD1 . ASP A 1 58  ? 17.986  5.102   -3.145  1.00 74.89 ? 172 ASP A OD1 1 
ATOM   319  O OD2 . ASP A 1 58  ? 16.860  5.828   -4.880  1.00 73.35 ? 172 ASP A OD2 1 
ATOM   320  N N   . MET A 1 59  ? 20.889  8.955   -3.021  0.00 67.20 ? 173 MET A N   1 
ATOM   321  C CA  . MET A 1 59  ? 21.772  10.116  -3.090  0.00 65.76 ? 173 MET A CA  1 
ATOM   322  C C   . MET A 1 59  ? 21.211  11.243  -3.960  0.00 63.98 ? 173 MET A C   1 
ATOM   323  O O   . MET A 1 59  ? 21.358  12.418  -3.629  0.00 64.01 ? 173 MET A O   1 
ATOM   324  C CB  . MET A 1 59  ? 23.152  9.697   -3.603  0.00 66.56 ? 173 MET A CB  1 
ATOM   325  C CG  . MET A 1 59  ? 24.205  10.793  -3.547  0.00 67.48 ? 173 MET A CG  1 
ATOM   326  S SD  . MET A 1 59  ? 24.544  11.347  -1.865  0.00 68.27 ? 173 MET A SD  1 
ATOM   327  C CE  . MET A 1 59  ? 25.850  10.212  -1.390  0.00 68.47 ? 173 MET A CE  1 
ATOM   328  N N   . GLY A 1 60  ? 20.538  10.880  -5.048  0.00 61.76 ? 174 GLY A N   1 
ATOM   329  C CA  . GLY A 1 60  ? 19.972  11.877  -5.944  0.00 58.80 ? 174 GLY A CA  1 
ATOM   330  C C   . GLY A 1 60  ? 18.739  12.592  -5.414  0.00 56.23 ? 174 GLY A C   1 
ATOM   331  O O   . GLY A 1 60  ? 17.944  13.119  -6.193  0.00 56.69 ? 174 GLY A O   1 
ATOM   332  N N   . GLY A 1 61  ? 18.588  12.620  -4.094  1.00 54.28 ? 175 GLY A N   1 
ATOM   333  C CA  . GLY A 1 61  ? 17.451  13.269  -3.472  1.00 47.60 ? 175 GLY A CA  1 
ATOM   334  C C   . GLY A 1 61  ? 16.120  12.666  -3.880  1.00 43.80 ? 175 GLY A C   1 
ATOM   335  O O   . GLY A 1 61  ? 15.094  13.361  -3.860  1.00 43.43 ? 175 GLY A O   1 
ATOM   336  N N   . THR A 1 62  ? 16.124  11.383  -4.245  1.00 36.24 ? 176 THR A N   1 
ATOM   337  C CA  . THR A 1 62  ? 14.899  10.713  -4.663  1.00 34.72 ? 176 THR A CA  1 
ATOM   338  C C   . THR A 1 62  ? 14.887  9.241   -4.287  1.00 32.43 ? 176 THR A C   1 
ATOM   339  O O   . THR A 1 62  ? 15.806  8.745   -3.639  1.00 33.60 ? 176 THR A O   1 
ATOM   340  C CB  . THR A 1 62  ? 14.670  10.820  -6.197  1.00 36.92 ? 176 THR A CB  1 
ATOM   341  O OG1 . THR A 1 62  ? 15.801  10.279  -6.891  1.00 38.78 ? 176 THR A OG1 1 
ATOM   342  C CG2 . THR A 1 62  ? 14.430  12.268  -6.629  1.00 33.75 ? 176 THR A CG2 1 
ATOM   343  N N   . SER A 1 63  ? 13.816  8.560   -4.677  1.00 27.79 ? 177 SER A N   1 
ATOM   344  C CA  . SER A 1 63  ? 13.645  7.140   -4.430  1.00 22.84 ? 177 SER A CA  1 
ATOM   345  C C   . SER A 1 63  ? 13.110  6.506   -5.719  1.00 20.27 ? 177 SER A C   1 
ATOM   346  O O   . SER A 1 63  ? 12.808  7.217   -6.686  1.00 20.10 ? 177 SER A O   1 
ATOM   347  C CB  . SER A 1 63  ? 12.651  6.925   -3.281  1.00 23.52 ? 177 SER A CB  1 
ATOM   348  O OG  . SER A 1 63  ? 13.101  7.555   -2.092  1.00 25.54 ? 177 SER A OG  1 
ATOM   349  N N   . ASP A 1 64  ? 13.006  5.181   -5.737  1.00 18.46 ? 178 ASP A N   1 
ATOM   350  C CA  . ASP A 1 64  ? 12.478  4.433   -6.893  1.00 20.66 ? 178 ASP A CA  1 
ATOM   351  C C   . ASP A 1 64  ? 11.350  3.581   -6.295  1.00 15.84 ? 178 ASP A C   1 
ATOM   352  O O   . ASP A 1 64  ? 11.468  2.365   -6.162  1.00 15.56 ? 178 ASP A O   1 
ATOM   353  C CB  . ASP A 1 64  ? 13.564  3.540   -7.501  1.00 23.05 ? 178 ASP A CB  1 
ATOM   354  C CG  . ASP A 1 64  ? 14.823  4.317   -7.854  1.00 26.37 ? 178 ASP A CG  1 
ATOM   355  O OD1 . ASP A 1 64  ? 14.756  5.207   -8.713  1.00 26.54 ? 178 ASP A OD1 1 
ATOM   356  O OD2 . ASP A 1 64  ? 15.870  4.061   -7.236  1.00 31.87 ? 178 ASP A OD2 1 
ATOM   357  N N   . PRO A 1 65  ? 10.228  4.225   -5.944  1.00 17.60 ? 179 PRO A N   1 
ATOM   358  C CA  . PRO A 1 65  ? 9.122   3.477   -5.341  1.00 16.53 ? 179 PRO A CA  1 
ATOM   359  C C   . PRO A 1 65  ? 8.304   2.518   -6.163  1.00 16.35 ? 179 PRO A C   1 
ATOM   360  O O   . PRO A 1 65  ? 8.182   2.639   -7.374  1.00 16.80 ? 179 PRO A O   1 
ATOM   361  C CB  . PRO A 1 65  ? 8.248   4.584   -4.731  1.00 15.21 ? 179 PRO A CB  1 
ATOM   362  C CG  . PRO A 1 65  ? 8.431   5.720   -5.675  1.00 17.81 ? 179 PRO A CG  1 
ATOM   363  C CD  . PRO A 1 65  ? 9.908   5.666   -6.054  1.00 15.50 ? 179 PRO A CD  1 
ATOM   364  N N   . TYR A 1 66  ? 7.815   1.502   -5.471  1.00 17.49 ? 180 TYR A N   1 
ATOM   365  C CA  . TYR A 1 66  ? 6.907   0.527   -6.034  1.00 18.71 ? 180 TYR A CA  1 
ATOM   366  C C   . TYR A 1 66  ? 6.100   0.064   -4.820  1.00 18.92 ? 180 TYR A C   1 
ATOM   367  O O   . TYR A 1 66  ? 6.481   0.343   -3.654  1.00 13.86 ? 180 TYR A O   1 
ATOM   368  C CB  . TYR A 1 66  ? 7.609   -0.624  -6.777  1.00 16.98 ? 180 TYR A CB  1 
ATOM   369  C CG  . TYR A 1 66  ? 8.383   -1.608  -5.938  1.00 16.96 ? 180 TYR A CG  1 
ATOM   370  C CD1 . TYR A 1 66  ? 9.696   -1.334  -5.526  1.00 16.52 ? 180 TYR A CD1 1 
ATOM   371  C CD2 . TYR A 1 66  ? 7.835   -2.857  -5.630  1.00 19.27 ? 180 TYR A CD2 1 
ATOM   372  C CE1 . TYR A 1 66  ? 10.447  -2.294  -4.838  1.00 16.38 ? 180 TYR A CE1 1 
ATOM   373  C CE2 . TYR A 1 66  ? 8.572   -3.825  -4.937  1.00 22.86 ? 180 TYR A CE2 1 
ATOM   374  C CZ  . TYR A 1 66  ? 9.881   -3.534  -4.550  1.00 23.02 ? 180 TYR A CZ  1 
ATOM   375  O OH  . TYR A 1 66  ? 10.598  -4.505  -3.898  1.00 19.72 ? 180 TYR A OH  1 
ATOM   376  N N   . VAL A 1 67  ? 4.972   -0.589  -5.083  1.00 17.85 ? 181 VAL A N   1 
ATOM   377  C CA  . VAL A 1 67  ? 4.112   -1.044  -4.004  1.00 15.76 ? 181 VAL A CA  1 
ATOM   378  C C   . VAL A 1 67  ? 3.905   -2.539  -4.061  1.00 13.51 ? 181 VAL A C   1 
ATOM   379  O O   . VAL A 1 67  ? 3.800   -3.119  -5.140  1.00 16.55 ? 181 VAL A O   1 
ATOM   380  C CB  . VAL A 1 67  ? 2.724   -0.314  -4.041  1.00 13.60 ? 181 VAL A CB  1 
ATOM   381  C CG1 . VAL A 1 67  ? 1.877   -0.689  -2.822  1.00 14.81 ? 181 VAL A CG1 1 
ATOM   382  C CG2 . VAL A 1 67  ? 2.912   1.176   -4.120  1.00 8.85  ? 181 VAL A CG2 1 
ATOM   383  N N   . LYS A 1 68  ? 3.965   -3.165  -2.892  1.00 14.67 ? 182 LYS A N   1 
ATOM   384  C CA  . LYS A 1 68  ? 3.726   -4.591  -2.738  1.00 16.53 ? 182 LYS A CA  1 
ATOM   385  C C   . LYS A 1 68  ? 2.336   -4.624  -2.078  1.00 16.61 ? 182 LYS A C   1 
ATOM   386  O O   . LYS A 1 68  ? 2.050   -3.833  -1.185  1.00 17.66 ? 182 LYS A O   1 
ATOM   387  C CB  . LYS A 1 68  ? 4.744   -5.200  -1.780  1.00 22.15 ? 182 LYS A CB  1 
ATOM   388  C CG  . LYS A 1 68  ? 6.177   -5.175  -2.256  1.00 29.95 ? 182 LYS A CG  1 
ATOM   389  C CD  . LYS A 1 68  ? 6.665   -6.599  -2.537  1.00 35.28 ? 182 LYS A CD  1 
ATOM   390  C CE  . LYS A 1 68  ? 8.161   -6.753  -2.280  1.00 35.72 ? 182 LYS A CE  1 
ATOM   391  N NZ  . LYS A 1 68  ? 8.453   -6.960  -0.837  1.00 39.17 ? 182 LYS A NZ  1 
ATOM   392  N N   . VAL A 1 69  ? 1.467   -5.510  -2.536  1.00 19.65 ? 183 VAL A N   1 
ATOM   393  C CA  . VAL A 1 69  ? 0.111   -5.603  -1.991  1.00 18.21 ? 183 VAL A CA  1 
ATOM   394  C C   . VAL A 1 69  ? -0.203  -7.066  -1.808  1.00 18.20 ? 183 VAL A C   1 
ATOM   395  O O   . VAL A 1 69  ? 0.043   -7.873  -2.703  1.00 22.02 ? 183 VAL A O   1 
ATOM   396  C CB  . VAL A 1 69  ? -0.926  -5.062  -3.011  1.00 21.24 ? 183 VAL A CB  1 
ATOM   397  C CG1 . VAL A 1 69  ? -2.306  -4.993  -2.379  1.00 22.89 ? 183 VAL A CG1 1 
ATOM   398  C CG2 . VAL A 1 69  ? -0.488  -3.709  -3.590  1.00 18.04 ? 183 VAL A CG2 1 
ATOM   399  N N   . PHE A 1 70  ? -0.764  -7.424  -0.667  1.00 19.93 ? 184 PHE A N   1 
ATOM   400  C CA  . PHE A 1 70  ? -1.109  -8.813  -0.441  1.00 19.71 ? 184 PHE A CA  1 
ATOM   401  C C   . PHE A 1 70  ? -2.061  -8.932  0.729   1.00 18.67 ? 184 PHE A C   1 
ATOM   402  O O   . PHE A 1 70  ? -2.296  -7.962  1.450   1.00 16.87 ? 184 PHE A O   1 
ATOM   403  C CB  . PHE A 1 70  ? 0.148   -9.654  -0.196  1.00 24.88 ? 184 PHE A CB  1 
ATOM   404  C CG  . PHE A 1 70  ? 1.063   -9.089  0.857   1.00 27.54 ? 184 PHE A CG  1 
ATOM   405  C CD1 . PHE A 1 70  ? 2.058   -8.176  0.513   1.00 28.91 ? 184 PHE A CD1 1 
ATOM   406  C CD2 . PHE A 1 70  ? 0.926   -9.462  2.184   1.00 27.48 ? 184 PHE A CD2 1 
ATOM   407  C CE1 . PHE A 1 70  ? 2.904   -7.640  1.474   1.00 28.71 ? 184 PHE A CE1 1 
ATOM   408  C CE2 . PHE A 1 70  ? 1.761   -8.936  3.145   1.00 30.72 ? 184 PHE A CE2 1 
ATOM   409  C CZ  . PHE A 1 70  ? 2.757   -8.018  2.786   1.00 31.00 ? 184 PHE A CZ  1 
ATOM   410  N N   . LEU A 1 71  ? -2.596  -10.127 0.920   1.00 18.63 ? 185 LEU A N   1 
ATOM   411  C CA  . LEU A 1 71  ? -3.533  -10.365 2.001   1.00 22.40 ? 185 LEU A CA  1 
ATOM   412  C C   . LEU A 1 71  ? -2.982  -11.262 3.082   1.00 20.53 ? 185 LEU A C   1 
ATOM   413  O O   . LEU A 1 71  ? -2.507  -12.336 2.789   1.00 23.38 ? 185 LEU A O   1 
ATOM   414  C CB  . LEU A 1 71  ? -4.784  -11.056 1.460   1.00 22.98 ? 185 LEU A CB  1 
ATOM   415  C CG  . LEU A 1 71  ? -5.761  -10.286 0.594   1.00 24.02 ? 185 LEU A CG  1 
ATOM   416  C CD1 . LEU A 1 71  ? -6.753  -11.297 0.022   1.00 29.60 ? 185 LEU A CD1 1 
ATOM   417  C CD2 . LEU A 1 71  ? -6.460  -9.227  1.429   1.00 20.56 ? 185 LEU A CD2 1 
ATOM   418  N N   . LEU A 1 72  ? -3.030  -10.817 4.322   1.00 22.15 ? 186 LEU A N   1 
ATOM   419  C CA  . LEU A 1 72  ? -2.618  -11.663 5.432   1.00 27.28 ? 186 LEU A CA  1 
ATOM   420  C C   . LEU A 1 72  ? -3.925  -12.396 5.788   1.00 30.43 ? 186 LEU A C   1 
ATOM   421  O O   . LEU A 1 72  ? -5.015  -11.867 5.589   1.00 27.29 ? 186 LEU A O   1 
ATOM   422  C CB  . LEU A 1 72  ? -2.140  -10.838 6.636   1.00 26.52 ? 186 LEU A CB  1 
ATOM   423  C CG  . LEU A 1 72  ? -0.837  -10.042 6.517   1.00 24.82 ? 186 LEU A CG  1 
ATOM   424  C CD1 . LEU A 1 72  ? -0.537  -9.332  7.829   1.00 21.26 ? 186 LEU A CD1 1 
ATOM   425  C CD2 . LEU A 1 72  ? 0.299   -10.957 6.122   1.00 23.99 ? 186 LEU A CD2 1 
ATOM   426  N N   . PRO A 1 73  ? -3.831  -13.619 6.313   1.00 34.59 ? 187 PRO A N   1 
ATOM   427  C CA  . PRO A 1 73  ? -2.607  -14.363 6.603   1.00 38.26 ? 187 PRO A CA  1 
ATOM   428  C C   . PRO A 1 73  ? -2.102  -15.223 5.445   1.00 41.52 ? 187 PRO A C   1 
ATOM   429  O O   . PRO A 1 73  ? -1.030  -15.813 5.540   1.00 44.46 ? 187 PRO A O   1 
ATOM   430  C CB  . PRO A 1 73  ? -3.039  -15.218 7.779   1.00 39.12 ? 187 PRO A CB  1 
ATOM   431  C CG  . PRO A 1 73  ? -4.428  -15.586 7.394   1.00 36.90 ? 187 PRO A CG  1 
ATOM   432  C CD  . PRO A 1 73  ? -4.994  -14.272 6.938   1.00 36.15 ? 187 PRO A CD  1 
ATOM   433  N N   . ASP A 1 74  ? -2.873  -15.293 4.363   1.00 45.10 ? 188 ASP A N   1 
ATOM   434  C CA  . ASP A 1 74  ? -2.506  -16.098 3.198   1.00 48.91 ? 188 ASP A CA  1 
ATOM   435  C C   . ASP A 1 74  ? -1.418  -15.495 2.302   1.00 49.70 ? 188 ASP A C   1 
ATOM   436  O O   . ASP A 1 74  ? -0.355  -16.080 2.146   1.00 53.54 ? 188 ASP A O   1 
ATOM   437  C CB  . ASP A 1 74  ? -3.753  -16.485 2.378   1.00 52.33 ? 188 ASP A CB  1 
ATOM   438  C CG  . ASP A 1 74  ? -4.585  -15.281 1.934   1.00 56.68 ? 188 ASP A CG  1 
ATOM   439  O OD1 . ASP A 1 74  ? -4.877  -14.402 2.774   1.00 60.35 ? 188 ASP A OD1 1 
ATOM   440  O OD2 . ASP A 1 74  ? -4.973  -15.224 0.742   1.00 57.01 ? 188 ASP A OD2 1 
ATOM   441  N N   . LYS A 1 75  ? -1.706  -14.359 1.676   0.00 49.39 ? 189 LYS A N   1 
ATOM   442  C CA  . LYS A 1 75  ? -0.750  -13.672 0.804   0.00 48.23 ? 189 LYS A CA  1 
ATOM   443  C C   . LYS A 1 75  ? -0.284  -14.497 -0.394  0.00 47.31 ? 189 LYS A C   1 
ATOM   444  O O   . LYS A 1 75  ? 0.770   -14.223 -0.972  0.00 47.29 ? 189 LYS A O   1 
ATOM   445  C CB  . LYS A 1 75  ? 0.452   -13.185 1.616   0.00 48.49 ? 189 LYS A CB  1 
ATOM   446  N N   . LYS A 1 76  ? -1.102  -15.461 -0.802  0.00 46.04 ? 190 LYS A N   1 
ATOM   447  C CA  . LYS A 1 76  ? -0.780  -16.327 -1.932  0.00 44.60 ? 190 LYS A CA  1 
ATOM   448  C C   . LYS A 1 76  ? -0.503  -15.536 -3.210  0.00 43.32 ? 190 LYS A C   1 
ATOM   449  O O   . LYS A 1 76  ? 0.352   -15.915 -4.010  0.00 43.39 ? 190 LYS A O   1 
ATOM   450  C CB  . LYS A 1 76  ? -1.905  -17.325 -2.164  0.00 44.89 ? 190 LYS A CB  1 
ATOM   451  N N   . LYS A 1 77  ? -1.228  -14.438 -3.396  0.00 41.43 ? 191 LYS A N   1 
ATOM   452  C CA  . LYS A 1 77  ? -1.057  -13.603 -4.576  0.00 39.33 ? 191 LYS A CA  1 
ATOM   453  C C   . LYS A 1 77  ? -0.272  -12.341 -4.233  0.00 37.35 ? 191 LYS A C   1 
ATOM   454  O O   . LYS A 1 77  ? -0.856  -11.316 -3.871  0.00 37.53 ? 191 LYS A O   1 
ATOM   455  C CB  . LYS A 1 77  ? -2.415  -13.245 -5.167  0.00 39.48 ? 191 LYS A CB  1 
ATOM   456  N N   . LYS A 1 78  ? 1.052   -12.439 -4.285  0.00 34.68 ? 192 LYS A N   1 
ATOM   457  C CA  . LYS A 1 78  ? 1.918   -11.303 -3.991  0.00 31.45 ? 192 LYS A CA  1 
ATOM   458  C C   . LYS A 1 78  ? 2.006   -10.394 -5.212  0.00 29.19 ? 192 LYS A C   1 
ATOM   459  O O   . LYS A 1 78  ? 2.642   -10.740 -6.209  0.00 28.80 ? 192 LYS A O   1 
ATOM   460  C CB  . LYS A 1 78  ? 3.305   -11.785 -3.588  0.00 31.96 ? 192 LYS A CB  1 
ATOM   461  N N   . PHE A 1 79  ? 1.347   -9.244  -5.135  1.00 24.91 ? 193 PHE A N   1 
ATOM   462  C CA  . PHE A 1 79  ? 1.343   -8.284  -6.240  1.00 25.24 ? 193 PHE A CA  1 
ATOM   463  C C   . PHE A 1 79  ? 2.298   -7.138  -6.022  1.00 22.04 ? 193 PHE A C   1 
ATOM   464  O O   . PHE A 1 79  ? 2.489   -6.679  -4.894  1.00 19.77 ? 193 PHE A O   1 
ATOM   465  C CB  . PHE A 1 79  ? -0.055  -7.690  -6.474  1.00 28.74 ? 193 PHE A CB  1 
ATOM   466  C CG  . PHE A 1 79  ? -1.082  -8.691  -6.931  1.00 33.56 ? 193 PHE A CG  1 
ATOM   467  C CD1 . PHE A 1 79  ? -0.930  -9.371  -8.139  1.00 35.30 ? 193 PHE A CD1 1 
ATOM   468  C CD2 . PHE A 1 79  ? -2.222  -8.935  -6.166  1.00 35.50 ? 193 PHE A CD2 1 
ATOM   469  C CE1 . PHE A 1 79  ? -1.899  -10.281 -8.576  1.00 38.47 ? 193 PHE A CE1 1 
ATOM   470  C CE2 . PHE A 1 79  ? -3.197  -9.844  -6.597  1.00 36.97 ? 193 PHE A CE2 1 
ATOM   471  C CZ  . PHE A 1 79  ? -3.035  -10.514 -7.803  1.00 36.20 ? 193 PHE A CZ  1 
ATOM   472  N N   . GLU A 1 80  ? 2.861   -6.643  -7.120  1.00 22.18 ? 194 GLU A N   1 
ATOM   473  C CA  . GLU A 1 80  ? 3.782   -5.514  -7.074  1.00 23.30 ? 194 GLU A CA  1 
ATOM   474  C C   . GLU A 1 80  ? 3.473   -4.606  -8.249  1.00 20.45 ? 194 GLU A C   1 
ATOM   475  O O   . GLU A 1 80  ? 3.192   -5.090  -9.336  1.00 21.56 ? 194 GLU A O   1 
ATOM   476  C CB  . GLU A 1 80  ? 5.240   -5.981  -7.214  1.00 23.59 ? 194 GLU A CB  1 
ATOM   477  C CG  . GLU A 1 80  ? 5.695   -6.939  -6.140  1.00 33.25 ? 194 GLU A CG  1 
ATOM   478  C CD  . GLU A 1 80  ? 7.198   -7.204  -6.160  1.00 39.30 ? 194 GLU A CD  1 
ATOM   479  O OE1 . GLU A 1 80  ? 7.901   -6.655  -7.046  1.00 37.19 ? 194 GLU A OE1 1 
ATOM   480  O OE2 . GLU A 1 80  ? 7.675   -7.959  -5.277  1.00 39.88 ? 194 GLU A OE2 1 
ATOM   481  N N   . THR A 1 81  ? 3.483   -3.299  -8.027  1.00 20.81 ? 195 THR A N   1 
ATOM   482  C CA  . THR A 1 81  ? 3.263   -2.358  -9.117  1.00 21.37 ? 195 THR A CA  1 
ATOM   483  C C   . THR A 1 81  ? 4.599   -2.244  -9.887  1.00 27.31 ? 195 THR A C   1 
ATOM   484  O O   . THR A 1 81  ? 5.610   -2.852  -9.507  1.00 24.16 ? 195 THR A O   1 
ATOM   485  C CB  . THR A 1 81  ? 2.950   -0.952  -8.586  1.00 18.09 ? 195 THR A CB  1 
ATOM   486  O OG1 . THR A 1 81  ? 4.086   -0.445  -7.863  1.00 16.49 ? 195 THR A OG1 1 
ATOM   487  C CG2 . THR A 1 81  ? 1.710   -0.972  -7.689  1.00 16.04 ? 195 THR A CG2 1 
ATOM   488  N N   . LYS A 1 82  ? 4.599   -1.475  -10.969 1.00 25.71 ? 196 LYS A N   1 
ATOM   489  C CA  . LYS A 1 82  ? 5.817   -1.222  -11.723 1.00 25.47 ? 196 LYS A CA  1 
ATOM   490  C C   . LYS A 1 82  ? 6.664   -0.355  -10.784 1.00 22.90 ? 196 LYS A C   1 
ATOM   491  O O   . LYS A 1 82  ? 6.143   0.262   -9.847  1.00 17.61 ? 196 LYS A O   1 
ATOM   492  C CB  . LYS A 1 82  ? 5.512   -0.378  -12.970 1.00 28.21 ? 196 LYS A CB  1 
ATOM   493  C CG  . LYS A 1 82  ? 4.430   -0.918  -13.887 1.00 41.25 ? 196 LYS A CG  1 
ATOM   494  C CD  . LYS A 1 82  ? 4.929   -2.062  -14.760 1.00 49.36 ? 196 LYS A CD  1 
ATOM   495  C CE  . LYS A 1 82  ? 3.879   -2.448  -15.805 1.00 53.83 ? 196 LYS A CE  1 
ATOM   496  N NZ  . LYS A 1 82  ? 4.445   -3.335  -16.872 1.00 57.28 ? 196 LYS A NZ  1 
ATOM   497  N N   . VAL A 1 83  ? 7.958   -0.275  -11.065 1.00 22.62 ? 197 VAL A N   1 
ATOM   498  C CA  . VAL A 1 83  ? 8.849   0.557   -10.279 1.00 19.17 ? 197 VAL A CA  1 
ATOM   499  C C   . VAL A 1 83  ? 8.882   1.902   -10.978 1.00 17.73 ? 197 VAL A C   1 
ATOM   500  O O   . VAL A 1 83  ? 8.992   1.951   -12.192 1.00 19.88 ? 197 VAL A O   1 
ATOM   501  C CB  . VAL A 1 83  ? 10.286  -0.023  -10.264 1.00 20.20 ? 197 VAL A CB  1 
ATOM   502  C CG1 . VAL A 1 83  ? 11.228  0.956   -9.589  1.00 18.59 ? 197 VAL A CG1 1 
ATOM   503  C CG2 . VAL A 1 83  ? 10.303  -1.379  -9.563  1.00 18.76 ? 197 VAL A CG2 1 
ATOM   504  N N   . HIS A 1 84  ? 8.721   2.982   -10.228 1.00 16.66 ? 198 HIS A N   1 
ATOM   505  C CA  . HIS A 1 84  ? 8.773   4.320   -10.785 1.00 18.41 ? 198 HIS A CA  1 
ATOM   506  C C   . HIS A 1 84  ? 10.082  4.939   -10.305 1.00 21.57 ? 198 HIS A C   1 
ATOM   507  O O   . HIS A 1 84  ? 10.238  5.297   -9.134  1.00 22.53 ? 198 HIS A O   1 
ATOM   508  C CB  . HIS A 1 84  ? 7.553   5.140   -10.348 1.00 18.44 ? 198 HIS A CB  1 
ATOM   509  C CG  . HIS A 1 84  ? 6.284   4.673   -10.978 1.00 18.13 ? 198 HIS A CG  1 
ATOM   510  N ND1 . HIS A 1 84  ? 5.620   5.394   -11.943 1.00 22.67 ? 198 HIS A ND1 1 
ATOM   511  C CD2 . HIS A 1 84  ? 5.624   3.500   -10.865 1.00 19.71 ? 198 HIS A CD2 1 
ATOM   512  C CE1 . HIS A 1 84  ? 4.607   4.688   -12.402 1.00 21.65 ? 198 HIS A CE1 1 
ATOM   513  N NE2 . HIS A 1 84  ? 4.586   3.531   -11.764 1.00 21.80 ? 198 HIS A NE2 1 
ATOM   514  N N   . ARG A 1 85  ? 11.020  5.085   -11.231 1.00 23.24 ? 199 ARG A N   1 
ATOM   515  C CA  . ARG A 1 85  ? 12.328  5.609   -10.891 1.00 24.89 ? 199 ARG A CA  1 
ATOM   516  C C   . ARG A 1 85  ? 12.431  7.103   -10.673 1.00 23.79 ? 199 ARG A C   1 
ATOM   517  O O   . ARG A 1 85  ? 11.720  7.883   -11.295 1.00 25.12 ? 199 ARG A O   1 
ATOM   518  C CB  . ARG A 1 85  ? 13.371  5.083   -11.887 1.00 27.34 ? 199 ARG A CB  1 
ATOM   519  C CG  . ARG A 1 85  ? 13.501  3.552   -11.782 1.00 34.71 ? 199 ARG A CG  1 
ATOM   520  C CD  . ARG A 1 85  ? 14.645  2.971   -12.579 1.00 42.95 ? 199 ARG A CD  1 
ATOM   521  N NE  . ARG A 1 85  ? 14.849  1.533   -12.351 1.00 48.37 ? 199 ARG A NE  1 
ATOM   522  C CZ  . ARG A 1 85  ? 14.085  0.562   -12.865 1.00 54.14 ? 199 ARG A CZ  1 
ATOM   523  N NH1 . ARG A 1 85  ? 13.044  0.857   -13.637 1.00 57.94 ? 199 ARG A NH1 1 
ATOM   524  N NH2 . ARG A 1 85  ? 14.391  -0.717  -12.655 1.00 54.13 ? 199 ARG A NH2 1 
ATOM   525  N N   . LYS A 1 86  ? 13.234  7.476   -9.682  1.00 25.06 ? 200 LYS A N   1 
ATOM   526  C CA  . LYS A 1 86  ? 13.505  8.869   -9.352  1.00 26.16 ? 200 LYS A CA  1 
ATOM   527  C C   . LYS A 1 86  ? 12.294  9.760   -9.138  1.00 26.71 ? 200 LYS A C   1 
ATOM   528  O O   . LYS A 1 86  ? 12.178  10.815  -9.769  1.00 27.47 ? 200 LYS A O   1 
ATOM   529  C CB  . LYS A 1 86  ? 14.434  9.512   -10.401 1.00 28.64 ? 200 LYS A CB  1 
ATOM   530  C CG  . LYS A 1 86  ? 15.883  9.041   -10.341 1.00 37.15 ? 200 LYS A CG  1 
ATOM   531  C CD  . LYS A 1 86  ? 16.068  7.611   -10.825 1.00 42.02 ? 200 LYS A CD  1 
ATOM   532  C CE  . LYS A 1 86  ? 16.033  7.532   -12.348 1.00 47.55 ? 200 LYS A CE  1 
ATOM   533  N NZ  . LYS A 1 86  ? 16.311  6.149   -12.848 1.00 50.46 ? 200 LYS A NZ  1 
ATOM   534  N N   . THR A 1 87  ? 11.407  9.369   -8.232  1.00 21.24 ? 201 THR A N   1 
ATOM   535  C CA  . THR A 1 87  ? 10.256  10.194  -7.955  1.00 18.83 ? 201 THR A CA  1 
ATOM   536  C C   . THR A 1 87  ? 9.752   9.983   -6.542  1.00 18.30 ? 201 THR A C   1 
ATOM   537  O O   . THR A 1 87  ? 9.785   8.876   -6.024  1.00 22.23 ? 201 THR A O   1 
ATOM   538  C CB  . THR A 1 87  ? 9.098   9.919   -8.947  1.00 22.08 ? 201 THR A CB  1 
ATOM   539  O OG1 . THR A 1 87  ? 7.988   10.785  -8.649  1.00 21.70 ? 201 THR A OG1 1 
ATOM   540  C CG2 . THR A 1 87  ? 8.658   8.464   -8.883  1.00 24.18 ? 201 THR A CG2 1 
ATOM   541  N N   . LEU A 1 88  ? 9.330   11.070  -5.914  1.00 16.88 ? 202 LEU A N   1 
ATOM   542  C CA  . LEU A 1 88  ? 8.780   11.018  -4.575  1.00 16.38 ? 202 LEU A CA  1 
ATOM   543  C C   . LEU A 1 88  ? 7.256   11.194  -4.588  1.00 17.65 ? 202 LEU A C   1 
ATOM   544  O O   . LEU A 1 88  ? 6.631   11.246  -3.532  1.00 15.28 ? 202 LEU A O   1 
ATOM   545  C CB  . LEU A 1 88  ? 9.400   12.115  -3.737  1.00 18.65 ? 202 LEU A CB  1 
ATOM   546  C CG  . LEU A 1 88  ? 10.924  11.992  -3.630  1.00 16.73 ? 202 LEU A CG  1 
ATOM   547  C CD1 . LEU A 1 88  ? 11.447  13.160  -2.832  1.00 20.93 ? 202 LEU A CD1 1 
ATOM   548  C CD2 . LEU A 1 88  ? 11.304  10.681  -2.982  1.00 15.15 ? 202 LEU A CD2 1 
ATOM   549  N N   . ASN A 1 89  ? 6.665   11.271  -5.780  1.00 18.39 ? 203 ASN A N   1 
ATOM   550  C CA  . ASN A 1 89  ? 5.208   11.465  -5.935  1.00 18.90 ? 203 ASN A CA  1 
ATOM   551  C C   . ASN A 1 89  ? 4.743   10.707  -7.165  1.00 18.18 ? 203 ASN A C   1 
ATOM   552  O O   . ASN A 1 89  ? 4.210   11.301  -8.109  1.00 20.45 ? 203 ASN A O   1 
ATOM   553  C CB  . ASN A 1 89  ? 4.880   12.942  -6.157  1.00 19.04 ? 203 ASN A CB  1 
ATOM   554  C CG  . ASN A 1 89  ? 5.267   13.816  -4.992  1.00 22.52 ? 203 ASN A CG  1 
ATOM   555  O OD1 . ASN A 1 89  ? 4.505   13.957  -4.030  1.00 23.47 ? 203 ASN A OD1 1 
ATOM   556  N ND2 . ASN A 1 89  ? 6.446   14.444  -5.081  1.00 20.09 ? 203 ASN A ND2 1 
ATOM   557  N N   . PRO A 1 90  ? 4.928   9.383   -7.175  1.00 16.75 ? 204 PRO A N   1 
ATOM   558  C CA  . PRO A 1 90  ? 4.514   8.604   -8.340  1.00 15.76 ? 204 PRO A CA  1 
ATOM   559  C C   . PRO A 1 90  ? 3.011   8.366   -8.475  1.00 16.58 ? 204 PRO A C   1 
ATOM   560  O O   . PRO A 1 90  ? 2.294   8.275   -7.486  1.00 15.50 ? 204 PRO A O   1 
ATOM   561  C CB  . PRO A 1 90  ? 5.249   7.284   -8.121  1.00 17.36 ? 204 PRO A CB  1 
ATOM   562  C CG  . PRO A 1 90  ? 5.144   7.123   -6.618  1.00 14.93 ? 204 PRO A CG  1 
ATOM   563  C CD  . PRO A 1 90  ? 5.378   8.512   -6.072  1.00 13.74 ? 204 PRO A CD  1 
ATOM   564  N N   . VAL A 1 91  ? 2.553   8.283   -9.718  1.00 15.48 ? 205 VAL A N   1 
ATOM   565  C CA  . VAL A 1 91  ? 1.154   7.973   -10.030 1.00 17.08 ? 205 VAL A CA  1 
ATOM   566  C C   . VAL A 1 91  ? 1.259   6.579   -10.604 1.00 15.03 ? 205 VAL A C   1 
ATOM   567  O O   . VAL A 1 91  ? 1.885   6.381   -11.640 1.00 17.25 ? 205 VAL A O   1 
ATOM   568  C CB  . VAL A 1 91  ? 0.562   8.928   -11.092 1.00 17.14 ? 205 VAL A CB  1 
ATOM   569  C CG1 . VAL A 1 91  ? -0.786  8.403   -11.572 1.00 18.74 ? 205 VAL A CG1 1 
ATOM   570  C CG2 . VAL A 1 91  ? 0.393   10.330  -10.501 1.00 15.92 ? 205 VAL A CG2 1 
ATOM   571  N N   . PHE A 1 92  ? 0.735   5.592   -9.889  1.00 13.12 ? 206 PHE A N   1 
ATOM   572  C CA  . PHE A 1 92  ? 0.813   4.211   -10.339 1.00 11.73 ? 206 PHE A CA  1 
ATOM   573  C C   . PHE A 1 92  ? -0.327  3.793   -11.268 1.00 15.27 ? 206 PHE A C   1 
ATOM   574  O O   . PHE A 1 92  ? -0.102  3.059   -12.240 1.00 14.15 ? 206 PHE A O   1 
ATOM   575  C CB  . PHE A 1 92  ? 0.812   3.255   -9.145  1.00 16.86 ? 206 PHE A CB  1 
ATOM   576  C CG  . PHE A 1 92  ? 1.962   3.457   -8.189  1.00 17.81 ? 206 PHE A CG  1 
ATOM   577  C CD1 . PHE A 1 92  ? 3.253   3.068   -8.542  1.00 18.92 ? 206 PHE A CD1 1 
ATOM   578  C CD2 . PHE A 1 92  ? 1.744   4.015   -6.930  1.00 18.86 ? 206 PHE A CD2 1 
ATOM   579  C CE1 . PHE A 1 92  ? 4.315   3.229   -7.654  1.00 15.73 ? 206 PHE A CE1 1 
ATOM   580  C CE2 . PHE A 1 92  ? 2.792   4.181   -6.037  1.00 19.46 ? 206 PHE A CE2 1 
ATOM   581  C CZ  . PHE A 1 92  ? 4.086   3.781   -6.405  1.00 15.78 ? 206 PHE A CZ  1 
ATOM   582  N N   . ASN A 1 93  ? -1.548  4.207   -10.915 1.00 13.88 ? 207 ASN A N   1 
ATOM   583  C CA  . ASN A 1 93  ? -2.766  3.848   -11.653 1.00 14.72 ? 207 ASN A CA  1 
ATOM   584  C C   . ASN A 1 93  ? -2.789  2.363   -11.992 1.00 14.12 ? 207 ASN A C   1 
ATOM   585  O O   . ASN A 1 93  ? -2.867  1.989   -13.163 1.00 15.95 ? 207 ASN A O   1 
ATOM   586  C CB  . ASN A 1 93  ? -2.917  4.691   -12.926 1.00 11.92 ? 207 ASN A CB  1 
ATOM   587  C CG  . ASN A 1 93  ? -3.535  6.034   -12.661 1.00 11.22 ? 207 ASN A CG  1 
ATOM   588  O OD1 . ASN A 1 93  ? -4.048  6.300   -11.569 1.00 13.74 ? 207 ASN A OD1 1 
ATOM   589  N ND2 . ASN A 1 93  ? -3.514  6.896   -13.664 1.00 13.03 ? 207 ASN A ND2 1 
ATOM   590  N N   . GLU A 1 94  ? -2.673  1.517   -10.970 1.00 13.48 ? 208 GLU A N   1 
ATOM   591  C CA  . GLU A 1 94  ? -2.679  0.080   -11.162 1.00 14.66 ? 208 GLU A CA  1 
ATOM   592  C C   . GLU A 1 94  ? -3.825  -0.587  -10.404 1.00 16.29 ? 208 GLU A C   1 
ATOM   593  O O   . GLU A 1 94  ? -4.278  -0.091  -9.380  1.00 17.13 ? 208 GLU A O   1 
ATOM   594  C CB  . GLU A 1 94  ? -1.335  -0.533  -10.752 1.00 17.10 ? 208 GLU A CB  1 
ATOM   595  C CG  . GLU A 1 94  ? -0.219  -0.137  -11.705 1.00 20.14 ? 208 GLU A CG  1 
ATOM   596  C CD  . GLU A 1 94  ? 0.980   -1.073  -11.686 1.00 20.16 ? 208 GLU A CD  1 
ATOM   597  O OE1 . GLU A 1 94  ? 0.790   -2.299  -11.639 1.00 23.28 ? 208 GLU A OE1 1 
ATOM   598  O OE2 . GLU A 1 94  ? 2.118   -0.575  -11.758 1.00 20.09 ? 208 GLU A OE2 1 
ATOM   599  N N   . GLN A 1 95  ? -4.296  -1.708  -10.920 1.00 16.47 ? 209 GLN A N   1 
ATOM   600  C CA  . GLN A 1 95  ? -5.393  -2.404  -10.295 1.00 21.51 ? 209 GLN A CA  1 
ATOM   601  C C   . GLN A 1 95  ? -5.024  -3.852  -10.140 1.00 20.45 ? 209 GLN A C   1 
ATOM   602  O O   . GLN A 1 95  ? -4.415  -4.443  -11.031 1.00 19.71 ? 209 GLN A O   1 
ATOM   603  C CB  . GLN A 1 95  ? -6.664  -2.291  -11.141 1.00 28.16 ? 209 GLN A CB  1 
ATOM   604  C CG  . GLN A 1 95  ? -7.884  -2.924  -10.476 1.00 40.92 ? 209 GLN A CG  1 
ATOM   605  C CD  . GLN A 1 95  ? -9.035  -3.167  -11.441 1.00 48.23 ? 209 GLN A CD  1 
ATOM   606  O OE1 . GLN A 1 95  ? -9.119  -2.554  -12.512 1.00 50.90 ? 209 GLN A OE1 1 
ATOM   607  N NE2 . GLN A 1 95  ? -9.932  -4.071  -11.065 1.00 53.16 ? 209 GLN A NE2 1 
ATOM   608  N N   . PHE A 1 96  ? -5.428  -4.426  -9.016  1.00 20.04 ? 210 PHE A N   1 
ATOM   609  C CA  . PHE A 1 96  ? -5.140  -5.814  -8.719  1.00 23.42 ? 210 PHE A CA  1 
ATOM   610  C C   . PHE A 1 96  ? -6.428  -6.517  -8.347  1.00 22.87 ? 210 PHE A C   1 
ATOM   611  O O   . PHE A 1 96  ? -7.346  -5.894  -7.813  1.00 22.07 ? 210 PHE A O   1 
ATOM   612  C CB  . PHE A 1 96  ? -4.098  -5.919  -7.592  1.00 23.34 ? 210 PHE A CB  1 
ATOM   613  C CG  . PHE A 1 96  ? -2.745  -5.400  -7.989  1.00 24.84 ? 210 PHE A CG  1 
ATOM   614  C CD1 . PHE A 1 96  ? -2.005  -6.047  -8.978  1.00 25.34 ? 210 PHE A CD1 1 
ATOM   615  C CD2 . PHE A 1 96  ? -2.231  -4.236  -7.420  1.00 27.41 ? 210 PHE A CD2 1 
ATOM   616  C CE1 . PHE A 1 96  ? -0.777  -5.536  -9.399  1.00 28.07 ? 210 PHE A CE1 1 
ATOM   617  C CE2 . PHE A 1 96  ? -0.996  -3.719  -7.839  1.00 26.90 ? 210 PHE A CE2 1 
ATOM   618  C CZ  . PHE A 1 96  ? -0.277  -4.367  -8.821  1.00 24.73 ? 210 PHE A CZ  1 
ATOM   619  N N   . THR A 1 97  ? -6.463  -7.816  -8.602  1.00 23.18 ? 211 THR A N   1 
ATOM   620  C CA  . THR A 1 97  ? -7.626  -8.635  -8.326  1.00 26.91 ? 211 THR A CA  1 
ATOM   621  C C   . THR A 1 97  ? -7.305  -9.857  -7.455  1.00 23.78 ? 211 THR A C   1 
ATOM   622  O O   . THR A 1 97  ? -6.418  -10.641 -7.783  1.00 23.99 ? 211 THR A O   1 
ATOM   623  C CB  . THR A 1 97  ? -8.253  -9.113  -9.669  1.00 26.33 ? 211 THR A CB  1 
ATOM   624  O OG1 . THR A 1 97  ? -8.686  -7.975  -10.419 1.00 31.06 ? 211 THR A OG1 1 
ATOM   625  C CG2 . THR A 1 97  ? -9.446  -10.010 -9.429  1.00 34.33 ? 211 THR A CG2 1 
ATOM   626  N N   . PHE A 1 98  ? -8.025  -9.997  -6.346  1.00 22.83 ? 212 PHE A N   1 
ATOM   627  C CA  . PHE A 1 98  ? -7.884  -11.146 -5.449  1.00 24.32 ? 212 PHE A CA  1 
ATOM   628  C C   . PHE A 1 98  ? -9.191  -11.946 -5.552  1.00 25.63 ? 212 PHE A C   1 
ATOM   629  O O   . PHE A 1 98  ? -10.242 -11.462 -5.139  1.00 23.19 ? 212 PHE A O   1 
ATOM   630  C CB  . PHE A 1 98  ? -7.702  -10.694 -3.994  1.00 25.18 ? 212 PHE A CB  1 
ATOM   631  C CG  . PHE A 1 98  ? -6.409  -9.985  -3.733  1.00 30.98 ? 212 PHE A CG  1 
ATOM   632  C CD1 . PHE A 1 98  ? -5.259  -10.703 -3.409  1.00 32.10 ? 212 PHE A CD1 1 
ATOM   633  C CD2 . PHE A 1 98  ? -6.328  -8.594  -3.824  1.00 32.83 ? 212 PHE A CD2 1 
ATOM   634  C CE1 . PHE A 1 98  ? -4.049  -10.042 -3.182  1.00 31.24 ? 212 PHE A CE1 1 
ATOM   635  C CE2 . PHE A 1 98  ? -5.121  -7.926  -3.600  1.00 30.61 ? 212 PHE A CE2 1 
ATOM   636  C CZ  . PHE A 1 98  ? -3.985  -8.652  -3.279  1.00 31.51 ? 212 PHE A CZ  1 
ATOM   637  N N   . LYS A 1 99  ? -9.144  -13.138 -6.135  1.00 27.80 ? 213 LYS A N   1 
ATOM   638  C CA  . LYS A 1 99  ? -10.343 -13.977 -6.257  1.00 30.83 ? 213 LYS A CA  1 
ATOM   639  C C   . LYS A 1 99  ? -10.601 -14.693 -4.932  1.00 30.03 ? 213 LYS A C   1 
ATOM   640  O O   . LYS A 1 99  ? -10.113 -15.796 -4.704  1.00 31.25 ? 213 LYS A O   1 
ATOM   641  C CB  . LYS A 1 99  ? -10.177 -14.986 -7.396  1.00 35.22 ? 213 LYS A CB  1 
ATOM   642  C CG  . LYS A 1 99  ? -9.873  -14.330 -8.749  1.00 43.13 ? 213 LYS A CG  1 
ATOM   643  C CD  . LYS A 1 99  ? -9.816  -15.361 -9.858  1.00 49.81 ? 213 LYS A CD  1 
ATOM   644  C CE  . LYS A 1 99  ? -9.551  -14.720 -11.218 1.00 55.03 ? 213 LYS A CE  1 
ATOM   645  N NZ  . LYS A 1 99  ? -9.597  -15.731 -12.334 1.00 58.28 ? 213 LYS A NZ  1 
ATOM   646  N N   . VAL A 1 100 ? -11.331 -14.026 -4.048  1.00 26.82 ? 214 VAL A N   1 
ATOM   647  C CA  . VAL A 1 100 ? -11.640 -14.558 -2.732  1.00 27.16 ? 214 VAL A CA  1 
ATOM   648  C C   . VAL A 1 100 ? -13.142 -14.425 -2.488  1.00 28.04 ? 214 VAL A C   1 
ATOM   649  O O   . VAL A 1 100 ? -13.704 -13.350 -2.685  1.00 25.15 ? 214 VAL A O   1 
ATOM   650  C CB  . VAL A 1 100 ? -10.963 -13.706 -1.607  1.00 26.63 ? 214 VAL A CB  1 
ATOM   651  C CG1 . VAL A 1 100 ? -11.202 -14.320 -0.227  1.00 26.66 ? 214 VAL A CG1 1 
ATOM   652  C CG2 . VAL A 1 100 ? -9.492  -13.517 -1.862  1.00 30.36 ? 214 VAL A CG2 1 
ATOM   653  N N   . PRO A 1 101 ? -13.806 -15.517 -2.051  1.00 27.96 ? 215 PRO A N   1 
ATOM   654  C CA  . PRO A 1 101 ? -15.246 -15.496 -1.765  1.00 27.42 ? 215 PRO A CA  1 
ATOM   655  C C   . PRO A 1 101 ? -15.462 -14.537 -0.610  1.00 25.41 ? 215 PRO A C   1 
ATOM   656  O O   . PRO A 1 101 ? -14.644 -14.490 0.315   1.00 24.22 ? 215 PRO A O   1 
ATOM   657  C CB  . PRO A 1 101 ? -15.514 -16.930 -1.321  1.00 27.62 ? 215 PRO A CB  1 
ATOM   658  C CG  . PRO A 1 101 ? -14.563 -17.702 -2.143  1.00 28.32 ? 215 PRO A CG  1 
ATOM   659  C CD  . PRO A 1 101 ? -13.295 -16.894 -2.024  1.00 26.69 ? 215 PRO A CD  1 
ATOM   660  N N   . TYR A 1 102 ? -16.576 -13.811 -0.621  1.00 25.51 ? 216 TYR A N   1 
ATOM   661  C CA  . TYR A 1 102 ? -16.846 -12.839 0.435   1.00 25.37 ? 216 TYR A CA  1 
ATOM   662  C C   . TYR A 1 102 ? -16.786 -13.433 1.834   1.00 26.57 ? 216 TYR A C   1 
ATOM   663  O O   . TYR A 1 102 ? -16.253 -12.821 2.757   1.00 24.38 ? 216 TYR A O   1 
ATOM   664  C CB  . TYR A 1 102 ? -18.200 -12.159 0.231   1.00 26.33 ? 216 TYR A CB  1 
ATOM   665  C CG  . TYR A 1 102 ? -18.484 -11.131 1.300   1.00 29.02 ? 216 TYR A CG  1 
ATOM   666  C CD1 . TYR A 1 102 ? -18.042 -9.822  1.154   1.00 32.83 ? 216 TYR A CD1 1 
ATOM   667  C CD2 . TYR A 1 102 ? -19.124 -11.482 2.492   1.00 26.90 ? 216 TYR A CD2 1 
ATOM   668  C CE1 . TYR A 1 102 ? -18.220 -8.887  2.162   1.00 33.82 ? 216 TYR A CE1 1 
ATOM   669  C CE2 . TYR A 1 102 ? -19.300 -10.550 3.511   1.00 29.48 ? 216 TYR A CE2 1 
ATOM   670  C CZ  . TYR A 1 102 ? -18.845 -9.255  3.334   1.00 32.08 ? 216 TYR A CZ  1 
ATOM   671  O OH  . TYR A 1 102 ? -19.008 -8.306  4.316   1.00 34.93 ? 216 TYR A OH  1 
ATOM   672  N N   . SER A 1 103 ? -17.359 -14.616 1.991   1.00 28.27 ? 217 SER A N   1 
ATOM   673  C CA  . SER A 1 103 ? -17.382 -15.268 3.281   1.00 35.30 ? 217 SER A CA  1 
ATOM   674  C C   . SER A 1 103 ? -15.988 -15.546 3.847   1.00 38.38 ? 217 SER A C   1 
ATOM   675  O O   . SER A 1 103 ? -15.819 -15.624 5.068   1.00 43.36 ? 217 SER A O   1 
ATOM   676  C CB  . SER A 1 103 ? -18.225 -16.544 3.211   1.00 35.00 ? 217 SER A CB  1 
ATOM   677  O OG  . SER A 1 103 ? -17.873 -17.342 2.093   1.00 43.15 ? 217 SER A OG  1 
ATOM   678  N N   . GLU A 1 104 ? -14.988 -15.662 2.976   1.00 39.75 ? 218 GLU A N   1 
ATOM   679  C CA  . GLU A 1 104 ? -13.613 -15.917 3.415   1.00 41.05 ? 218 GLU A CA  1 
ATOM   680  C C   . GLU A 1 104 ? -12.851 -14.630 3.709   1.00 40.40 ? 218 GLU A C   1 
ATOM   681  O O   . GLU A 1 104 ? -11.833 -14.645 4.388   1.00 44.24 ? 218 GLU A O   1 
ATOM   682  C CB  . GLU A 1 104 ? -12.848 -16.696 2.347   1.00 42.78 ? 218 GLU A CB  1 
ATOM   683  C CG  . GLU A 1 104 ? -13.279 -18.140 2.185   1.00 52.37 ? 218 GLU A CG  1 
ATOM   684  C CD  . GLU A 1 104 ? -12.495 -18.879 1.104   1.00 59.05 ? 218 GLU A CD  1 
ATOM   685  O OE1 . GLU A 1 104 ? -11.344 -18.486 0.796   1.00 61.41 ? 218 GLU A OE1 1 
ATOM   686  O OE2 . GLU A 1 104 ? -13.038 -19.862 0.556   1.00 64.42 ? 218 GLU A OE2 1 
ATOM   687  N N   . LEU A 1 105 ? -13.379 -13.514 3.231   1.00 39.50 ? 219 LEU A N   1 
ATOM   688  C CA  . LEU A 1 105 ? -12.747 -12.210 3.364   1.00 36.81 ? 219 LEU A CA  1 
ATOM   689  C C   . LEU A 1 105 ? -12.599 -11.634 4.773   1.00 36.72 ? 219 LEU A C   1 
ATOM   690  O O   . LEU A 1 105 ? -11.564 -11.060 5.120   1.00 35.22 ? 219 LEU A O   1 
ATOM   691  C CB  . LEU A 1 105 ? -13.513 -11.220 2.487   1.00 34.98 ? 219 LEU A CB  1 
ATOM   692  C CG  . LEU A 1 105 ? -12.749 -10.064 1.864   1.00 37.31 ? 219 LEU A CG  1 
ATOM   693  C CD1 . LEU A 1 105 ? -11.622 -10.615 0.960   1.00 35.44 ? 219 LEU A CD1 1 
ATOM   694  C CD2 . LEU A 1 105 ? -13.736 -9.197  1.089   1.00 34.23 ? 219 LEU A CD2 1 
ATOM   695  N N   . GLY A 1 106 ? -13.644 -11.771 5.573   1.00 37.61 ? 220 GLY A N   1 
ATOM   696  C CA  . GLY A 1 106 ? -13.648 -11.222 6.917   1.00 37.10 ? 220 GLY A CA  1 
ATOM   697  C C   . GLY A 1 106 ? -12.420 -11.385 7.783   1.00 36.23 ? 220 GLY A C   1 
ATOM   698  O O   . GLY A 1 106 ? -12.038 -10.448 8.490   1.00 39.12 ? 220 GLY A O   1 
ATOM   699  N N   . GLY A 1 107 ? -11.784 -12.550 7.727   1.00 33.64 ? 221 GLY A N   1 
ATOM   700  C CA  . GLY A 1 107 ? -10.617 -12.763 8.566   1.00 32.72 ? 221 GLY A CA  1 
ATOM   701  C C   . GLY A 1 107 ? -9.283  -12.286 8.015   1.00 31.24 ? 221 GLY A C   1 
ATOM   702  O O   . GLY A 1 107 ? -8.258  -12.433 8.671   1.00 30.12 ? 221 GLY A O   1 
ATOM   703  N N   . LYS A 1 108 ? -9.299  -11.669 6.842   1.00 29.36 ? 222 LYS A N   1 
ATOM   704  C CA  . LYS A 1 108 ? -8.071  -11.213 6.206   1.00 26.46 ? 222 LYS A CA  1 
ATOM   705  C C   . LYS A 1 108 ? -7.748  -9.738  6.372   1.00 25.82 ? 222 LYS A C   1 
ATOM   706  O O   . LYS A 1 108 ? -8.590  -8.929  6.788   1.00 25.27 ? 222 LYS A O   1 
ATOM   707  C CB  . LYS A 1 108 ? -8.090  -11.615 4.736   1.00 26.51 ? 222 LYS A CB  1 
ATOM   708  C CG  . LYS A 1 108 ? -8.298  -13.106 4.597   1.00 30.06 ? 222 LYS A CG  1 
ATOM   709  C CD  . LYS A 1 108 ? -8.384  -13.544 3.166   1.00 36.54 ? 222 LYS A CD  1 
ATOM   710  C CE  . LYS A 1 108 ? -8.587  -15.043 3.093   1.00 37.33 ? 222 LYS A CE  1 
ATOM   711  N NZ  . LYS A 1 108 ? -7.548  -15.758 3.878   1.00 45.10 ? 222 LYS A NZ  1 
ATOM   712  N N   . THR A 1 109 ? -6.490  -9.406  6.120   1.00 23.62 ? 223 THR A N   1 
ATOM   713  C CA  . THR A 1 109 ? -6.015  -8.041  6.233   1.00 23.40 ? 223 THR A CA  1 
ATOM   714  C C   . THR A 1 109 ? -5.227  -7.696  4.987   1.00 22.09 ? 223 THR A C   1 
ATOM   715  O O   . THR A 1 109 ? -4.367  -8.457  4.556   1.00 19.39 ? 223 THR A O   1 
ATOM   716  C CB  . THR A 1 109 ? -5.132  -7.886  7.466   1.00 21.96 ? 223 THR A CB  1 
ATOM   717  O OG1 . THR A 1 109 ? -5.925  -8.168  8.617   1.00 29.40 ? 223 THR A OG1 1 
ATOM   718  C CG2 . THR A 1 109 ? -4.573  -6.465  7.582   1.00 19.47 ? 223 THR A CG2 1 
ATOM   719  N N   . LEU A 1 110 ? -5.601  -6.603  4.348   1.00 21.49 ? 224 LEU A N   1 
ATOM   720  C CA  . LEU A 1 110 ? -4.897  -6.177  3.156   1.00 19.72 ? 224 LEU A CA  1 
ATOM   721  C C   . LEU A 1 110 ? -3.693  -5.341  3.590   1.00 17.73 ? 224 LEU A C   1 
ATOM   722  O O   . LEU A 1 110 ? -3.835  -4.408  4.389   1.00 16.94 ? 224 LEU A O   1 
ATOM   723  C CB  . LEU A 1 110 ? -5.828  -5.350  2.276   1.00 20.54 ? 224 LEU A CB  1 
ATOM   724  C CG  . LEU A 1 110 ? -5.258  -4.809  0.961   1.00 20.76 ? 224 LEU A CG  1 
ATOM   725  C CD1 . LEU A 1 110 ? -5.000  -5.933  -0.038  1.00 17.99 ? 224 LEU A CD1 1 
ATOM   726  C CD2 . LEU A 1 110 ? -6.241  -3.800  0.405   1.00 24.53 ? 224 LEU A CD2 1 
ATOM   727  N N   . VAL A 1 111 ? -2.511  -5.701  3.098   1.00 17.31 ? 225 VAL A N   1 
ATOM   728  C CA  . VAL A 1 111 ? -1.301  -4.957  3.430   1.00 16.92 ? 225 VAL A CA  1 
ATOM   729  C C   . VAL A 1 111 ? -0.759  -4.225  2.202   1.00 13.65 ? 225 VAL A C   1 
ATOM   730  O O   . VAL A 1 111 ? -0.708  -4.791  1.118   1.00 14.95 ? 225 VAL A O   1 
ATOM   731  C CB  . VAL A 1 111 ? -0.167  -5.886  3.939   1.00 17.18 ? 225 VAL A CB  1 
ATOM   732  C CG1 . VAL A 1 111 ? 1.071   -5.056  4.332   1.00 18.10 ? 225 VAL A CG1 1 
ATOM   733  C CG2 . VAL A 1 111 ? -0.653  -6.720  5.102   1.00 19.57 ? 225 VAL A CG2 1 
ATOM   734  N N   . MET A 1 112 ? -0.406  -2.958  2.376   1.00 15.41 ? 226 MET A N   1 
ATOM   735  C CA  . MET A 1 112 ? 0.199   -2.174  1.311   1.00 17.76 ? 226 MET A CA  1 
ATOM   736  C C   . MET A 1 112 ? 1.485   -1.576  1.861   1.00 16.37 ? 226 MET A C   1 
ATOM   737  O O   . MET A 1 112 ? 1.474   -0.903  2.879   1.00 17.64 ? 226 MET A O   1 
ATOM   738  C CB  . MET A 1 112 ? -0.740  -1.087  0.812   1.00 19.60 ? 226 MET A CB  1 
ATOM   739  C CG  . MET A 1 112 ? -1.849  -1.684  -0.048  1.00 24.16 ? 226 MET A CG  1 
ATOM   740  S SD  . MET A 1 112 ? -3.130  -0.539  -0.414  1.00 31.06 ? 226 MET A SD  1 
ATOM   741  C CE  . MET A 1 112 ? -4.263  -0.926  0.908   1.00 31.74 ? 226 MET A CE  1 
ATOM   742  N N   . ALA A 1 113 ? 2.590   -1.863  1.189   1.00 15.92 ? 227 ALA A N   1 
ATOM   743  C CA  . ALA A 1 113 ? 3.910   -1.390  1.598   1.00 15.77 ? 227 ALA A CA  1 
ATOM   744  C C   . ALA A 1 113 ? 4.680   -0.821  0.403   1.00 15.11 ? 227 ALA A C   1 
ATOM   745  O O   . ALA A 1 113 ? 4.751   -1.428  -0.668  1.00 15.58 ? 227 ALA A O   1 
ATOM   746  C CB  . ALA A 1 113 ? 4.702   -2.541  2.243   1.00 12.55 ? 227 ALA A CB  1 
ATOM   747  N N   . VAL A 1 114 ? 5.226   0.368   0.598   1.00 15.82 ? 228 VAL A N   1 
ATOM   748  C CA  . VAL A 1 114 ? 5.996   1.033   -0.430  1.00 17.22 ? 228 VAL A CA  1 
ATOM   749  C C   . VAL A 1 114 ? 7.492   0.721   -0.178  1.00 17.95 ? 228 VAL A C   1 
ATOM   750  O O   . VAL A 1 114 ? 7.977   0.841   0.962   1.00 16.47 ? 228 VAL A O   1 
ATOM   751  C CB  . VAL A 1 114 ? 5.756   2.563   -0.358  1.00 18.08 ? 228 VAL A CB  1 
ATOM   752  C CG1 . VAL A 1 114 ? 6.482   3.284   -1.504  1.00 18.32 ? 228 VAL A CG1 1 
ATOM   753  C CG2 . VAL A 1 114 ? 4.249   2.870   -0.382  1.00 17.19 ? 228 VAL A CG2 1 
ATOM   754  N N   . TYR A 1 115 ? 8.187   0.264   -1.214  1.00 16.21 ? 229 TYR A N   1 
ATOM   755  C CA  . TYR A 1 115 ? 9.615   -0.038  -1.140  1.00 18.60 ? 229 TYR A CA  1 
ATOM   756  C C   . TYR A 1 115 ? 10.381  0.887   -2.081  1.00 21.17 ? 229 TYR A C   1 
ATOM   757  O O   . TYR A 1 115 ? 9.795   1.473   -2.990  1.00 20.47 ? 229 TYR A O   1 
ATOM   758  C CB  . TYR A 1 115 ? 9.889   -1.474  -1.605  1.00 20.84 ? 229 TYR A CB  1 
ATOM   759  C CG  . TYR A 1 115 ? 9.512   -2.539  -0.615  1.00 26.31 ? 229 TYR A CG  1 
ATOM   760  C CD1 . TYR A 1 115 ? 8.182   -2.935  -0.462  1.00 23.78 ? 229 TYR A CD1 1 
ATOM   761  C CD2 . TYR A 1 115 ? 10.480  -3.106  0.220   1.00 27.40 ? 229 TYR A CD2 1 
ATOM   762  C CE1 . TYR A 1 115 ? 7.821   -3.862  0.505   1.00 28.23 ? 229 TYR A CE1 1 
ATOM   763  C CE2 . TYR A 1 115 ? 10.134  -4.036  1.184   1.00 28.98 ? 229 TYR A CE2 1 
ATOM   764  C CZ  . TYR A 1 115 ? 8.802   -4.408  1.328   1.00 29.65 ? 229 TYR A CZ  1 
ATOM   765  O OH  . TYR A 1 115 ? 8.449   -5.304  2.310   1.00 33.07 ? 229 TYR A OH  1 
ATOM   766  N N   . ASP A 1 116 ? 11.686  1.018   -1.847  1.00 18.47 ? 230 ASP A N   1 
ATOM   767  C CA  . ASP A 1 116 ? 12.581  1.793   -2.696  1.00 18.11 ? 230 ASP A CA  1 
ATOM   768  C C   . ASP A 1 116 ? 13.378  0.714   -3.444  1.00 21.28 ? 230 ASP A C   1 
ATOM   769  O O   . ASP A 1 116 ? 14.092  -0.088  -2.828  1.00 20.80 ? 230 ASP A O   1 
ATOM   770  C CB  . ASP A 1 116 ? 13.514  2.669   -1.845  1.00 20.80 ? 230 ASP A CB  1 
ATOM   771  C CG  . ASP A 1 116 ? 14.573  3.413   -2.678  1.00 24.60 ? 230 ASP A CG  1 
ATOM   772  O OD1 . ASP A 1 116 ? 14.401  3.602   -3.898  1.00 20.69 ? 230 ASP A OD1 1 
ATOM   773  O OD2 . ASP A 1 116 ? 15.596  3.814   -2.092  1.00 29.64 ? 230 ASP A OD2 1 
ATOM   774  N N   . PHE A 1 117 ? 13.169  0.618   -4.753  1.00 18.39 ? 231 PHE A N   1 
ATOM   775  C CA  . PHE A 1 117 ? 13.864  -0.374  -5.553  1.00 19.82 ? 231 PHE A CA  1 
ATOM   776  C C   . PHE A 1 117 ? 15.359  -0.096  -5.644  1.00 20.36 ? 231 PHE A C   1 
ATOM   777  O O   . PHE A 1 117 ? 15.770  1.060   -5.783  1.00 20.25 ? 231 PHE A O   1 
ATOM   778  C CB  . PHE A 1 117 ? 13.295  -0.406  -6.975  1.00 22.98 ? 231 PHE A CB  1 
ATOM   779  C CG  . PHE A 1 117 ? 14.040  -1.329  -7.919  1.00 21.30 ? 231 PHE A CG  1 
ATOM   780  C CD1 . PHE A 1 117 ? 13.740  -2.680  -7.967  1.00 20.37 ? 231 PHE A CD1 1 
ATOM   781  C CD2 . PHE A 1 117 ? 15.023  -0.828  -8.771  1.00 22.49 ? 231 PHE A CD2 1 
ATOM   782  C CE1 . PHE A 1 117 ? 14.404  -3.524  -8.852  1.00 24.02 ? 231 PHE A CE1 1 
ATOM   783  C CE2 . PHE A 1 117 ? 15.689  -1.664  -9.656  1.00 19.85 ? 231 PHE A CE2 1 
ATOM   784  C CZ  . PHE A 1 117 ? 15.380  -3.012  -9.699  1.00 20.13 ? 231 PHE A CZ  1 
ATOM   785  N N   . ASP A 1 118 ? 16.149  -1.164  -5.578  1.00 21.11 ? 232 ASP A N   1 
ATOM   786  C CA  . ASP A 1 118 ? 17.604  -1.083  -5.702  1.00 22.46 ? 232 ASP A CA  1 
ATOM   787  C C   . ASP A 1 118 ? 17.985  -2.360  -6.398  1.00 20.83 ? 232 ASP A C   1 
ATOM   788  O O   . ASP A 1 118 ? 17.598  -3.450  -5.991  1.00 21.13 ? 232 ASP A O   1 
ATOM   789  C CB  . ASP A 1 118 ? 18.311  -1.009  -4.351  1.00 27.13 ? 232 ASP A CB  1 
ATOM   790  C CG  . ASP A 1 118 ? 19.797  -0.615  -4.477  1.00 34.51 ? 232 ASP A CG  1 
ATOM   791  O OD1 . ASP A 1 118 ? 20.513  -1.109  -5.375  1.00 31.37 ? 232 ASP A OD1 1 
ATOM   792  O OD2 . ASP A 1 118 ? 20.257  0.196   -3.654  1.00 40.98 ? 232 ASP A OD2 1 
ATOM   793  N N   . ARG A 1 119 ? 18.699  -2.209  -7.497  1.00 24.16 ? 233 ARG A N   1 
ATOM   794  C CA  . ARG A 1 119 ? 19.144  -3.338  -8.300  1.00 27.34 ? 233 ARG A CA  1 
ATOM   795  C C   . ARG A 1 119 ? 20.209  -4.180  -7.587  1.00 27.67 ? 233 ARG A C   1 
ATOM   796  O O   . ARG A 1 119 ? 20.205  -5.401  -7.685  1.00 30.47 ? 233 ARG A O   1 
ATOM   797  C CB  . ARG A 1 119 ? 19.724  -2.806  -9.623  1.00 28.36 ? 233 ARG A CB  1 
ATOM   798  C CG  . ARG A 1 119 ? 20.404  -3.840  -10.515 1.00 27.56 ? 233 ARG A CG  1 
ATOM   799  C CD  . ARG A 1 119 ? 19.424  -4.615  -11.353 1.00 31.52 ? 233 ARG A CD  1 
ATOM   800  N NE  . ARG A 1 119 ? 18.666  -3.702  -12.195 1.00 34.19 ? 233 ARG A NE  1 
ATOM   801  C CZ  . ARG A 1 119 ? 17.532  -4.014  -12.815 1.00 38.19 ? 233 ARG A CZ  1 
ATOM   802  N NH1 . ARG A 1 119 ? 17.022  -5.235  -12.716 1.00 38.50 ? 233 ARG A NH1 1 
ATOM   803  N NH2 . ARG A 1 119 ? 16.853  -3.072  -13.456 1.00 38.78 ? 233 ARG A NH2 1 
ATOM   804  N N   . PHE A 1 120 ? 21.075  -3.525  -6.826  1.00 28.50 ? 234 PHE A N   1 
ATOM   805  C CA  . PHE A 1 120 ? 22.190  -4.199  -6.171  1.00 29.12 ? 234 PHE A CA  1 
ATOM   806  C C   . PHE A 1 120 ? 22.135  -4.422  -4.675  1.00 33.21 ? 234 PHE A C   1 
ATOM   807  O O   . PHE A 1 120 ? 22.912  -5.203  -4.144  1.00 36.04 ? 234 PHE A O   1 
ATOM   808  C CB  . PHE A 1 120 ? 23.466  -3.455  -6.560  1.00 25.28 ? 234 PHE A CB  1 
ATOM   809  C CG  . PHE A 1 120 ? 23.599  -3.276  -8.043  1.00 24.41 ? 234 PHE A CG  1 
ATOM   810  C CD1 . PHE A 1 120 ? 23.805  -4.387  -8.874  1.00 23.18 ? 234 PHE A CD1 1 
ATOM   811  C CD2 . PHE A 1 120 ? 23.434  -2.022  -8.623  1.00 23.29 ? 234 PHE A CD2 1 
ATOM   812  C CE1 . PHE A 1 120 ? 23.841  -4.242  -10.265 1.00 22.62 ? 234 PHE A CE1 1 
ATOM   813  C CE2 . PHE A 1 120 ? 23.469  -1.866  -10.013 1.00 22.37 ? 234 PHE A CE2 1 
ATOM   814  C CZ  . PHE A 1 120 ? 23.670  -2.976  -10.834 1.00 21.80 ? 234 PHE A CZ  1 
ATOM   815  N N   . SER A 1 121 ? 21.218  -3.748  -3.996  1.00 35.77 ? 235 SER A N   1 
ATOM   816  C CA  . SER A 1 121 ? 21.083  -3.881  -2.549  1.00 36.67 ? 235 SER A CA  1 
ATOM   817  C C   . SER A 1 121 ? 19.658  -4.303  -2.168  1.00 37.17 ? 235 SER A C   1 
ATOM   818  O O   . SER A 1 121 ? 18.742  -4.296  -3.003  1.00 33.83 ? 235 SER A O   1 
ATOM   819  C CB  . SER A 1 121 ? 21.398  -2.545  -1.884  1.00 40.76 ? 235 SER A CB  1 
ATOM   820  O OG  . SER A 1 121 ? 22.266  -1.762  -2.692  1.00 50.03 ? 235 SER A OG  1 
ATOM   821  N N   . LYS A 1 122 ? 19.475  -4.661  -0.899  1.00 36.92 ? 236 LYS A N   1 
ATOM   822  C CA  . LYS A 1 122 ? 18.166  -5.056  -0.407  1.00 35.39 ? 236 LYS A CA  1 
ATOM   823  C C   . LYS A 1 122 ? 17.278  -3.833  -0.582  1.00 32.21 ? 236 LYS A C   1 
ATOM   824  O O   . LYS A 1 122 ? 17.731  -2.701  -0.376  1.00 32.22 ? 236 LYS A O   1 
ATOM   825  C CB  . LYS A 1 122 ? 18.229  -5.438  1.081   1.00 41.09 ? 236 LYS A CB  1 
ATOM   826  C CG  . LYS A 1 122 ? 18.347  -4.251  2.051   1.00 48.01 ? 236 LYS A CG  1 
ATOM   827  C CD  . LYS A 1 122 ? 18.153  -4.675  3.516   1.00 53.37 ? 236 LYS A CD  1 
ATOM   828  C CE  . LYS A 1 122 ? 16.916  -5.572  3.716   1.00 58.36 ? 236 LYS A CE  1 
ATOM   829  N NZ  . LYS A 1 122 ? 15.612  -4.962  3.286   1.00 61.86 ? 236 LYS A NZ  1 
ATOM   830  N N   . HIS A 1 123 ? 16.038  -4.054  -1.009  1.00 27.96 ? 237 HIS A N   1 
ATOM   831  C CA  . HIS A 1 123 ? 15.116  -2.942  -1.200  1.00 25.10 ? 237 HIS A CA  1 
ATOM   832  C C   . HIS A 1 123 ? 14.677  -2.460  0.171   1.00 21.94 ? 237 HIS A C   1 
ATOM   833  O O   . HIS A 1 123 ? 14.243  -3.255  1.000   1.00 23.94 ? 237 HIS A O   1 
ATOM   834  C CB  . HIS A 1 123 ? 13.896  -3.378  -2.021  1.00 24.45 ? 237 HIS A CB  1 
ATOM   835  C CG  . HIS A 1 123 ? 14.235  -3.930  -3.367  1.00 25.41 ? 237 HIS A CG  1 
ATOM   836  N ND1 . HIS A 1 123 ? 13.290  -4.466  -4.214  1.00 22.30 ? 237 HIS A ND1 1 
ATOM   837  C CD2 . HIS A 1 123 ? 15.424  -4.047  -4.010  1.00 27.31 ? 237 HIS A CD2 1 
ATOM   838  C CE1 . HIS A 1 123 ? 13.876  -4.892  -5.320  1.00 27.58 ? 237 HIS A CE1 1 
ATOM   839  N NE2 . HIS A 1 123 ? 15.173  -4.645  -5.220  1.00 27.08 ? 237 HIS A NE2 1 
ATOM   840  N N   . ASP A 1 124 ? 14.839  -1.172  0.427   1.00 18.24 ? 238 ASP A N   1 
ATOM   841  C CA  . ASP A 1 124 ? 14.431  -0.626  1.692   1.00 22.08 ? 238 ASP A CA  1 
ATOM   842  C C   . ASP A 1 124 ? 12.931  -0.372  1.692   1.00 23.50 ? 238 ASP A C   1 
ATOM   843  O O   . ASP A 1 124 ? 12.378  0.108   0.711   1.00 21.24 ? 238 ASP A O   1 
ATOM   844  C CB  . ASP A 1 124 ? 15.162  0.684   1.974   1.00 28.12 ? 238 ASP A CB  1 
ATOM   845  C CG  . ASP A 1 124 ? 16.600  0.478   2.445   1.00 38.14 ? 238 ASP A CG  1 
ATOM   846  O OD1 . ASP A 1 124 ? 16.925  -0.593  3.022   1.00 42.64 ? 238 ASP A OD1 1 
ATOM   847  O OD2 . ASP A 1 124 ? 17.407  1.411   2.253   1.00 45.47 ? 238 ASP A OD2 1 
ATOM   848  N N   . ILE A 1 125 ? 12.263  -0.729  2.779   1.00 22.66 ? 239 ILE A N   1 
ATOM   849  C CA  . ILE A 1 125 ? 10.843  -0.468  2.877   1.00 22.27 ? 239 ILE A CA  1 
ATOM   850  C C   . ILE A 1 125 ? 10.736  0.964   3.364   1.00 20.35 ? 239 ILE A C   1 
ATOM   851  O O   . ILE A 1 125 ? 11.506  1.392   4.220   1.00 22.27 ? 239 ILE A O   1 
ATOM   852  C CB  . ILE A 1 125 ? 10.139  -1.429  3.863   1.00 25.42 ? 239 ILE A CB  1 
ATOM   853  C CG1 . ILE A 1 125 ? 8.633   -1.179  3.843   1.00 23.37 ? 239 ILE A CG1 1 
ATOM   854  C CG2 . ILE A 1 125 ? 10.692  -1.267  5.274   1.00 25.48 ? 239 ILE A CG2 1 
ATOM   855  C CD1 . ILE A 1 125 ? 7.867   -2.108  4.733   1.00 27.81 ? 239 ILE A CD1 1 
ATOM   856  N N   . ILE A 1 126 ? 9.880   1.737   2.714   1.00 15.56 ? 240 ILE A N   1 
ATOM   857  C CA  . ILE A 1 126 ? 9.649   3.125   3.076   1.00 14.88 ? 240 ILE A CA  1 
ATOM   858  C C   . ILE A 1 126 ? 8.568   3.209   4.170   1.00 15.42 ? 240 ILE A C   1 
ATOM   859  O O   . ILE A 1 126 ? 8.743   3.890   5.189   1.00 14.71 ? 240 ILE A O   1 
ATOM   860  C CB  . ILE A 1 126 ? 9.223   3.933   1.821   1.00 16.57 ? 240 ILE A CB  1 
ATOM   861  C CG1 . ILE A 1 126 ? 10.427  4.096   0.891   1.00 17.82 ? 240 ILE A CG1 1 
ATOM   862  C CG2 . ILE A 1 126 ? 8.623   5.271   2.208   1.00 17.28 ? 240 ILE A CG2 1 
ATOM   863  C CD1 . ILE A 1 126 ? 10.102  4.613   -0.500  1.00 20.57 ? 240 ILE A CD1 1 
ATOM   864  N N   . GLY A 1 127 ? 7.461   2.501   3.968   1.00 13.85 ? 241 GLY A N   1 
ATOM   865  C CA  . GLY A 1 127 ? 6.401   2.541   4.946   1.00 14.01 ? 241 GLY A CA  1 
ATOM   866  C C   . GLY A 1 127 ? 5.298   1.611   4.510   1.00 15.66 ? 241 GLY A C   1 
ATOM   867  O O   . GLY A 1 127 ? 5.335   1.101   3.387   1.00 13.57 ? 241 GLY A O   1 
ATOM   868  N N   . GLU A 1 128 ? 4.329   1.396   5.402   1.00 16.24 ? 242 GLU A N   1 
ATOM   869  C CA  . GLU A 1 128 ? 3.203   0.510   5.137   1.00 16.24 ? 242 GLU A CA  1 
ATOM   870  C C   . GLU A 1 128 ? 1.983   0.850   5.973   1.00 11.92 ? 242 GLU A C   1 
ATOM   871  O O   . GLU A 1 128 ? 2.017   1.740   6.805   1.00 14.55 ? 242 GLU A O   1 
ATOM   872  C CB  . GLU A 1 128 ? 3.595   -0.944  5.426   1.00 18.76 ? 242 GLU A CB  1 
ATOM   873  C CG  . GLU A 1 128 ? 4.323   -1.158  6.767   1.00 31.34 ? 242 GLU A CG  1 
ATOM   874  C CD  . GLU A 1 128 ? 3.457   -1.708  7.902   1.00 36.64 ? 242 GLU A CD  1 
ATOM   875  O OE1 . GLU A 1 128 ? 2.254   -1.394  7.991   1.00 41.45 ? 242 GLU A OE1 1 
ATOM   876  O OE2 . GLU A 1 128 ? 4.006   -2.451  8.741   1.00 44.86 ? 242 GLU A OE2 1 
ATOM   877  N N   . PHE A 1 129 ? 0.887   0.165   5.684   1.00 16.39 ? 243 PHE A N   1 
ATOM   878  C CA  . PHE A 1 129 ? -0.354  0.308   6.436   1.00 16.41 ? 243 PHE A CA  1 
ATOM   879  C C   . PHE A 1 129 ? -1.187  -0.927  6.130   1.00 15.32 ? 243 PHE A C   1 
ATOM   880  O O   . PHE A 1 129 ? -0.986  -1.593  5.114   1.00 14.48 ? 243 PHE A O   1 
ATOM   881  C CB  . PHE A 1 129 ? -1.084  1.660   6.190   1.00 16.49 ? 243 PHE A CB  1 
ATOM   882  C CG  . PHE A 1 129 ? -1.671  1.826   4.809   1.00 19.01 ? 243 PHE A CG  1 
ATOM   883  C CD1 . PHE A 1 129 ? -2.905  1.267   4.486   1.00 19.04 ? 243 PHE A CD1 1 
ATOM   884  C CD2 . PHE A 1 129 ? -0.996  2.556   3.832   1.00 22.13 ? 243 PHE A CD2 1 
ATOM   885  C CE1 . PHE A 1 129 ? -3.451  1.427   3.222   1.00 17.94 ? 243 PHE A CE1 1 
ATOM   886  C CE2 . PHE A 1 129 ? -1.542  2.719   2.559   1.00 22.22 ? 243 PHE A CE2 1 
ATOM   887  C CZ  . PHE A 1 129 ? -2.764  2.153   2.255   1.00 18.33 ? 243 PHE A CZ  1 
ATOM   888  N N   . LYS A 1 130 ? -2.072  -1.278  7.049   1.00 17.56 ? 244 LYS A N   1 
ATOM   889  C CA  . LYS A 1 130 ? -2.888  -2.468  6.895   1.00 20.26 ? 244 LYS A CA  1 
ATOM   890  C C   . LYS A 1 130 ? -4.367  -2.134  6.903   1.00 20.92 ? 244 LYS A C   1 
ATOM   891  O O   . LYS A 1 130 ? -4.793  -1.191  7.569   1.00 22.18 ? 244 LYS A O   1 
ATOM   892  C CB  . LYS A 1 130 ? -2.592  -3.447  8.028   1.00 21.57 ? 244 LYS A CB  1 
ATOM   893  C CG  . LYS A 1 130 ? -1.116  -3.711  8.197   1.00 28.14 ? 244 LYS A CG  1 
ATOM   894  C CD  . LYS A 1 130 ? -0.852  -4.975  8.953   1.00 32.30 ? 244 LYS A CD  1 
ATOM   895  C CE  . LYS A 1 130 ? 0.622   -5.300  8.885   1.00 36.22 ? 244 LYS A CE  1 
ATOM   896  N NZ  . LYS A 1 130 ? 1.399   -4.140  9.408   1.00 43.32 ? 244 LYS A NZ  1 
ATOM   897  N N   . VAL A 1 131 ? -5.138  -2.897  6.144   1.00 17.55 ? 245 VAL A N   1 
ATOM   898  C CA  . VAL A 1 131 ? -6.572  -2.684  6.099   1.00 20.38 ? 245 VAL A CA  1 
ATOM   899  C C   . VAL A 1 131 ? -7.308  -3.978  6.465   1.00 16.97 ? 245 VAL A C   1 
ATOM   900  O O   . VAL A 1 131 ? -7.346  -4.925  5.675   1.00 18.17 ? 245 VAL A O   1 
ATOM   901  C CB  . VAL A 1 131 ? -7.044  -2.164  4.705   1.00 21.49 ? 245 VAL A CB  1 
ATOM   902  C CG1 . VAL A 1 131 ? -8.552  -1.830  4.737   1.00 19.52 ? 245 VAL A CG1 1 
ATOM   903  C CG2 . VAL A 1 131 ? -6.235  -0.926  4.293   1.00 20.28 ? 245 VAL A CG2 1 
ATOM   904  N N   . PRO A 1 132 ? -7.802  -4.075  7.721   1.00 19.53 ? 246 PRO A N   1 
ATOM   905  C CA  . PRO A 1 132 ? -8.537  -5.262  8.170   1.00 21.55 ? 246 PRO A CA  1 
ATOM   906  C C   . PRO A 1 132 ? -9.830  -5.286  7.337   1.00 20.79 ? 246 PRO A C   1 
ATOM   907  O O   . PRO A 1 132 ? -10.569 -4.298  7.309   1.00 18.58 ? 246 PRO A O   1 
ATOM   908  C CB  . PRO A 1 132 ? -8.866  -4.924  9.626   1.00 19.92 ? 246 PRO A CB  1 
ATOM   909  C CG  . PRO A 1 132 ? -7.810  -3.986  10.017  1.00 19.56 ? 246 PRO A CG  1 
ATOM   910  C CD  . PRO A 1 132 ? -7.694  -3.102  8.816   1.00 18.92 ? 246 PRO A CD  1 
ATOM   911  N N   . MET A 1 133 ? -10.086 -6.390  6.651   1.00 23.96 ? 247 MET A N   1 
ATOM   912  C CA  . MET A 1 133 ? -11.281 -6.489  5.816   1.00 26.79 ? 247 MET A CA  1 
ATOM   913  C C   . MET A 1 133 ? -12.610 -6.339  6.573   1.00 29.99 ? 247 MET A C   1 
ATOM   914  O O   . MET A 1 133 ? -13.607 -5.894  5.999   1.00 31.41 ? 247 MET A O   1 
ATOM   915  C CB  . MET A 1 133 ? -11.259 -7.771  4.988   1.00 24.83 ? 247 MET A CB  1 
ATOM   916  C CG  . MET A 1 133 ? -10.177 -7.801  3.896   1.00 28.19 ? 247 MET A CG  1 
ATOM   917  S SD  . MET A 1 133 ? -10.306 -6.579  2.533   1.00 31.60 ? 247 MET A SD  1 
ATOM   918  C CE  . MET A 1 133 ? -9.590  -5.150  3.180   1.00 19.48 ? 247 MET A CE  1 
ATOM   919  N N   . ASN A 1 134 ? -12.621 -6.652  7.864   1.00 30.31 ? 248 ASN A N   1 
ATOM   920  C CA  . ASN A 1 134 ? -13.842 -6.525  8.646   1.00 32.42 ? 248 ASN A CA  1 
ATOM   921  C C   . ASN A 1 134 ? -14.176 -5.089  9.043   1.00 33.60 ? 248 ASN A C   1 
ATOM   922  O O   . ASN A 1 134 ? -15.130 -4.855  9.773   1.00 36.61 ? 248 ASN A O   1 
ATOM   923  C CB  . ASN A 1 134 ? -13.802 -7.433  9.877   1.00 35.18 ? 248 ASN A CB  1 
ATOM   924  C CG  . ASN A 1 134 ? -12.662 -7.108  10.826  1.00 36.67 ? 248 ASN A CG  1 
ATOM   925  O OD1 . ASN A 1 134 ? -12.173 -5.983  10.882  1.00 40.51 ? 248 ASN A OD1 1 
ATOM   926  N ND2 . ASN A 1 134 ? -12.246 -8.103  11.592  1.00 39.78 ? 248 ASN A ND2 1 
ATOM   927  N N   . THR A 1 135 ? -13.363 -4.134  8.599   1.00 34.50 ? 249 THR A N   1 
ATOM   928  C CA  . THR A 1 135 ? -13.591 -2.716  8.891   1.00 34.61 ? 249 THR A CA  1 
ATOM   929  C C   . THR A 1 135 ? -14.049 -2.004  7.617   1.00 33.45 ? 249 THR A C   1 
ATOM   930  O O   . THR A 1 135 ? -14.391 -0.821  7.635   1.00 37.38 ? 249 THR A O   1 
ATOM   931  C CB  . THR A 1 135 ? -12.288 -1.999  9.379   1.00 36.72 ? 249 THR A CB  1 
ATOM   932  O OG1 . THR A 1 135 ? -11.247 -2.120  8.385   1.00 35.69 ? 249 THR A OG1 1 
ATOM   933  C CG2 . THR A 1 135 ? -11.814 -2.590  10.679  1.00 36.13 ? 249 THR A CG2 1 
ATOM   934  N N   . VAL A 1 136 ? -14.011 -2.729  6.511   1.00 30.85 ? 250 VAL A N   1 
ATOM   935  C CA  . VAL A 1 136 ? -14.385 -2.191  5.224   1.00 34.47 ? 250 VAL A CA  1 
ATOM   936  C C   . VAL A 1 136 ? -15.885 -2.260  4.954   1.00 33.47 ? 250 VAL A C   1 
ATOM   937  O O   . VAL A 1 136 ? -16.493 -3.309  5.119   1.00 32.57 ? 250 VAL A O   1 
ATOM   938  C CB  . VAL A 1 136 ? -13.679 -2.973  4.097   1.00 36.31 ? 250 VAL A CB  1 
ATOM   939  C CG1 . VAL A 1 136 ? -14.014 -2.370  2.734   1.00 37.83 ? 250 VAL A CG1 1 
ATOM   940  C CG2 . VAL A 1 136 ? -12.185 -2.990  4.332   1.00 39.53 ? 250 VAL A CG2 1 
ATOM   941  N N   . ASP A 1 137 ? -16.476 -1.143  4.547   1.00 34.64 ? 251 ASP A N   1 
ATOM   942  C CA  . ASP A 1 137 ? -17.892 -1.135  4.197   1.00 37.40 ? 251 ASP A CA  1 
ATOM   943  C C   . ASP A 1 137 ? -17.927 -1.462  2.712   1.00 34.63 ? 251 ASP A C   1 
ATOM   944  O O   . ASP A 1 137 ? -17.502 -0.668  1.873   1.00 34.33 ? 251 ASP A O   1 
ATOM   945  C CB  . ASP A 1 137 ? -18.548 0.234   4.463   1.00 43.88 ? 251 ASP A CB  1 
ATOM   946  C CG  . ASP A 1 137 ? -20.018 0.319   3.955   1.00 51.12 ? 251 ASP A CG  1 
ATOM   947  O OD1 . ASP A 1 137 ? -20.635 -0.710  3.595   1.00 55.04 ? 251 ASP A OD1 1 
ATOM   948  O OD2 . ASP A 1 137 ? -20.562 1.447   3.921   1.00 56.01 ? 251 ASP A OD2 1 
ATOM   949  N N   . PHE A 1 138 ? -18.373 -2.665  2.401   1.00 34.28 ? 252 PHE A N   1 
ATOM   950  C CA  . PHE A 1 138 ? -18.470 -3.096  1.025   1.00 36.53 ? 252 PHE A CA  1 
ATOM   951  C C   . PHE A 1 138 ? -19.762 -2.623  0.338   1.00 34.94 ? 252 PHE A C   1 
ATOM   952  O O   . PHE A 1 138 ? -20.571 -1.903  0.924   1.00 34.16 ? 252 PHE A O   1 
ATOM   953  C CB  . PHE A 1 138 ? -18.250 -4.608  0.934   1.00 43.27 ? 252 PHE A CB  1 
ATOM   954  C CG  . PHE A 1 138 ? -16.809 -5.015  1.171   1.00 48.14 ? 252 PHE A CG  1 
ATOM   955  C CD1 . PHE A 1 138 ? -15.788 -4.518  0.347   1.00 49.99 ? 252 PHE A CD1 1 
ATOM   956  C CD2 . PHE A 1 138 ? -16.464 -5.850  2.231   1.00 50.50 ? 252 PHE A CD2 1 
ATOM   957  C CE1 . PHE A 1 138 ? -14.449 -4.855  0.579   1.00 51.16 ? 252 PHE A CE1 1 
ATOM   958  C CE2 . PHE A 1 138 ? -15.122 -6.194  2.472   1.00 51.26 ? 252 PHE A CE2 1 
ATOM   959  C CZ  . PHE A 1 138 ? -14.116 -5.692  1.646   1.00 51.36 ? 252 PHE A CZ  1 
ATOM   960  N N   . GLY A 1 139 ? -19.936 -2.987  -0.920  1.00 34.78 ? 253 GLY A N   1 
ATOM   961  C CA  . GLY A 1 139 ? -21.111 -2.513  -1.618  1.00 41.33 ? 253 GLY A CA  1 
ATOM   962  C C   . GLY A 1 139 ? -21.044 -0.998  -1.750  1.00 43.90 ? 253 GLY A C   1 
ATOM   963  O O   . GLY A 1 139 ? -22.074 -0.330  -1.771  1.00 45.33 ? 253 GLY A O   1 
ATOM   964  N N   . HIS A 1 140 ? -19.821 -0.464  -1.772  1.00 45.14 ? 254 HIS A N   1 
ATOM   965  C CA  . HIS A 1 140 ? -19.499 0.964   -1.918  1.00 42.45 ? 254 HIS A CA  1 
ATOM   966  C C   . HIS A 1 140 ? -18.003 0.994   -2.248  1.00 37.28 ? 254 HIS A C   1 
ATOM   967  O O   . HIS A 1 140 ? -17.235 0.269   -1.614  1.00 35.94 ? 254 HIS A O   1 
ATOM   968  C CB  . HIS A 1 140 ? -19.716 1.728   -0.610  1.00 49.79 ? 254 HIS A CB  1 
ATOM   969  C CG  . HIS A 1 140 ? -21.130 1.721   -0.133  1.00 61.60 ? 254 HIS A CG  1 
ATOM   970  N ND1 . HIS A 1 140 ? -21.621 0.771   0.734   1.00 65.30 ? 254 HIS A ND1 1 
ATOM   971  C CD2 . HIS A 1 140 ? -22.179 2.527   -0.444  1.00 66.58 ? 254 HIS A CD2 1 
ATOM   972  C CE1 . HIS A 1 140 ? -22.906 0.985   0.943   1.00 69.63 ? 254 HIS A CE1 1 
ATOM   973  N NE2 . HIS A 1 140 ? -23.269 2.049   0.239   1.00 70.11 ? 254 HIS A NE2 1 
ATOM   974  N N   . VAL A 1 141 ? -17.588 1.745   -3.267  1.00 31.86 ? 255 VAL A N   1 
ATOM   975  C CA  . VAL A 1 141 ? -16.169 1.820   -3.590  1.00 27.84 ? 255 VAL A CA  1 
ATOM   976  C C   . VAL A 1 141 ? -15.486 2.680   -2.529  1.00 30.77 ? 255 VAL A C   1 
ATOM   977  O O   . VAL A 1 141 ? -15.906 3.816   -2.279  1.00 32.66 ? 255 VAL A O   1 
ATOM   978  C CB  . VAL A 1 141 ? -15.916 2.450   -4.961  1.00 27.41 ? 255 VAL A CB  1 
ATOM   979  C CG1 . VAL A 1 141 ? -14.420 2.563   -5.227  1.00 23.26 ? 255 VAL A CG1 1 
ATOM   980  C CG2 . VAL A 1 141 ? -16.540 1.616   -6.028  1.00 28.66 ? 255 VAL A CG2 1 
ATOM   981  N N   . THR A 1 142 ? -14.507 2.107   -1.836  1.00 28.55 ? 256 THR A N   1 
ATOM   982  C CA  . THR A 1 142 ? -13.770 2.832   -0.804  1.00 28.77 ? 256 THR A CA  1 
ATOM   983  C C   . THR A 1 142 ? -12.569 3.497   -1.459  1.00 24.79 ? 256 THR A C   1 
ATOM   984  O O   . THR A 1 142 ? -11.914 2.901   -2.303  1.00 25.46 ? 256 THR A O   1 
ATOM   985  C CB  . THR A 1 142 ? -13.255 1.870   0.305   1.00 30.98 ? 256 THR A CB  1 
ATOM   986  O OG1 . THR A 1 142 ? -14.360 1.349   1.050   1.00 35.73 ? 256 THR A OG1 1 
ATOM   987  C CG2 . THR A 1 142 ? -12.289 2.580   1.252   1.00 33.16 ? 256 THR A CG2 1 
ATOM   988  N N   . GLU A 1 143 ? -12.305 4.739   -1.099  1.00 24.09 ? 257 GLU A N   1 
ATOM   989  C CA  . GLU A 1 143 ? -11.152 5.438   -1.640  1.00 26.09 ? 257 GLU A CA  1 
ATOM   990  C C   . GLU A 1 143 ? -10.623 6.363   -0.558  1.00 25.02 ? 257 GLU A C   1 
ATOM   991  O O   . GLU A 1 143 ? -11.396 7.104   0.047   1.00 24.78 ? 257 GLU A O   1 
ATOM   992  C CB  . GLU A 1 143 ? -11.548 6.255   -2.872  1.00 29.25 ? 257 GLU A CB  1 
ATOM   993  C CG  . GLU A 1 143 ? -10.369 6.894   -3.593  1.00 41.49 ? 257 GLU A CG  1 
ATOM   994  C CD  . GLU A 1 143 ? -10.442 8.413   -3.647  1.00 48.06 ? 257 GLU A CD  1 
ATOM   995  O OE1 . GLU A 1 143 ? -10.262 9.072   -2.588  1.00 52.14 ? 257 GLU A OE1 1 
ATOM   996  O OE2 . GLU A 1 143 ? -10.654 8.946   -4.764  1.00 51.58 ? 257 GLU A OE2 1 
ATOM   997  N N   . GLU A 1 144 ? -9.330  6.282   -0.256  1.00 21.05 ? 258 GLU A N   1 
ATOM   998  C CA  . GLU A 1 144 ? -8.760  7.168   0.746   1.00 19.23 ? 258 GLU A CA  1 
ATOM   999  C C   . GLU A 1 144 ? -7.264  7.329   0.629   1.00 16.95 ? 258 GLU A C   1 
ATOM   1000 O O   . GLU A 1 144 ? -6.600  6.618   -0.124  1.00 18.57 ? 258 GLU A O   1 
ATOM   1001 C CB  . GLU A 1 144 ? -9.118  6.731   2.175   1.00 22.67 ? 258 GLU A CB  1 
ATOM   1002 C CG  . GLU A 1 144 ? -8.762  5.318   2.551   1.00 26.45 ? 258 GLU A CG  1 
ATOM   1003 C CD  . GLU A 1 144 ? -8.661  5.091   4.071   1.00 31.76 ? 258 GLU A CD  1 
ATOM   1004 O OE1 . GLU A 1 144 ? -8.880  6.029   4.879   1.00 26.49 ? 258 GLU A OE1 1 
ATOM   1005 O OE2 . GLU A 1 144 ? -8.323  3.945   4.456   1.00 32.74 ? 258 GLU A OE2 1 
ATOM   1006 N N   . TRP A 1 145 ? -6.765  8.347   1.301   1.00 18.48 ? 259 TRP A N   1 
ATOM   1007 C CA  . TRP A 1 145 ? -5.335  8.622   1.359   1.00 21.18 ? 259 TRP A CA  1 
ATOM   1008 C C   . TRP A 1 145 ? -4.934  8.135   2.742   1.00 22.09 ? 259 TRP A C   1 
ATOM   1009 O O   . TRP A 1 145 ? -5.535  8.560   3.734   1.00 24.13 ? 259 TRP A O   1 
ATOM   1010 C CB  . TRP A 1 145 ? -5.061  10.124  1.322   1.00 18.86 ? 259 TRP A CB  1 
ATOM   1011 C CG  . TRP A 1 145 ? -4.989  10.748  -0.042  1.00 22.77 ? 259 TRP A CG  1 
ATOM   1012 C CD1 . TRP A 1 145 ? -5.947  11.528  -0.647  1.00 19.55 ? 259 TRP A CD1 1 
ATOM   1013 C CD2 . TRP A 1 145 ? -3.851  10.761  -0.918  1.00 22.85 ? 259 TRP A CD2 1 
ATOM   1014 N NE1 . TRP A 1 145 ? -5.458  12.033  -1.830  1.00 18.25 ? 259 TRP A NE1 1 
ATOM   1015 C CE2 . TRP A 1 145 ? -4.177  11.579  -2.022  1.00 21.43 ? 259 TRP A CE2 1 
ATOM   1016 C CE3 . TRP A 1 145 ? -2.577  10.166  -0.871  1.00 21.15 ? 259 TRP A CE3 1 
ATOM   1017 C CZ2 . TRP A 1 145 ? -3.280  11.818  -3.072  1.00 21.28 ? 259 TRP A CZ2 1 
ATOM   1018 C CZ3 . TRP A 1 145 ? -1.684  10.405  -1.922  1.00 20.47 ? 259 TRP A CZ3 1 
ATOM   1019 C CH2 . TRP A 1 145 ? -2.043  11.225  -3.001  1.00 20.66 ? 259 TRP A CH2 1 
ATOM   1020 N N   . ARG A 1 146 ? -3.926  7.268   2.819   1.00 20.19 ? 260 ARG A N   1 
ATOM   1021 C CA  . ARG A 1 146 ? -3.447  6.758   4.097   1.00 17.67 ? 260 ARG A CA  1 
ATOM   1022 C C   . ARG A 1 146 ? -1.987  7.157   4.305   1.00 18.85 ? 260 ARG A C   1 
ATOM   1023 O O   . ARG A 1 146 ? -1.164  7.024   3.390   1.00 15.77 ? 260 ARG A O   1 
ATOM   1024 C CB  . ARG A 1 146 ? -3.555  5.234   4.139   1.00 14.76 ? 260 ARG A CB  1 
ATOM   1025 C CG  . ARG A 1 146 ? -4.949  4.675   4.360   1.00 19.46 ? 260 ARG A CG  1 
ATOM   1026 C CD  . ARG A 1 146 ? -5.429  4.929   5.800   1.00 24.49 ? 260 ARG A CD  1 
ATOM   1027 N NE  . ARG A 1 146 ? -4.857  4.001   6.779   1.00 25.50 ? 260 ARG A NE  1 
ATOM   1028 C CZ  . ARG A 1 146 ? -5.288  2.756   6.995   1.00 27.65 ? 260 ARG A CZ  1 
ATOM   1029 N NH1 . ARG A 1 146 ? -6.306  2.253   6.311   1.00 28.44 ? 260 ARG A NH1 1 
ATOM   1030 N NH2 . ARG A 1 146 ? -4.691  2.002   7.899   1.00 25.01 ? 260 ARG A NH2 1 
ATOM   1031 N N   . ASP A 1 147 ? -1.680  7.670   5.498   1.00 18.31 ? 261 ASP A N   1 
ATOM   1032 C CA  . ASP A 1 147 ? -0.302  8.032   5.857   1.00 19.38 ? 261 ASP A CA  1 
ATOM   1033 C C   . ASP A 1 147 ? 0.444   6.724   6.073   1.00 18.36 ? 261 ASP A C   1 
ATOM   1034 O O   . ASP A 1 147 ? -0.059  5.818   6.747   1.00 19.37 ? 261 ASP A O   1 
ATOM   1035 C CB  . ASP A 1 147 ? -0.245  8.803   7.172   1.00 16.64 ? 261 ASP A CB  1 
ATOM   1036 C CG  . ASP A 1 147 ? -0.883  10.148  7.085   1.00 21.62 ? 261 ASP A CG  1 
ATOM   1037 O OD1 . ASP A 1 147 ? -2.123  10.237  7.145   1.00 25.98 ? 261 ASP A OD1 1 
ATOM   1038 O OD2 . ASP A 1 147 ? -0.145  11.136  6.980   1.00 25.68 ? 261 ASP A OD2 1 
ATOM   1039 N N   . LEU A 1 148 ? 1.619   6.603   5.475   1.00 16.33 ? 262 LEU A N   1 
ATOM   1040 C CA  . LEU A 1 148 ? 2.426   5.396   5.643   1.00 16.44 ? 262 LEU A CA  1 
ATOM   1041 C C   . LEU A 1 148 ? 2.956   5.363   7.084   1.00 15.53 ? 262 LEU A C   1 
ATOM   1042 O O   . LEU A 1 148 ? 3.258   6.401   7.675   1.00 16.05 ? 262 LEU A O   1 
ATOM   1043 C CB  . LEU A 1 148 ? 3.580   5.371   4.623   1.00 12.85 ? 262 LEU A CB  1 
ATOM   1044 C CG  . LEU A 1 148 ? 3.125   5.260   3.165   1.00 17.09 ? 262 LEU A CG  1 
ATOM   1045 C CD1 . LEU A 1 148 ? 4.334   5.384   2.297   1.00 19.54 ? 262 LEU A CD1 1 
ATOM   1046 C CD2 . LEU A 1 148 ? 2.413   3.925   2.881   1.00 15.85 ? 262 LEU A CD2 1 
ATOM   1047 N N   . GLN A 1 149 ? 2.959   4.170   7.664   1.00 21.02 ? 263 GLN A N   1 
ATOM   1048 C CA  . GLN A 1 149 ? 3.424   3.949   9.037   1.00 24.41 ? 263 GLN A CA  1 
ATOM   1049 C C   . GLN A 1 149 ? 4.831   3.341   8.981   1.00 24.57 ? 263 GLN A C   1 
ATOM   1050 O O   . GLN A 1 149 ? 5.167   2.609   8.037   1.00 19.57 ? 263 GLN A O   1 
ATOM   1051 C CB  . GLN A 1 149 ? 2.483   2.966   9.760   1.00 24.52 ? 263 GLN A CB  1 
ATOM   1052 C CG  . GLN A 1 149 ? 1.020   3.389   9.809   1.00 24.38 ? 263 GLN A CG  1 
ATOM   1053 C CD  . GLN A 1 149 ? 0.808   4.616   10.680  1.00 29.96 ? 263 GLN A CD  1 
ATOM   1054 O OE1 . GLN A 1 149 ? 1.281   4.673   11.829  1.00 30.81 ? 263 GLN A OE1 1 
ATOM   1055 N NE2 . GLN A 1 149 ? 0.121   5.616   10.140  1.00 26.20 ? 263 GLN A NE2 1 
ATOM   1056 N N   . SER A 1 150 ? 5.638   3.628   9.994   1.00 26.52 ? 264 SER A N   1 
ATOM   1057 C CA  . SER A 1 150 ? 6.983   3.086   10.043  1.00 32.06 ? 264 SER A CA  1 
ATOM   1058 C C   . SER A 1 150 ? 6.856   1.588   10.146  1.00 33.97 ? 264 SER A C   1 
ATOM   1059 O O   . SER A 1 150 ? 5.992   1.093   10.871  1.00 33.35 ? 264 SER A O   1 
ATOM   1060 C CB  . SER A 1 150 ? 7.729   3.611   11.254  1.00 37.20 ? 264 SER A CB  1 
ATOM   1061 O OG  . SER A 1 150 ? 9.077   3.189   11.198  1.00 46.31 ? 264 SER A OG  1 
ATOM   1062 N N   . ALA A 1 151 ? 7.694   0.877   9.398   1.00 38.58 ? 265 ALA A N   1 
ATOM   1063 C CA  . ALA A 1 151 ? 7.677   -0.581  9.374   1.00 43.85 ? 265 ALA A CA  1 
ATOM   1064 C C   . ALA A 1 151 ? 8.960   -1.178  9.930   1.00 48.41 ? 265 ALA A C   1 
ATOM   1065 O O   . ALA A 1 151 ? 9.154   -2.393  9.706   1.00 55.74 ? 265 ALA A O   1 
ATOM   1066 C CB  . ALA A 1 151 ? 7.451   -1.073  7.957   1.00 43.48 ? 265 ALA A CB  1 
HETATM 1067 S S   . SO4 B 2 .   ? 18.684  -0.137  -12.995 1.00 60.19 ? 271 SO4 A S   1 
HETATM 1068 O O1  . SO4 B 2 .   ? 19.527  1.024   -13.138 1.00 60.06 ? 271 SO4 A O1  1 
HETATM 1069 O O2  . SO4 B 2 .   ? 18.355  -0.759  -14.241 1.00 63.52 ? 271 SO4 A O2  1 
HETATM 1070 O O3  . SO4 B 2 .   ? 17.434  0.188   -12.393 1.00 64.04 ? 271 SO4 A O3  1 
HETATM 1071 O O4  . SO4 B 2 .   ? 19.404  -1.010  -12.172 1.00 61.57 ? 271 SO4 A O4  1 
HETATM 1072 O O   . HOH C 3 .   ? 8.074   11.190  15.838  1.00 18.59 ? 272 HOH A O   1 
HETATM 1073 O O   . HOH C 3 .   ? 3.526   8.913   6.810   1.00 15.92 ? 273 HOH A O   1 
HETATM 1074 O O   . HOH C 3 .   ? -18.654 -13.808 -2.784  1.00 20.72 ? 274 HOH A O   1 
HETATM 1075 O O   . HOH C 3 .   ? -21.984 -12.795 -4.447  1.00 28.26 ? 275 HOH A O   1 
HETATM 1076 O O   . HOH C 3 .   ? 5.133   7.119   9.741   1.00 25.03 ? 276 HOH A O   1 
HETATM 1077 O O   . HOH C 3 .   ? 16.427  0.657   -1.325  1.00 34.84 ? 277 HOH A O   1 
HETATM 1078 O O   . HOH C 3 .   ? 3.215   13.004  9.835   1.00 42.87 ? 278 HOH A O   1 
HETATM 1079 O O   . HOH C 3 .   ? 9.277   2.103   7.489   1.00 36.96 ? 279 HOH A O   1 
HETATM 1080 O O   . HOH C 3 .   ? -19.261 -15.810 0.199   1.00 29.65 ? 280 HOH A O   1 
HETATM 1081 O O   . HOH C 3 .   ? 13.187  -5.803  0.684   1.00 40.44 ? 281 HOH A O   1 
HETATM 1082 O O   . HOH C 3 .   ? -21.069 -6.391  6.702   1.00 72.02 ? 282 HOH A O   1 
HETATM 1083 O O   . HOH C 3 .   ? 8.787   14.329  -0.083  1.00 25.77 ? 283 HOH A O   1 
HETATM 1084 O O   . HOH C 3 .   ? 19.059  0.176   -8.676  1.00 34.09 ? 284 HOH A O   1 
HETATM 1085 O O   . HOH C 3 .   ? -7.528  9.927   -7.695  1.00 46.29 ? 285 HOH A O   1 
HETATM 1086 O O   . HOH C 3 .   ? -13.853 6.181   3.132   1.00 65.75 ? 286 HOH A O   1 
HETATM 1087 O O   . HOH C 3 .   ? -10.250 -8.584  9.104   1.00 23.74 ? 287 HOH A O   1 
HETATM 1088 O O   . HOH C 3 .   ? 17.994  -6.074  -4.808  1.00 45.11 ? 288 HOH A O   1 
HETATM 1089 O O   . HOH C 3 .   ? -17.677 -2.593  -2.374  1.00 37.38 ? 289 HOH A O   1 
HETATM 1090 O O   . HOH C 3 .   ? 2.449   2.017   -12.337 1.00 26.35 ? 290 HOH A O   1 
HETATM 1091 O O   . HOH C 3 .   ? -14.215 -6.990  -11.751 1.00 41.93 ? 291 HOH A O   1 
HETATM 1092 O O   . HOH C 3 .   ? 10.318  -6.902  -5.040  1.00 35.71 ? 292 HOH A O   1 
HETATM 1093 O O   . HOH C 3 .   ? 17.182  3.217   -4.924  1.00 33.71 ? 293 HOH A O   1 
HETATM 1094 O O   . HOH C 3 .   ? 2.622   11.335  7.723   1.00 26.56 ? 294 HOH A O   1 
HETATM 1095 O O   . HOH C 3 .   ? 6.397   6.552   12.581  1.00 47.60 ? 295 HOH A O   1 
HETATM 1096 O O   . HOH C 3 .   ? 0.331   15.431  -5.872  1.00 54.62 ? 296 HOH A O   1 
HETATM 1097 O O   . HOH C 3 .   ? 1.001   15.421  -8.491  1.00 25.16 ? 297 HOH A O   1 
HETATM 1098 O O   . HOH C 3 .   ? 2.600   -4.092  -12.218 1.00 34.56 ? 298 HOH A O   1 
HETATM 1099 O O   . HOH C 3 .   ? 3.790   12.954  -10.317 1.00 26.79 ? 299 HOH A O   1 
HETATM 1100 O O   . HOH C 3 .   ? 10.319  13.477  -6.915  1.00 35.65 ? 300 HOH A O   1 
HETATM 1101 O O   . HOH C 3 .   ? -5.251  13.078  8.968   1.00 43.39 ? 301 HOH A O   1 
HETATM 1102 O O   . HOH C 3 .   ? -1.870  0.228   9.521   1.00 24.67 ? 302 HOH A O   1 
HETATM 1103 O O   . HOH C 3 .   ? 3.856   12.245  4.925   1.00 32.98 ? 303 HOH A O   1 
HETATM 1104 O O   . HOH C 3 .   ? -8.585  10.288  2.415   1.00 30.36 ? 304 HOH A O   1 
HETATM 1105 O O   . HOH C 3 .   ? -2.930  -2.344  -13.618 1.00 40.54 ? 305 HOH A O   1 
HETATM 1106 O O   . HOH C 3 .   ? 11.875  13.317  -9.427  1.00 28.58 ? 306 HOH A O   1 
HETATM 1107 O O   . HOH C 3 .   ? 8.905   -2.307  -13.107 1.00 36.65 ? 307 HOH A O   1 
HETATM 1108 O O   . HOH C 3 .   ? 1.584   12.816  -8.788  1.00 49.43 ? 308 HOH A O   1 
HETATM 1109 O O   . HOH C 3 .   ? 11.335  4.857   5.990   1.00 41.30 ? 309 HOH A O   1 
HETATM 1110 O O   . HOH C 3 .   ? 0.602   12.680  -5.602  1.00 43.92 ? 310 HOH A O   1 
HETATM 1111 O O   . HOH C 3 .   ? 9.479   5.779   -13.934 1.00 45.13 ? 311 HOH A O   1 
HETATM 1112 O O   . HOH C 3 .   ? -20.030 -15.225 -10.328 1.00 44.22 ? 312 HOH A O   1 
HETATM 1113 O O   . HOH C 3 .   ? 8.274   8.578   23.084  1.00 38.21 ? 313 HOH A O   1 
HETATM 1114 O O   . HOH C 3 .   ? -20.759 -6.046  -7.183  1.00 30.06 ? 314 HOH A O   1 
HETATM 1115 O O   . HOH C 3 .   ? -15.183 -0.975  -0.495  1.00 28.88 ? 315 HOH A O   1 
HETATM 1116 O O   . HOH C 3 .   ? -4.595  -8.686  -10.602 1.00 36.49 ? 316 HOH A O   1 
HETATM 1117 O O   . HOH C 3 .   ? -5.546  -10.985 8.970   1.00 39.62 ? 317 HOH A O   1 
HETATM 1118 O O   . HOH C 3 .   ? 16.468  -6.034  -7.709  1.00 65.63 ? 318 HOH A O   1 
HETATM 1119 O O   . HOH C 3 .   ? -0.456  2.204   -15.141 1.00 32.88 ? 319 HOH A O   1 
HETATM 1120 O O   . HOH C 3 .   ? 7.429   15.704  -2.781  1.00 40.71 ? 320 HOH A O   1 
HETATM 1121 O O   . HOH C 3 .   ? -6.032  13.187  -5.543  1.00 63.73 ? 321 HOH A O   1 
HETATM 1122 O O   . HOH C 3 .   ? 10.784  -4.982  -7.579  1.00 44.34 ? 322 HOH A O   1 
HETATM 1123 O O   . HOH C 3 .   ? -19.756 -4.667  4.618   1.00 43.05 ? 323 HOH A O   1 
HETATM 1124 O O   . HOH C 3 .   ? -19.584 -0.747  -4.516  1.00 41.30 ? 324 HOH A O   1 
HETATM 1125 O O   . HOH C 3 .   ? 16.995  4.625   -10.583 1.00 61.67 ? 325 HOH A O   1 
HETATM 1126 O O   . HOH C 3 .   ? -4.190  -6.169  11.719  1.00 60.82 ? 326 HOH A O   1 
HETATM 1127 O O   . HOH C 3 .   ? 4.467   16.675  -2.471  1.00 50.44 ? 327 HOH A O   1 
HETATM 1128 O O   . HOH C 3 .   ? 7.838   -4.404  -9.799  1.00 47.75 ? 328 HOH A O   1 
HETATM 1129 O O   . HOH C 3 .   ? -19.595 -3.521  -4.510  1.00 45.78 ? 329 HOH A O   1 
HETATM 1130 O O   . HOH C 3 .   ? 8.682   11.812  3.541   1.00 53.58 ? 330 HOH A O   1 
HETATM 1131 O O   . HOH C 3 .   ? 2.739   -8.774  -9.570  1.00 54.42 ? 331 HOH A O   1 
HETATM 1132 O O   . HOH C 3 .   ? -8.084  -16.068 6.453   1.00 42.30 ? 332 HOH A O   1 
HETATM 1133 O O   . HOH C 3 .   ? 16.186  7.572   -6.896  1.00 46.21 ? 333 HOH A O   1 
HETATM 1134 O O   . HOH C 3 .   ? 11.333  -6.190  -1.286  1.00 33.95 ? 334 HOH A O   1 
HETATM 1135 O O   . HOH C 3 .   ? 4.134   5.088   12.064  1.00 44.41 ? 335 HOH A O   1 
HETATM 1136 O O   . HOH C 3 .   ? -25.857 -8.868  -6.992  1.00 53.61 ? 336 HOH A O   1 
HETATM 1137 O O   . HOH C 3 .   ? 7.630   8.004   16.180  1.00 44.68 ? 337 HOH A O   1 
HETATM 1138 O O   . HOH C 3 .   ? -18.553 -23.667 -3.038  1.00 74.01 ? 338 HOH A O   1 
HETATM 1139 O O   . HOH C 3 .   ? -13.130 -11.096 11.464  1.00 47.69 ? 339 HOH A O   1 
HETATM 1140 O O   . HOH C 3 .   ? -14.553 6.836   -0.624  1.00 49.14 ? 340 HOH A O   1 
HETATM 1141 O O   . HOH C 3 .   ? -15.390 -1.314  -9.686  1.00 35.15 ? 341 HOH A O   1 
HETATM 1142 O O   . HOH C 3 .   ? -2.072  -12.317 -1.683  1.00 55.14 ? 342 HOH A O   1 
HETATM 1143 O O   . HOH C 3 .   ? 1.698   16.806  -1.925  1.00 46.65 ? 343 HOH A O   1 
HETATM 1144 O O   . HOH C 3 .   ? -7.874  8.257   5.757   1.00 46.81 ? 344 HOH A O   1 
HETATM 1145 O O   . HOH C 3 .   ? -0.902  15.462  -3.251  1.00 51.26 ? 345 HOH A O   1 
HETATM 1146 O O   . HOH C 3 .   ? -3.534  10.893  4.442   1.00 60.62 ? 346 HOH A O   1 
HETATM 1147 O O   . HOH C 3 .   ? -18.903 -16.743 -3.695  1.00 56.69 ? 347 HOH A O   1 
HETATM 1148 O O   . HOH C 3 .   ? -14.221 -16.115 -5.537  1.00 53.02 ? 348 HOH A O   1 
HETATM 1149 O O   . HOH C 3 .   ? 4.167   15.073  4.667   1.00 79.93 ? 349 HOH A O   1 
HETATM 1150 O O   . HOH C 3 .   ? 9.854   16.055  -4.557  1.00 60.28 ? 350 HOH A O   1 
HETATM 1151 O O   . HOH C 3 .   ? -18.502 -19.007 -0.147  1.00 63.05 ? 351 HOH A O   1 
# 
